data_4IHF
#
_entry.id   4IHF
#
_cell.length_a   84.299
_cell.length_b   89.441
_cell.length_c   112.251
_cell.angle_alpha   104.06
_cell.angle_beta   92.40
_cell.angle_gamma   118.47
#
_symmetry.space_group_name_H-M   'P 1'
#
loop_
_entity.id
_entity.type
_entity.pdbx_description
1 polymer 'UDP-3-O-(3-hydroxymyristoyl)glucosamine N-acyltransferase'
2 polymer 'Acyl carrier protein'
3 non-polymer 'CHLORIDE ION'
4 non-polymer 'S-[2-({N-[(2S)-2-hydroxy-3,3-dimethyl-4-(phosphonooxy)butanoyl]-beta-alanyl}amino)ethyl] (3R)-3-hydroxytetradecanethioate'
5 water water
#
loop_
_entity_poly.entity_id
_entity_poly.type
_entity_poly.pdbx_seq_one_letter_code
_entity_poly.pdbx_strand_id
1 'polypeptide(L)'
;MGHHHHHHASIRLADLAQQLDAELHGDGDIVITGVASMQSAQTGHITFMVNPKYREHLGLCQASAVVMTQDDLPFAKSAA
LVVKNPYLTYARMAQILDTTPQPAQNIAPSAVIDATAKLGNNVSIGANAVIESGVELGDNVIIGAGCFVGKNSKIGAGSR
LWANVTIYHEIQIGQNCLIQSGTVVGADGFGYANDRGNWVKIPQIGRVIIGDRVEIGACTTIDRGALDDTIIGNGVIIDN
QCQIAANVVIGDNTAVAGGVIMAGSLKIGRYCMIGGASVINGHMEICDKVTVTGMGMVMRPITEPGVYSSGIPLQPNKVW
RKTAALVMNIDDMSKRLKSLERKVNQQD
;
A,B,C,D,E,F
2 'polypeptide(L)' SHMSTIEERVKKIIGEQLGVKQEEVTNNASFVEDLGADSLDTVELVMALEEEFDTEIPDEEAEKITTVQAAIDYINGHQA G,H,I,J,K,L
#
loop_
_chem_comp.id
_chem_comp.type
_chem_comp.name
_chem_comp.formula
1F7 non-polymer 'S-[2-({N-[(2S)-2-hydroxy-3,3-dimethyl-4-(phosphonooxy)butanoyl]-beta-alanyl}amino)ethyl] (3R)-3-hydroxytetradecanethioate' 'C25 H49 N2 O9 P S'
CL non-polymer 'CHLORIDE ION' 'Cl -1'
#
# COMPACT_ATOMS: atom_id res chain seq x y z
N SER A 10 -20.21 -6.34 -44.32
CA SER A 10 -21.63 -6.45 -44.01
C SER A 10 -21.91 -7.65 -43.12
N ILE A 11 -23.05 -7.62 -42.43
CA ILE A 11 -23.42 -8.73 -41.55
C ILE A 11 -24.94 -8.80 -41.36
N ARG A 12 -25.45 -10.03 -41.27
CA ARG A 12 -26.87 -10.25 -40.98
C ARG A 12 -27.17 -9.89 -39.53
N LEU A 13 -28.31 -9.25 -39.34
CA LEU A 13 -28.71 -8.75 -38.02
C LEU A 13 -28.81 -9.86 -36.98
N ALA A 14 -29.28 -11.04 -37.42
CA ALA A 14 -29.37 -12.19 -36.53
C ALA A 14 -27.97 -12.65 -36.09
N ASP A 15 -27.04 -12.68 -37.04
CA ASP A 15 -25.67 -13.07 -36.73
C ASP A 15 -25.04 -12.03 -35.80
N LEU A 16 -25.35 -10.76 -36.02
CA LEU A 16 -24.82 -9.69 -35.17
C LEU A 16 -25.41 -9.77 -33.77
N ALA A 17 -26.73 -9.96 -33.68
CA ALA A 17 -27.39 -10.11 -32.39
C ALA A 17 -26.77 -11.23 -31.55
N GLN A 18 -26.49 -12.37 -32.18
CA GLN A 18 -25.85 -13.48 -31.50
C GLN A 18 -24.45 -13.12 -30.96
N GLN A 19 -23.67 -12.38 -31.74
CA GLN A 19 -22.34 -12.01 -31.29
C GLN A 19 -22.42 -10.99 -30.18
N LEU A 20 -23.52 -10.25 -30.11
CA LEU A 20 -23.68 -9.22 -29.10
C LEU A 20 -24.42 -9.74 -27.87
N ASP A 21 -24.83 -11.01 -27.92
CA ASP A 21 -25.69 -11.57 -26.88
C ASP A 21 -26.92 -10.68 -26.67
N ALA A 22 -27.60 -10.34 -27.75
CA ALA A 22 -28.76 -9.47 -27.70
C ALA A 22 -30.00 -10.25 -28.05
N GLU A 23 -31.15 -9.79 -27.58
CA GLU A 23 -32.45 -10.31 -28.02
C GLU A 23 -32.96 -9.57 -29.25
N LEU A 24 -33.06 -10.27 -30.38
CA LEU A 24 -33.54 -9.64 -31.61
C LEU A 24 -35.08 -9.60 -31.72
N HIS A 25 -35.61 -8.41 -31.98
CA HIS A 25 -37.03 -8.27 -32.31
C HIS A 25 -37.15 -7.68 -33.70
N GLY A 26 -37.61 -8.49 -34.65
CA GLY A 26 -37.65 -8.07 -36.04
C GLY A 26 -36.90 -9.01 -36.96
N ASP A 27 -36.64 -8.53 -38.18
CA ASP A 27 -36.10 -9.36 -39.26
C ASP A 27 -34.60 -9.63 -39.15
N GLY A 28 -34.25 -10.90 -38.94
CA GLY A 28 -32.87 -11.31 -38.72
C GLY A 28 -32.03 -11.32 -39.99
N ASP A 29 -32.71 -11.24 -41.13
CA ASP A 29 -32.07 -11.29 -42.43
C ASP A 29 -31.67 -9.89 -42.91
N ILE A 30 -31.95 -8.88 -42.11
CA ILE A 30 -31.54 -7.51 -42.42
C ILE A 30 -30.01 -7.42 -42.50
N VAL A 31 -29.51 -6.76 -43.55
CA VAL A 31 -28.06 -6.61 -43.71
C VAL A 31 -27.55 -5.30 -43.12
N ILE A 32 -26.69 -5.43 -42.11
CA ILE A 32 -26.07 -4.29 -41.43
C ILE A 32 -24.69 -4.03 -42.02
N THR A 33 -24.48 -2.81 -42.52
CA THR A 33 -23.24 -2.42 -43.20
C THR A 33 -22.36 -1.52 -42.32
N GLY A 34 -22.93 -0.97 -41.24
CA GLY A 34 -22.18 -0.09 -40.38
C GLY A 34 -22.96 0.51 -39.21
N VAL A 35 -22.24 1.20 -38.34
CA VAL A 35 -22.84 1.88 -37.19
C VAL A 35 -23.01 3.35 -37.57
N ALA A 36 -24.12 3.95 -37.19
CA ALA A 36 -24.30 5.39 -37.41
C ALA A 36 -24.94 6.02 -36.20
N SER A 37 -24.91 7.35 -36.13
CA SER A 37 -25.61 8.03 -35.05
C SER A 37 -27.11 8.00 -35.35
N MET A 38 -27.92 8.24 -34.32
CA MET A 38 -29.39 8.28 -34.48
C MET A 38 -29.82 9.33 -35.52
N GLN A 39 -29.07 10.43 -35.62
CA GLN A 39 -29.41 11.52 -36.54
C GLN A 39 -29.10 11.15 -37.99
N SER A 40 -28.02 10.41 -38.18
CA SER A 40 -27.51 10.15 -39.52
C SER A 40 -27.82 8.76 -40.02
N ALA A 41 -28.33 7.89 -39.15
CA ALA A 41 -28.51 6.50 -39.57
C ALA A 41 -29.53 6.36 -40.72
N GLN A 42 -29.24 5.45 -41.65
CA GLN A 42 -30.11 5.17 -42.78
C GLN A 42 -30.19 3.66 -42.93
N THR A 43 -30.91 3.20 -43.95
CA THR A 43 -31.07 1.76 -44.17
C THR A 43 -29.70 1.10 -44.22
N GLY A 44 -29.55 0.00 -43.48
CA GLY A 44 -28.26 -0.67 -43.41
C GLY A 44 -27.46 -0.32 -42.17
N HIS A 45 -27.82 0.78 -41.51
CA HIS A 45 -27.11 1.20 -40.30
C HIS A 45 -27.73 0.68 -39.02
N ILE A 46 -26.89 0.35 -38.04
CA ILE A 46 -27.40 0.05 -36.70
C ILE A 46 -26.97 1.19 -35.79
N THR A 47 -27.85 1.59 -34.89
CA THR A 47 -27.51 2.62 -33.91
C THR A 47 -27.92 2.15 -32.52
N PHE A 48 -27.90 3.06 -31.55
CA PHE A 48 -28.22 2.71 -30.18
C PHE A 48 -28.87 3.86 -29.46
N MET A 49 -29.54 3.54 -28.35
CA MET A 49 -30.16 4.55 -27.51
C MET A 49 -29.92 4.22 -26.04
N VAL A 50 -29.40 5.21 -25.30
CA VAL A 50 -29.18 5.06 -23.87
C VAL A 50 -30.13 5.96 -23.10
N ASN A 51 -30.40 7.14 -23.64
CA ASN A 51 -31.24 8.12 -22.96
C ASN A 51 -32.72 7.96 -23.31
N PRO A 52 -33.55 7.61 -22.31
CA PRO A 52 -34.97 7.36 -22.54
C PRO A 52 -35.73 8.54 -23.15
N LYS A 53 -35.21 9.75 -23.00
CA LYS A 53 -35.85 10.91 -23.61
C LYS A 53 -35.88 10.87 -25.14
N TYR A 54 -35.21 9.87 -25.71
CA TYR A 54 -35.20 9.68 -27.15
C TYR A 54 -36.26 8.70 -27.65
N ARG A 55 -36.93 8.04 -26.70
CA ARG A 55 -38.00 7.09 -27.06
C ARG A 55 -39.01 7.64 -28.06
N GLU A 56 -39.57 8.81 -27.74
CA GLU A 56 -40.65 9.35 -28.56
C GLU A 56 -40.19 9.83 -29.93
N HIS A 57 -38.88 9.80 -30.17
CA HIS A 57 -38.33 10.28 -31.43
C HIS A 57 -37.66 9.18 -32.25
N LEU A 58 -37.84 7.92 -31.82
CA LEU A 58 -37.31 6.79 -32.58
C LEU A 58 -37.94 6.72 -33.96
N GLY A 59 -39.14 7.28 -34.09
CA GLY A 59 -39.84 7.32 -35.37
C GLY A 59 -39.10 8.14 -36.42
N LEU A 60 -38.31 9.10 -35.96
CA LEU A 60 -37.57 9.97 -36.87
C LEU A 60 -36.31 9.29 -37.36
N CYS A 61 -35.84 8.31 -36.60
CA CYS A 61 -34.59 7.63 -36.92
C CYS A 61 -34.75 6.69 -38.11
N GLN A 62 -33.84 6.77 -39.07
CA GLN A 62 -33.99 5.91 -40.26
C GLN A 62 -33.12 4.64 -40.19
N ALA A 63 -32.59 4.31 -39.02
CA ALA A 63 -31.74 3.13 -38.87
C ALA A 63 -32.46 1.83 -39.23
N SER A 64 -31.73 0.82 -39.69
CA SER A 64 -32.36 -0.49 -39.90
C SER A 64 -32.56 -1.25 -38.58
N ALA A 65 -31.79 -0.89 -37.56
CA ALA A 65 -31.96 -1.48 -36.22
C ALA A 65 -31.44 -0.56 -35.13
N VAL A 66 -31.96 -0.73 -33.92
CA VAL A 66 -31.51 0.05 -32.77
C VAL A 66 -31.28 -0.85 -31.56
N VAL A 67 -30.13 -0.68 -30.91
CA VAL A 67 -29.84 -1.32 -29.63
C VAL A 67 -30.50 -0.52 -28.52
N MET A 68 -31.24 -1.20 -27.64
CA MET A 68 -31.98 -0.53 -26.58
C MET A 68 -32.29 -1.53 -25.45
N THR A 69 -32.99 -1.09 -24.41
CA THR A 69 -33.37 -1.98 -23.32
C THR A 69 -34.77 -2.54 -23.48
N GLN A 70 -35.10 -3.54 -22.67
CA GLN A 70 -36.41 -4.16 -22.69
C GLN A 70 -37.51 -3.12 -22.53
N ASP A 71 -37.26 -2.11 -21.69
CA ASP A 71 -38.28 -1.10 -21.39
C ASP A 71 -38.48 -0.07 -22.51
N ASP A 72 -37.48 0.07 -23.37
CA ASP A 72 -37.61 0.96 -24.53
C ASP A 72 -38.43 0.31 -25.65
N LEU A 73 -38.49 -1.03 -25.61
CA LEU A 73 -39.07 -1.82 -26.69
C LEU A 73 -40.43 -1.36 -27.25
N PRO A 74 -41.39 -0.99 -26.37
CA PRO A 74 -42.68 -0.55 -26.91
C PRO A 74 -42.55 0.66 -27.83
N PHE A 75 -41.44 1.39 -27.72
CA PHE A 75 -41.25 2.62 -28.48
C PHE A 75 -40.48 2.40 -29.77
N ALA A 76 -39.87 1.22 -29.89
CA ALA A 76 -39.10 0.86 -31.09
C ALA A 76 -39.87 1.11 -32.38
N LYS A 77 -39.19 1.72 -33.36
CA LYS A 77 -39.80 2.02 -34.64
C LYS A 77 -38.99 1.35 -35.75
N SER A 78 -38.39 0.23 -35.39
CA SER A 78 -37.48 -0.47 -36.28
C SER A 78 -37.21 -1.81 -35.65
N ALA A 79 -36.42 -2.65 -36.31
CA ALA A 79 -35.92 -3.85 -35.67
C ALA A 79 -35.12 -3.43 -34.45
N ALA A 80 -35.20 -4.19 -33.37
CA ALA A 80 -34.55 -3.80 -32.12
C ALA A 80 -33.69 -4.92 -31.57
N LEU A 81 -32.55 -4.54 -31.00
CA LEU A 81 -31.70 -5.48 -30.28
C LEU A 81 -31.77 -5.10 -28.81
N VAL A 82 -32.32 -5.99 -27.99
CA VAL A 82 -32.51 -5.74 -26.56
C VAL A 82 -31.36 -6.31 -25.74
N VAL A 83 -30.76 -5.44 -24.93
CA VAL A 83 -29.66 -5.80 -24.04
C VAL A 83 -29.82 -5.02 -22.74
N LYS A 84 -29.04 -5.38 -21.73
CA LYS A 84 -29.03 -4.64 -20.47
C LYS A 84 -28.19 -3.37 -20.53
N ASN A 85 -27.13 -3.38 -21.34
CA ASN A 85 -26.22 -2.24 -21.46
C ASN A 85 -26.02 -1.79 -22.91
N PRO A 86 -26.86 -0.86 -23.38
CA PRO A 86 -26.77 -0.41 -24.76
C PRO A 86 -25.43 0.22 -25.07
N TYR A 87 -24.91 1.04 -24.16
CA TYR A 87 -23.62 1.71 -24.41
C TYR A 87 -22.49 0.73 -24.61
N LEU A 88 -22.42 -0.29 -23.74
CA LEU A 88 -21.38 -1.32 -23.84
C LEU A 88 -21.57 -2.13 -25.11
N THR A 89 -22.82 -2.41 -25.44
CA THR A 89 -23.13 -3.12 -26.66
C THR A 89 -22.72 -2.29 -27.90
N TYR A 90 -22.85 -0.97 -27.80
CA TYR A 90 -22.41 -0.10 -28.89
C TYR A 90 -20.92 -0.25 -29.10
N ALA A 91 -20.16 -0.27 -28.01
CA ALA A 91 -18.72 -0.38 -28.10
C ALA A 91 -18.32 -1.67 -28.84
N ARG A 92 -18.94 -2.79 -28.47
CA ARG A 92 -18.64 -4.07 -29.10
C ARG A 92 -19.07 -4.13 -30.57
N MET A 93 -20.23 -3.58 -30.90
CA MET A 93 -20.67 -3.66 -32.31
C MET A 93 -19.80 -2.73 -33.16
N ALA A 94 -19.45 -1.58 -32.61
CA ALA A 94 -18.56 -0.66 -33.31
C ALA A 94 -17.22 -1.36 -33.59
N GLN A 95 -16.75 -2.16 -32.64
CA GLN A 95 -15.52 -2.95 -32.85
C GLN A 95 -15.71 -4.00 -33.95
N ILE A 96 -16.86 -4.67 -33.93
CA ILE A 96 -17.17 -5.66 -34.96
C ILE A 96 -17.19 -5.03 -36.36
N LEU A 97 -17.75 -3.83 -36.46
CA LEU A 97 -17.93 -3.14 -37.74
C LEU A 97 -16.92 -2.00 -37.90
N ASP A 98 -15.78 -2.13 -37.24
CA ASP A 98 -14.74 -1.09 -37.28
C ASP A 98 -14.16 -0.91 -38.67
N THR A 99 -14.05 0.35 -39.11
CA THR A 99 -13.45 0.65 -40.43
C THR A 99 -12.06 1.27 -40.30
N THR A 100 -11.55 1.37 -39.08
CA THR A 100 -10.23 1.97 -38.87
C THR A 100 -9.12 1.11 -39.45
N PRO A 101 -8.24 1.73 -40.27
CA PRO A 101 -7.12 0.99 -40.87
C PRO A 101 -5.99 0.78 -39.86
N GLN A 102 -4.93 0.06 -40.24
CA GLN A 102 -3.77 -0.14 -39.36
C GLN A 102 -2.72 0.92 -39.65
N PRO A 103 -1.87 1.26 -38.65
CA PRO A 103 -0.84 2.27 -38.88
C PRO A 103 0.16 1.84 -39.96
N ALA A 104 0.32 0.52 -40.16
CA ALA A 104 1.21 0.03 -41.21
C ALA A 104 0.93 -1.42 -41.52
N GLN A 105 1.53 -1.88 -42.62
CA GLN A 105 1.43 -3.28 -43.04
C GLN A 105 2.76 -3.70 -43.64
N ASN A 106 3.29 -4.83 -43.16
CA ASN A 106 4.64 -5.29 -43.51
C ASN A 106 5.75 -4.33 -43.07
N ILE A 107 6.99 -4.66 -43.43
CA ILE A 107 8.12 -3.82 -43.04
C ILE A 107 8.45 -2.91 -44.22
N ALA A 108 8.37 -1.60 -44.02
CA ALA A 108 8.68 -0.66 -45.10
C ALA A 108 10.17 -0.59 -45.41
N PRO A 109 10.50 -0.63 -46.70
CA PRO A 109 11.90 -0.50 -47.17
C PRO A 109 12.55 0.78 -46.65
N SER A 110 11.77 1.83 -46.42
CA SER A 110 12.35 3.11 -46.00
C SER A 110 12.53 3.23 -44.48
N ALA A 111 12.00 2.25 -43.75
CA ALA A 111 12.24 2.19 -42.30
C ALA A 111 13.73 1.94 -42.04
N VAL A 112 14.28 2.64 -41.06
CA VAL A 112 15.66 2.40 -40.65
C VAL A 112 15.68 1.56 -39.38
N ILE A 113 16.10 0.30 -39.51
CA ILE A 113 16.02 -0.66 -38.41
C ILE A 113 17.40 -1.18 -38.06
N ASP A 114 17.85 -0.89 -36.85
CA ASP A 114 19.17 -1.32 -36.41
C ASP A 114 19.25 -2.85 -36.41
N ALA A 115 20.40 -3.39 -36.81
CA ALA A 115 20.54 -4.84 -36.98
C ALA A 115 20.41 -5.64 -35.69
N THR A 116 20.60 -4.99 -34.54
CA THR A 116 20.45 -5.67 -33.25
C THR A 116 19.01 -5.64 -32.72
N ALA A 117 18.10 -5.05 -33.49
CA ALA A 117 16.70 -5.03 -33.11
C ALA A 117 16.10 -6.43 -33.26
N LYS A 118 15.26 -6.82 -32.29
CA LYS A 118 14.59 -8.14 -32.32
C LYS A 118 13.11 -7.95 -32.66
N LEU A 119 12.66 -8.55 -33.75
CA LEU A 119 11.28 -8.43 -34.20
C LEU A 119 10.58 -9.78 -34.12
N GLY A 120 9.41 -9.80 -33.49
CA GLY A 120 8.60 -11.00 -33.42
C GLY A 120 7.86 -11.27 -34.72
N ASN A 121 6.95 -12.24 -34.68
CA ASN A 121 6.18 -12.60 -35.88
C ASN A 121 5.11 -11.58 -36.24
N ASN A 122 4.90 -11.39 -37.54
CA ASN A 122 3.85 -10.52 -38.07
C ASN A 122 3.96 -9.09 -37.53
N VAL A 123 5.19 -8.58 -37.43
CA VAL A 123 5.42 -7.19 -37.07
C VAL A 123 5.33 -6.30 -38.33
N SER A 124 4.66 -5.16 -38.22
CA SER A 124 4.61 -4.18 -39.31
C SER A 124 5.28 -2.90 -38.88
N ILE A 125 6.06 -2.31 -39.79
CA ILE A 125 6.74 -1.06 -39.49
C ILE A 125 6.57 -0.12 -40.67
N GLY A 126 6.04 1.07 -40.41
CA GLY A 126 5.67 1.99 -41.48
C GLY A 126 6.85 2.71 -42.09
N ALA A 127 6.58 3.40 -43.19
CA ALA A 127 7.59 4.16 -43.92
C ALA A 127 8.35 5.13 -43.01
N ASN A 128 9.68 5.12 -43.11
CA ASN A 128 10.54 6.10 -42.45
C ASN A 128 10.58 6.06 -40.91
N ALA A 129 10.06 4.99 -40.32
CA ALA A 129 10.24 4.78 -38.89
C ALA A 129 11.72 4.50 -38.63
N VAL A 130 12.15 4.77 -37.40
CA VAL A 130 13.54 4.58 -37.02
C VAL A 130 13.55 3.75 -35.76
N ILE A 131 14.11 2.54 -35.86
CA ILE A 131 14.18 1.63 -34.72
C ILE A 131 15.63 1.50 -34.25
N GLU A 132 15.89 1.87 -32.99
CA GLU A 132 17.25 1.88 -32.47
C GLU A 132 17.77 0.50 -32.09
N SER A 133 19.04 0.47 -31.70
CA SER A 133 19.69 -0.75 -31.23
C SER A 133 19.02 -1.32 -29.99
N GLY A 134 18.95 -2.65 -29.91
CA GLY A 134 18.53 -3.33 -28.70
C GLY A 134 17.02 -3.36 -28.53
N VAL A 135 16.29 -2.75 -29.46
CA VAL A 135 14.82 -2.70 -29.34
C VAL A 135 14.19 -4.08 -29.51
N GLU A 136 13.15 -4.36 -28.72
CA GLU A 136 12.42 -5.62 -28.90
C GLU A 136 10.95 -5.33 -29.17
N LEU A 137 10.43 -5.88 -30.27
CA LEU A 137 9.04 -5.67 -30.65
C LEU A 137 8.33 -7.01 -30.66
N GLY A 138 7.30 -7.16 -29.80
CA GLY A 138 6.60 -8.43 -29.70
C GLY A 138 5.82 -8.82 -30.95
N ASP A 139 5.21 -9.99 -30.93
CA ASP A 139 4.37 -10.46 -32.03
C ASP A 139 3.24 -9.47 -32.29
N ASN A 140 2.91 -9.29 -33.58
CA ASN A 140 1.80 -8.44 -34.03
C ASN A 140 1.92 -6.96 -33.67
N VAL A 141 3.09 -6.52 -33.25
CA VAL A 141 3.27 -5.10 -32.98
C VAL A 141 3.26 -4.32 -34.29
N ILE A 142 2.63 -3.14 -34.27
CA ILE A 142 2.61 -2.27 -35.44
C ILE A 142 3.18 -0.90 -35.10
N ILE A 143 4.23 -0.51 -35.82
CA ILE A 143 4.86 0.77 -35.61
C ILE A 143 4.52 1.66 -36.80
N GLY A 144 3.83 2.76 -36.53
CA GLY A 144 3.42 3.67 -37.58
C GLY A 144 4.57 4.39 -38.28
N ALA A 145 4.25 5.07 -39.36
CA ALA A 145 5.23 5.83 -40.12
C ALA A 145 5.85 6.95 -39.30
N GLY A 146 7.16 7.12 -39.45
CA GLY A 146 7.85 8.25 -38.82
C GLY A 146 8.07 8.11 -37.32
N CYS A 147 7.68 6.99 -36.73
CA CYS A 147 7.94 6.80 -35.30
C CYS A 147 9.44 6.71 -35.04
N PHE A 148 9.84 7.04 -33.81
CA PHE A 148 11.19 6.76 -33.32
C PHE A 148 11.06 5.89 -32.08
N VAL A 149 11.75 4.76 -32.05
CA VAL A 149 11.80 3.92 -30.86
C VAL A 149 13.24 3.82 -30.42
N GLY A 150 13.52 4.30 -29.21
CA GLY A 150 14.90 4.46 -28.74
C GLY A 150 15.58 3.20 -28.23
N LYS A 151 16.87 3.31 -27.96
CA LYS A 151 17.70 2.16 -27.59
C LYS A 151 17.14 1.28 -26.45
N ASN A 152 17.10 -0.02 -26.68
CA ASN A 152 16.72 -1.02 -25.68
C ASN A 152 15.27 -0.97 -25.20
N SER A 153 14.44 -0.20 -25.87
CA SER A 153 13.02 -0.17 -25.50
C SER A 153 12.29 -1.46 -25.90
N LYS A 154 11.24 -1.79 -25.15
CA LYS A 154 10.52 -3.03 -25.40
C LYS A 154 9.03 -2.73 -25.55
N ILE A 155 8.43 -3.30 -26.58
CA ILE A 155 7.02 -3.08 -26.87
C ILE A 155 6.37 -4.45 -27.03
N GLY A 156 5.43 -4.74 -26.13
CA GLY A 156 4.83 -6.05 -26.03
C GLY A 156 3.85 -6.40 -27.13
N ALA A 157 3.57 -7.69 -27.24
CA ALA A 157 2.72 -8.24 -28.30
C ALA A 157 1.42 -7.48 -28.47
N GLY A 158 1.08 -7.17 -29.72
CA GLY A 158 -0.22 -6.59 -30.04
C GLY A 158 -0.28 -5.08 -29.92
N SER A 159 0.76 -4.46 -29.35
CA SER A 159 0.74 -3.01 -29.14
C SER A 159 0.97 -2.26 -30.46
N ARG A 160 0.40 -1.06 -30.60
CA ARG A 160 0.44 -0.33 -31.87
C ARG A 160 0.67 1.16 -31.64
N LEU A 161 1.48 1.74 -32.51
CA LEU A 161 1.81 3.16 -32.45
C LEU A 161 1.31 3.73 -33.75
N TRP A 162 0.60 4.85 -33.69
CA TRP A 162 0.24 5.54 -34.91
C TRP A 162 1.44 6.35 -35.35
N ALA A 163 1.29 7.10 -36.45
CA ALA A 163 2.42 7.81 -37.05
C ALA A 163 3.06 8.81 -36.11
N ASN A 164 4.37 9.04 -36.28
CA ASN A 164 5.08 10.10 -35.57
C ASN A 164 4.96 10.08 -34.03
N VAL A 165 4.99 8.88 -33.44
CA VAL A 165 5.13 8.75 -31.99
C VAL A 165 6.61 8.62 -31.65
N THR A 166 7.03 9.24 -30.55
CA THR A 166 8.41 9.14 -30.08
C THR A 166 8.50 8.39 -28.75
N ILE A 167 9.19 7.25 -28.78
CA ILE A 167 9.50 6.48 -27.57
C ILE A 167 10.98 6.59 -27.33
N TYR A 168 11.39 7.06 -26.15
CA TYR A 168 12.82 7.18 -25.85
C TYR A 168 13.43 5.82 -25.54
N HIS A 169 14.63 5.84 -24.96
CA HIS A 169 15.41 4.64 -24.64
C HIS A 169 14.94 3.97 -23.34
N GLU A 170 15.09 2.65 -23.24
CA GLU A 170 14.83 1.90 -22.00
C GLU A 170 13.37 2.00 -21.52
N ILE A 171 12.43 2.16 -22.46
CA ILE A 171 11.01 2.30 -22.10
C ILE A 171 10.39 0.92 -22.24
N GLN A 172 9.45 0.58 -21.36
CA GLN A 172 8.78 -0.70 -21.45
C GLN A 172 7.27 -0.50 -21.64
N ILE A 173 6.73 -1.14 -22.66
CA ILE A 173 5.32 -1.03 -23.01
C ILE A 173 4.73 -2.44 -23.10
N GLY A 174 3.64 -2.69 -22.36
CA GLY A 174 3.03 -4.02 -22.31
C GLY A 174 2.28 -4.42 -23.57
N GLN A 175 1.32 -5.33 -23.44
CA GLN A 175 0.62 -5.87 -24.60
C GLN A 175 -0.65 -5.11 -24.94
N ASN A 176 -0.98 -5.07 -26.23
CA ASN A 176 -2.25 -4.51 -26.70
C ASN A 176 -2.49 -3.06 -26.28
N CYS A 177 -1.39 -2.30 -26.20
CA CYS A 177 -1.51 -0.87 -25.95
C CYS A 177 -1.75 -0.14 -27.27
N LEU A 178 -2.11 1.14 -27.18
CA LEU A 178 -2.30 1.95 -28.37
C LEU A 178 -1.92 3.38 -28.05
N ILE A 179 -1.06 3.95 -28.89
CA ILE A 179 -0.58 5.30 -28.69
C ILE A 179 -0.83 6.13 -29.95
N GLN A 180 -1.44 7.30 -29.77
CA GLN A 180 -1.79 8.16 -30.89
C GLN A 180 -0.62 9.05 -31.26
N SER A 181 -0.72 9.68 -32.44
CA SER A 181 0.37 10.47 -33.02
C SER A 181 0.85 11.66 -32.19
N GLY A 182 2.15 11.94 -32.25
CA GLY A 182 2.72 13.12 -31.60
C GLY A 182 3.02 12.92 -30.13
N THR A 183 2.68 11.75 -29.61
CA THR A 183 2.92 11.49 -28.20
C THR A 183 4.40 11.19 -27.98
N VAL A 184 4.93 11.64 -26.84
CA VAL A 184 6.32 11.42 -26.52
C VAL A 184 6.41 10.70 -25.19
N VAL A 185 6.96 9.49 -25.21
CA VAL A 185 7.13 8.72 -23.99
C VAL A 185 8.60 8.58 -23.59
N GLY A 186 8.97 9.07 -22.41
CA GLY A 186 10.30 8.80 -21.85
C GLY A 186 11.30 9.94 -21.97
N ALA A 187 10.81 11.15 -22.21
CA ALA A 187 11.68 12.32 -22.24
C ALA A 187 12.20 12.61 -20.83
N ASP A 188 13.23 13.41 -20.74
CA ASP A 188 13.80 13.76 -19.45
C ASP A 188 12.74 14.40 -18.56
N GLY A 189 12.65 13.95 -17.30
CA GLY A 189 11.89 14.69 -16.30
C GLY A 189 12.51 16.07 -16.10
N PHE A 190 11.76 16.99 -15.53
CA PHE A 190 12.24 18.36 -15.36
C PHE A 190 13.14 18.43 -14.13
N GLY A 191 14.33 17.83 -14.22
CA GLY A 191 15.21 17.69 -13.06
C GLY A 191 16.46 18.57 -13.10
N TYR A 192 16.56 19.51 -12.15
CA TYR A 192 17.67 20.48 -12.13
C TYR A 192 17.97 20.85 -10.70
N ALA A 193 19.26 21.04 -10.40
CA ALA A 193 19.68 21.57 -9.11
C ALA A 193 20.13 23.01 -9.34
N ASN A 194 19.94 23.86 -8.35
CA ASN A 194 20.33 25.25 -8.50
C ASN A 194 21.71 25.48 -7.89
N ASP A 195 22.61 26.07 -8.67
CA ASP A 195 23.93 26.39 -8.14
C ASP A 195 24.18 27.89 -8.28
N ARG A 196 23.90 28.63 -7.20
CA ARG A 196 24.13 30.07 -7.16
C ARG A 196 23.42 30.76 -8.33
N GLY A 197 22.20 30.31 -8.63
CA GLY A 197 21.43 30.95 -9.69
C GLY A 197 21.42 30.21 -11.02
N ASN A 198 22.42 29.36 -11.24
CA ASN A 198 22.46 28.55 -12.45
C ASN A 198 21.81 27.18 -12.26
N TRP A 199 21.03 26.76 -13.25
CA TRP A 199 20.41 25.44 -13.17
C TRP A 199 21.41 24.43 -13.67
N VAL A 200 21.60 23.38 -12.89
CA VAL A 200 22.49 22.29 -13.26
C VAL A 200 21.65 21.06 -13.52
N LYS A 201 21.79 20.50 -14.72
CA LYS A 201 21.00 19.37 -15.15
C LYS A 201 21.20 18.12 -14.31
N ILE A 202 20.10 17.51 -13.89
CA ILE A 202 20.14 16.18 -13.28
C ILE A 202 19.69 15.14 -14.30
N PRO A 203 20.64 14.32 -14.77
CA PRO A 203 20.30 13.25 -15.73
C PRO A 203 19.16 12.42 -15.18
N GLN A 204 18.21 12.10 -16.03
CA GLN A 204 17.05 11.32 -15.60
C GLN A 204 17.24 9.91 -16.09
N ILE A 205 17.65 9.01 -15.20
CA ILE A 205 18.08 7.70 -15.62
C ILE A 205 17.13 6.60 -15.16
N GLY A 206 16.03 7.00 -14.54
CA GLY A 206 14.89 6.12 -14.40
C GLY A 206 14.24 5.90 -15.76
N ARG A 207 13.11 5.19 -15.78
CA ARG A 207 12.47 4.78 -17.02
C ARG A 207 10.99 5.13 -17.00
N VAL A 208 10.26 4.61 -17.99
CA VAL A 208 8.79 4.62 -17.98
C VAL A 208 8.35 3.18 -18.16
N ILE A 209 7.47 2.70 -17.27
CA ILE A 209 6.94 1.35 -17.37
C ILE A 209 5.43 1.45 -17.63
N ILE A 210 4.99 1.03 -18.80
CA ILE A 210 3.57 1.10 -19.15
C ILE A 210 3.01 -0.31 -19.21
N GLY A 211 1.91 -0.56 -18.49
CA GLY A 211 1.31 -1.88 -18.40
C GLY A 211 0.62 -2.38 -19.66
N ASP A 212 -0.28 -3.35 -19.50
CA ASP A 212 -1.02 -3.90 -20.64
C ASP A 212 -2.30 -3.12 -20.87
N ARG A 213 -2.75 -3.09 -22.12
CA ARG A 213 -4.05 -2.52 -22.49
C ARG A 213 -4.14 -1.03 -22.16
N VAL A 214 -3.01 -0.33 -22.22
CA VAL A 214 -3.02 1.11 -21.97
C VAL A 214 -3.26 1.85 -23.29
N GLU A 215 -4.08 2.88 -23.26
CA GLU A 215 -4.30 3.67 -24.46
C GLU A 215 -3.96 5.13 -24.16
N ILE A 216 -3.06 5.68 -24.96
CA ILE A 216 -2.61 7.06 -24.77
C ILE A 216 -2.96 7.87 -26.01
N GLY A 217 -3.48 9.09 -25.78
CA GLY A 217 -3.92 9.97 -26.84
C GLY A 217 -2.76 10.69 -27.50
N ALA A 218 -3.07 11.78 -28.21
CA ALA A 218 -2.13 12.48 -29.06
C ALA A 218 -1.44 13.68 -28.39
N CYS A 219 -0.18 13.93 -28.74
CA CYS A 219 0.57 15.04 -28.14
C CYS A 219 0.56 15.00 -26.60
N THR A 220 0.64 13.80 -26.05
CA THR A 220 0.79 13.64 -24.62
C THR A 220 2.25 13.35 -24.35
N THR A 221 2.76 13.85 -23.23
CA THR A 221 4.17 13.62 -22.85
C THR A 221 4.24 12.89 -21.52
N ILE A 222 4.92 11.75 -21.50
CA ILE A 222 5.10 11.00 -20.27
C ILE A 222 6.59 10.93 -19.99
N ASP A 223 7.05 11.60 -18.92
CA ASP A 223 8.47 11.72 -18.65
C ASP A 223 9.04 10.49 -17.95
N ARG A 224 10.31 10.23 -18.16
CA ARG A 224 10.97 9.12 -17.47
C ARG A 224 11.33 9.57 -16.08
N GLY A 225 11.51 8.60 -15.18
CA GLY A 225 11.84 8.89 -13.80
C GLY A 225 13.27 9.35 -13.62
N ALA A 226 13.53 10.03 -12.50
CA ALA A 226 14.88 10.52 -12.23
C ALA A 226 15.77 9.35 -11.90
N LEU A 227 15.31 8.46 -11.02
CA LEU A 227 16.13 7.33 -10.62
C LEU A 227 15.28 6.07 -10.65
N ASP A 228 14.18 6.09 -9.90
CA ASP A 228 13.14 5.08 -10.07
C ASP A 228 12.22 5.43 -11.24
N ASP A 229 11.15 4.67 -11.42
CA ASP A 229 10.40 4.75 -12.67
C ASP A 229 9.08 5.50 -12.62
N THR A 230 8.72 6.06 -13.76
CA THR A 230 7.36 6.52 -13.99
C THR A 230 6.60 5.24 -14.35
N ILE A 231 5.43 5.03 -13.75
CA ILE A 231 4.68 3.78 -13.96
C ILE A 231 3.23 4.05 -14.31
N ILE A 232 2.77 3.49 -15.44
CA ILE A 232 1.39 3.57 -15.85
C ILE A 232 0.76 2.16 -15.71
N GLY A 233 -0.20 1.99 -14.80
CA GLY A 233 -0.78 0.67 -14.54
C GLY A 233 -1.61 0.10 -15.69
N ASN A 234 -2.02 -1.17 -15.58
CA ASN A 234 -2.78 -1.79 -16.65
C ASN A 234 -4.14 -1.14 -16.87
N GLY A 235 -4.59 -1.12 -18.13
CA GLY A 235 -5.94 -0.65 -18.46
C GLY A 235 -6.18 0.85 -18.33
N VAL A 236 -5.11 1.60 -18.12
CA VAL A 236 -5.22 3.05 -17.97
C VAL A 236 -5.51 3.71 -19.32
N ILE A 237 -6.35 4.75 -19.32
CA ILE A 237 -6.61 5.51 -20.53
C ILE A 237 -6.23 6.98 -20.29
N ILE A 238 -5.42 7.51 -21.21
CA ILE A 238 -4.95 8.89 -21.14
C ILE A 238 -5.28 9.61 -22.46
N ASP A 239 -5.84 10.82 -22.33
CA ASP A 239 -6.34 11.56 -23.48
C ASP A 239 -5.22 12.42 -24.07
N ASN A 240 -5.59 13.43 -24.85
CA ASN A 240 -4.60 14.29 -25.53
C ASN A 240 -3.99 15.35 -24.61
N GLN A 241 -2.79 15.80 -24.95
CA GLN A 241 -2.21 17.01 -24.35
C GLN A 241 -1.97 16.93 -22.85
N CYS A 242 -1.84 15.73 -22.29
CA CYS A 242 -1.51 15.61 -20.86
C CYS A 242 -0.01 15.66 -20.61
N GLN A 243 0.35 16.18 -19.43
CA GLN A 243 1.72 16.09 -18.95
C GLN A 243 1.74 15.15 -17.75
N ILE A 244 2.42 14.02 -17.91
CA ILE A 244 2.57 13.07 -16.82
C ILE A 244 4.04 13.10 -16.45
N ALA A 245 4.35 13.80 -15.37
CA ALA A 245 5.74 14.10 -15.02
C ALA A 245 6.49 12.90 -14.47
N ALA A 246 7.79 13.11 -14.27
CA ALA A 246 8.70 12.09 -13.77
C ALA A 246 8.22 11.44 -12.46
N ASN A 247 8.27 10.10 -12.41
CA ASN A 247 7.98 9.33 -11.19
C ASN A 247 6.52 9.43 -10.75
N VAL A 248 5.64 9.82 -11.66
CA VAL A 248 4.21 9.65 -11.42
C VAL A 248 3.89 8.16 -11.49
N VAL A 249 3.03 7.69 -10.58
CA VAL A 249 2.57 6.32 -10.60
C VAL A 249 1.05 6.38 -10.76
N ILE A 250 0.51 5.69 -11.78
CA ILE A 250 -0.94 5.70 -12.01
C ILE A 250 -1.49 4.28 -11.87
N GLY A 251 -2.43 4.07 -10.96
CA GLY A 251 -2.95 2.73 -10.70
C GLY A 251 -3.84 2.21 -11.82
N ASP A 252 -4.04 0.90 -11.86
CA ASP A 252 -4.81 0.25 -12.91
C ASP A 252 -6.21 0.84 -13.14
N ASN A 253 -6.60 0.92 -14.41
CA ASN A 253 -7.95 1.31 -14.85
C ASN A 253 -8.31 2.77 -14.61
N THR A 254 -7.32 3.56 -14.24
CA THR A 254 -7.54 4.98 -14.06
C THR A 254 -7.68 5.69 -15.43
N ALA A 255 -8.58 6.67 -15.49
CA ALA A 255 -8.81 7.44 -16.71
C ALA A 255 -8.39 8.88 -16.48
N VAL A 256 -7.63 9.41 -17.42
CA VAL A 256 -7.13 10.79 -17.35
C VAL A 256 -7.56 11.54 -18.61
N ALA A 257 -8.45 12.51 -18.46
CA ALA A 257 -9.00 13.21 -19.63
C ALA A 257 -8.02 14.29 -20.14
N GLY A 258 -8.40 14.97 -21.21
CA GLY A 258 -7.47 15.85 -21.91
C GLY A 258 -6.88 17.00 -21.12
N GLY A 259 -5.59 17.26 -21.35
CA GLY A 259 -4.94 18.50 -20.91
C GLY A 259 -4.63 18.56 -19.43
N VAL A 260 -4.52 17.39 -18.80
CA VAL A 260 -4.23 17.30 -17.36
C VAL A 260 -2.75 17.48 -17.13
N ILE A 261 -2.38 18.27 -16.13
CA ILE A 261 -0.97 18.48 -15.83
C ILE A 261 -0.64 17.87 -14.46
N MET A 262 0.26 16.89 -14.44
CA MET A 262 0.65 16.24 -13.18
C MET A 262 2.10 16.54 -12.84
N ALA A 263 2.34 16.95 -11.60
CA ALA A 263 3.70 17.22 -11.14
C ALA A 263 4.40 15.92 -10.72
N GLY A 264 5.71 15.99 -10.54
CA GLY A 264 6.51 14.80 -10.29
C GLY A 264 6.18 14.10 -8.98
N SER A 265 6.33 12.77 -8.98
CA SER A 265 6.25 11.96 -7.77
C SER A 265 4.84 11.88 -7.20
N LEU A 266 3.86 12.16 -8.05
CA LEU A 266 2.45 12.00 -7.70
C LEU A 266 2.07 10.52 -7.81
N LYS A 267 1.38 10.00 -6.80
CA LYS A 267 0.83 8.64 -6.93
C LYS A 267 -0.71 8.71 -7.01
N ILE A 268 -1.29 8.11 -8.05
CA ILE A 268 -2.75 8.07 -8.21
C ILE A 268 -3.21 6.63 -8.12
N GLY A 269 -4.26 6.39 -7.34
CA GLY A 269 -4.76 5.05 -7.13
C GLY A 269 -5.39 4.40 -8.36
N ARG A 270 -6.11 3.31 -8.10
CA ARG A 270 -6.83 2.56 -9.12
C ARG A 270 -8.23 3.11 -9.27
N TYR A 271 -8.80 2.96 -10.45
CA TYR A 271 -10.21 3.28 -10.67
C TYR A 271 -10.53 4.76 -10.45
N CYS A 272 -9.53 5.61 -10.62
CA CYS A 272 -9.78 7.04 -10.52
C CYS A 272 -10.20 7.60 -11.86
N MET A 273 -10.79 8.79 -11.83
CA MET A 273 -11.16 9.51 -13.04
C MET A 273 -10.75 10.96 -12.88
N ILE A 274 -9.73 11.37 -13.64
CA ILE A 274 -9.20 12.72 -13.54
C ILE A 274 -9.76 13.59 -14.67
N GLY A 275 -10.58 14.56 -14.30
CA GLY A 275 -11.24 15.43 -15.26
C GLY A 275 -10.26 16.28 -16.05
N GLY A 276 -10.65 16.64 -17.27
CA GLY A 276 -9.77 17.38 -18.16
C GLY A 276 -9.34 18.73 -17.61
N ALA A 277 -8.10 19.10 -17.93
CA ALA A 277 -7.55 20.39 -17.57
C ALA A 277 -7.26 20.53 -16.09
N SER A 278 -7.35 19.42 -15.35
CA SER A 278 -6.94 19.42 -13.95
C SER A 278 -5.45 19.66 -13.83
N VAL A 279 -5.06 20.20 -12.69
CA VAL A 279 -3.66 20.44 -12.37
C VAL A 279 -3.40 19.76 -11.05
N ILE A 280 -2.40 18.89 -11.00
CA ILE A 280 -2.22 18.10 -9.79
C ILE A 280 -0.84 18.25 -9.17
N ASN A 281 -0.82 18.61 -7.90
CA ASN A 281 0.43 18.85 -7.19
C ASN A 281 1.19 17.53 -6.97
N GLY A 282 2.50 17.61 -6.72
CA GLY A 282 3.32 16.41 -6.65
C GLY A 282 3.71 15.94 -5.25
N HIS A 283 4.47 14.85 -5.19
CA HIS A 283 4.98 14.32 -3.92
C HIS A 283 3.86 14.10 -2.93
N MET A 284 2.81 13.46 -3.40
CA MET A 284 1.63 13.20 -2.57
C MET A 284 0.85 12.11 -3.24
N GLU A 285 -0.28 11.75 -2.63
CA GLU A 285 -1.04 10.61 -3.10
C GLU A 285 -2.53 10.91 -3.24
N ILE A 286 -3.14 10.29 -4.25
CA ILE A 286 -4.60 10.27 -4.41
C ILE A 286 -5.01 8.83 -4.31
N CYS A 287 -5.93 8.51 -3.39
CA CYS A 287 -6.28 7.12 -3.14
C CYS A 287 -7.18 6.56 -4.25
N ASP A 288 -7.62 5.31 -4.10
CA ASP A 288 -8.41 4.66 -5.14
C ASP A 288 -9.80 5.27 -5.26
N LYS A 289 -10.41 5.12 -6.44
CA LYS A 289 -11.81 5.49 -6.63
C LYS A 289 -12.07 6.97 -6.36
N VAL A 290 -11.15 7.81 -6.81
CA VAL A 290 -11.34 9.24 -6.70
C VAL A 290 -11.67 9.85 -8.05
N THR A 291 -12.74 10.64 -8.07
CA THR A 291 -13.07 11.44 -9.24
C THR A 291 -12.77 12.91 -8.98
N VAL A 292 -11.94 13.48 -9.87
CA VAL A 292 -11.68 14.91 -9.87
C VAL A 292 -12.40 15.51 -11.06
N THR A 293 -13.25 16.52 -10.83
CA THR A 293 -13.97 17.16 -11.93
C THR A 293 -13.06 18.14 -12.72
N GLY A 294 -13.50 18.53 -13.90
CA GLY A 294 -12.69 19.35 -14.80
C GLY A 294 -12.07 20.60 -14.18
N MET A 295 -10.87 20.94 -14.65
CA MET A 295 -10.16 22.14 -14.20
C MET A 295 -9.92 22.10 -12.70
N GLY A 296 -9.92 20.89 -12.13
CA GLY A 296 -9.64 20.73 -10.72
C GLY A 296 -8.25 21.21 -10.35
N MET A 297 -8.17 21.98 -9.26
CA MET A 297 -6.88 22.42 -8.74
C MET A 297 -6.55 21.53 -7.55
N VAL A 298 -5.79 20.46 -7.80
CA VAL A 298 -5.51 19.49 -6.76
C VAL A 298 -4.22 19.82 -6.01
N MET A 299 -4.35 20.58 -4.93
CA MET A 299 -3.17 21.04 -4.20
C MET A 299 -2.75 20.06 -3.09
N ARG A 300 -3.72 19.35 -2.53
CA ARG A 300 -3.51 18.47 -1.37
C ARG A 300 -3.81 17.01 -1.70
N PRO A 301 -3.29 16.07 -0.88
CA PRO A 301 -3.60 14.66 -1.15
C PRO A 301 -5.08 14.34 -0.90
N ILE A 302 -5.58 13.32 -1.58
CA ILE A 302 -6.95 12.87 -1.39
C ILE A 302 -6.91 11.49 -0.77
N THR A 303 -7.47 11.39 0.43
CA THR A 303 -7.35 10.21 1.29
C THR A 303 -8.64 9.41 1.37
N GLU A 304 -9.73 9.97 0.84
CA GLU A 304 -11.03 9.31 0.85
C GLU A 304 -11.65 9.29 -0.54
N PRO A 305 -12.23 8.15 -0.95
CA PRO A 305 -12.77 8.07 -2.31
C PRO A 305 -13.96 8.99 -2.45
N GLY A 306 -14.32 9.31 -3.69
CA GLY A 306 -15.43 10.21 -3.92
C GLY A 306 -15.12 11.25 -4.98
N VAL A 307 -16.05 12.17 -5.15
CA VAL A 307 -15.97 13.18 -6.20
C VAL A 307 -15.49 14.50 -5.59
N TYR A 308 -14.51 15.12 -6.26
CA TYR A 308 -13.91 16.37 -5.79
C TYR A 308 -13.86 17.40 -6.92
N SER A 309 -13.91 18.67 -6.54
CA SER A 309 -14.18 19.74 -7.49
C SER A 309 -13.63 21.08 -7.03
N SER A 310 -13.33 21.95 -8.00
CA SER A 310 -12.94 23.32 -7.70
C SER A 310 -13.27 24.22 -8.88
N GLY A 311 -13.17 25.53 -8.69
CA GLY A 311 -13.39 26.48 -9.76
C GLY A 311 -14.67 27.29 -9.64
N ILE A 312 -14.60 28.54 -10.09
CA ILE A 312 -15.77 29.40 -10.16
C ILE A 312 -16.09 29.64 -11.62
N PRO A 313 -17.26 29.15 -12.07
CA PRO A 313 -17.67 29.13 -13.49
C PRO A 313 -17.92 30.50 -14.11
N LEU A 314 -18.10 30.53 -15.44
CA LEU A 314 -18.28 31.77 -16.19
C LEU A 314 -19.41 32.65 -15.68
N GLN A 315 -19.23 33.96 -15.84
CA GLN A 315 -20.31 34.93 -15.63
C GLN A 315 -20.17 36.03 -16.68
N PRO A 316 -21.25 36.80 -16.92
CA PRO A 316 -21.11 37.96 -17.82
C PRO A 316 -19.95 38.82 -17.35
N ASN A 317 -19.18 39.38 -18.26
CA ASN A 317 -17.90 40.02 -17.91
C ASN A 317 -18.07 41.09 -16.86
N LYS A 318 -19.14 41.89 -16.99
CA LYS A 318 -19.42 42.97 -16.06
C LYS A 318 -19.75 42.42 -14.67
N VAL A 319 -20.49 41.31 -14.64
CA VAL A 319 -20.75 40.60 -13.40
C VAL A 319 -19.45 40.04 -12.81
N TRP A 320 -18.62 39.41 -13.65
CA TRP A 320 -17.39 38.79 -13.18
C TRP A 320 -16.40 39.79 -12.55
N ARG A 321 -16.29 40.98 -13.15
CA ARG A 321 -15.43 42.04 -12.63
C ARG A 321 -15.74 42.29 -11.17
N LYS A 322 -17.03 42.36 -10.85
CA LYS A 322 -17.45 42.59 -9.47
C LYS A 322 -17.07 41.38 -8.60
N THR A 323 -17.48 40.20 -9.03
CA THR A 323 -17.19 38.95 -8.32
C THR A 323 -15.71 38.84 -7.97
N ALA A 324 -14.86 39.05 -8.96
CA ALA A 324 -13.42 38.94 -8.77
C ALA A 324 -12.92 39.90 -7.69
N ALA A 325 -13.36 41.15 -7.79
CA ALA A 325 -12.87 42.21 -6.92
C ALA A 325 -13.27 41.99 -5.46
N LEU A 326 -14.52 41.57 -5.26
CA LEU A 326 -15.05 41.26 -3.93
C LEU A 326 -14.33 40.06 -3.33
N VAL A 327 -14.16 39.01 -4.12
CA VAL A 327 -13.41 37.83 -3.67
C VAL A 327 -12.00 38.20 -3.27
N MET A 328 -11.34 39.02 -4.09
CA MET A 328 -9.98 39.44 -3.79
C MET A 328 -9.96 40.30 -2.52
N ASN A 329 -11.08 40.94 -2.24
CA ASN A 329 -11.20 41.78 -1.04
C ASN A 329 -12.06 41.07 0.00
N ILE A 330 -11.97 39.74 0.04
CA ILE A 330 -12.80 38.94 0.93
C ILE A 330 -12.39 39.03 2.39
N ASP A 331 -11.10 39.29 2.65
CA ASP A 331 -10.60 39.39 4.01
C ASP A 331 -11.27 40.56 4.73
N ASP A 332 -11.37 41.68 4.03
CA ASP A 332 -12.06 42.84 4.57
C ASP A 332 -13.53 42.51 4.85
N MET A 333 -14.12 41.69 4.00
CA MET A 333 -15.52 41.29 4.16
C MET A 333 -15.72 40.47 5.43
N SER A 334 -14.78 39.59 5.73
CA SER A 334 -14.92 38.71 6.90
C SER A 334 -14.74 39.52 8.18
N LYS A 335 -13.74 40.39 8.18
CA LYS A 335 -13.44 41.25 9.32
C LYS A 335 -14.65 42.09 9.72
N ARG A 336 -15.23 42.78 8.73
CA ARG A 336 -16.42 43.59 8.95
C ARG A 336 -17.58 42.72 9.42
N LEU A 337 -17.56 41.45 9.02
CA LEU A 337 -18.56 40.48 9.45
C LEU A 337 -18.34 40.07 10.90
N LYS A 338 -17.07 40.02 11.31
CA LYS A 338 -16.73 39.69 12.70
C LYS A 338 -17.14 40.83 13.64
N SER A 339 -16.65 42.03 13.34
CA SER A 339 -16.94 43.22 14.15
C SER A 339 -18.43 43.39 14.36
N LEU A 340 -19.19 43.29 13.27
CA LEU A 340 -20.65 43.33 13.33
C LEU A 340 -21.19 42.33 14.34
N GLU A 341 -20.95 41.05 14.11
CA GLU A 341 -21.32 39.96 15.02
C GLU A 341 -21.12 40.31 16.50
N ARG A 342 -20.06 41.06 16.78
CA ARG A 342 -19.78 41.53 18.13
C ARG A 342 -20.72 42.68 18.53
N LYS A 343 -20.86 43.66 17.65
CA LYS A 343 -21.71 44.81 17.95
C LYS A 343 -23.16 44.39 18.18
N VAL A 344 -23.60 43.37 17.44
CA VAL A 344 -24.95 42.83 17.60
C VAL A 344 -25.12 42.24 18.99
N ASN A 345 -24.03 41.73 19.55
CA ASN A 345 -24.06 41.05 20.84
C ASN A 345 -22.67 40.88 21.45
N ALA B 9 11.33 41.00 -52.71
CA ALA B 9 12.53 41.68 -53.21
C ALA B 9 12.56 43.13 -52.75
N SER B 10 12.17 44.04 -53.64
CA SER B 10 12.02 45.46 -53.29
C SER B 10 10.86 46.06 -54.09
N ILE B 11 10.40 47.22 -53.67
CA ILE B 11 9.25 47.85 -54.32
C ILE B 11 9.24 49.37 -54.09
N ARG B 12 8.84 50.12 -55.11
CA ARG B 12 8.74 51.57 -55.00
C ARG B 12 7.60 51.91 -54.07
N LEU B 13 7.75 52.98 -53.29
CA LEU B 13 6.75 53.33 -52.28
C LEU B 13 5.42 53.68 -52.94
N ALA B 14 5.50 54.36 -54.10
CA ALA B 14 4.29 54.70 -54.87
C ALA B 14 3.54 53.45 -55.36
N ASP B 15 4.26 52.44 -55.82
CA ASP B 15 3.61 51.21 -56.29
C ASP B 15 3.03 50.45 -55.10
N LEU B 16 3.71 50.54 -53.96
CA LEU B 16 3.21 49.95 -52.72
C LEU B 16 1.95 50.68 -52.24
N ALA B 17 1.99 52.02 -52.28
CA ALA B 17 0.86 52.83 -51.84
C ALA B 17 -0.38 52.47 -52.64
N GLN B 18 -0.17 52.26 -53.93
CA GLN B 18 -1.25 51.90 -54.84
C GLN B 18 -1.79 50.51 -54.51
N GLN B 19 -0.91 49.55 -54.22
CA GLN B 19 -1.37 48.20 -53.91
C GLN B 19 -2.13 48.18 -52.59
N LEU B 20 -1.91 49.21 -51.78
CA LEU B 20 -2.54 49.30 -50.46
C LEU B 20 -3.72 50.26 -50.38
N ASP B 21 -4.02 50.94 -51.48
CA ASP B 21 -5.03 51.99 -51.50
C ASP B 21 -4.79 53.04 -50.41
N ALA B 22 -3.58 53.56 -50.37
CA ALA B 22 -3.20 54.55 -49.36
C ALA B 22 -2.90 55.88 -50.02
N GLU B 23 -3.06 56.97 -49.27
CA GLU B 23 -2.61 58.27 -49.74
C GLU B 23 -1.13 58.43 -49.43
N LEU B 24 -0.31 58.54 -50.46
CA LEU B 24 1.12 58.76 -50.27
C LEU B 24 1.42 60.23 -50.03
N HIS B 25 2.17 60.50 -48.97
CA HIS B 25 2.64 61.84 -48.66
C HIS B 25 4.16 61.81 -48.53
N GLY B 26 4.83 62.06 -49.65
CA GLY B 26 6.29 62.01 -49.70
C GLY B 26 6.81 61.37 -50.98
N ASP B 27 8.11 61.12 -51.00
CA ASP B 27 8.81 60.66 -52.20
C ASP B 27 8.39 59.25 -52.58
N GLY B 28 7.74 59.11 -53.74
CA GLY B 28 7.29 57.82 -54.21
C GLY B 28 8.38 56.97 -54.84
N ASP B 29 9.54 57.58 -55.05
CA ASP B 29 10.70 56.90 -55.64
C ASP B 29 11.43 56.01 -54.63
N ILE B 30 11.21 56.31 -53.35
CA ILE B 30 11.73 55.51 -52.24
C ILE B 30 11.59 53.99 -52.45
N VAL B 31 12.67 53.25 -52.25
CA VAL B 31 12.65 51.80 -52.44
C VAL B 31 12.44 51.05 -51.11
N ILE B 32 11.33 50.33 -51.01
CA ILE B 32 11.02 49.57 -49.80
C ILE B 32 11.48 48.13 -49.91
N THR B 33 12.25 47.67 -48.91
CA THR B 33 12.82 46.33 -48.92
C THR B 33 12.08 45.41 -47.97
N GLY B 34 11.54 45.96 -46.90
CA GLY B 34 10.78 45.14 -45.97
C GLY B 34 9.99 45.92 -44.96
N VAL B 35 9.32 45.18 -44.08
CA VAL B 35 8.50 45.74 -43.01
C VAL B 35 9.26 45.56 -41.70
N ALA B 36 9.17 46.53 -40.80
CA ALA B 36 9.82 46.41 -39.49
C ALA B 36 9.01 47.10 -38.41
N SER B 37 9.35 46.84 -37.14
CA SER B 37 8.73 47.52 -36.01
C SER B 37 9.28 48.95 -35.95
N MET B 38 8.59 49.86 -35.26
CA MET B 38 9.05 51.26 -35.16
C MET B 38 10.46 51.36 -34.57
N GLN B 39 10.74 50.55 -33.57
CA GLN B 39 12.01 50.69 -32.88
C GLN B 39 13.14 50.05 -33.67
N SER B 40 12.80 49.12 -34.56
CA SER B 40 13.84 48.42 -35.31
C SER B 40 14.00 48.92 -36.75
N ALA B 41 13.03 49.68 -37.24
CA ALA B 41 13.02 50.09 -38.64
C ALA B 41 14.22 50.98 -39.03
N GLN B 42 14.79 50.67 -40.19
CA GLN B 42 15.93 51.39 -40.73
C GLN B 42 15.60 51.82 -42.16
N THR B 43 16.58 52.36 -42.87
CA THR B 43 16.34 52.80 -44.25
C THR B 43 15.91 51.64 -45.12
N GLY B 44 14.86 51.85 -45.91
CA GLY B 44 14.29 50.80 -46.73
C GLY B 44 13.16 50.05 -46.05
N HIS B 45 12.92 50.34 -44.76
CA HIS B 45 11.82 49.69 -44.05
C HIS B 45 10.59 50.56 -43.99
N ILE B 46 9.44 49.94 -44.18
CA ILE B 46 8.15 50.57 -43.89
C ILE B 46 7.66 50.03 -42.55
N THR B 47 7.08 50.91 -41.72
CA THR B 47 6.50 50.49 -40.46
C THR B 47 5.11 51.08 -40.36
N PHE B 48 4.47 50.94 -39.21
CA PHE B 48 3.12 51.45 -39.02
C PHE B 48 2.93 51.87 -37.58
N MET B 49 1.95 52.73 -37.34
CA MET B 49 1.63 53.18 -36.00
C MET B 49 0.13 53.03 -35.76
N VAL B 50 -0.21 52.42 -34.63
CA VAL B 50 -1.59 52.25 -34.23
C VAL B 50 -1.83 53.00 -32.92
N ASN B 51 -0.80 53.06 -32.08
CA ASN B 51 -0.87 53.80 -30.83
C ASN B 51 -0.40 55.24 -30.99
N PRO B 52 -1.31 56.20 -30.75
CA PRO B 52 -1.04 57.63 -30.88
C PRO B 52 0.05 58.16 -29.95
N LYS B 53 0.52 57.33 -29.02
CA LYS B 53 1.58 57.74 -28.11
C LYS B 53 2.92 57.86 -28.84
N TYR B 54 3.00 57.26 -30.02
CA TYR B 54 4.26 57.20 -30.76
C TYR B 54 4.48 58.38 -31.72
N ARG B 55 3.43 59.19 -31.90
CA ARG B 55 3.51 60.37 -32.77
C ARG B 55 4.68 61.29 -32.40
N GLU B 56 4.82 61.55 -31.12
CA GLU B 56 5.85 62.45 -30.60
C GLU B 56 7.23 61.81 -30.71
N HIS B 57 7.26 60.53 -31.06
CA HIS B 57 8.51 59.78 -31.15
C HIS B 57 8.81 59.34 -32.59
N LEU B 58 7.98 59.77 -33.52
CA LEU B 58 8.17 59.48 -34.94
C LEU B 58 9.54 59.95 -35.42
N GLY B 59 10.07 60.98 -34.77
CA GLY B 59 11.35 61.56 -35.14
C GLY B 59 12.51 60.61 -34.90
N LEU B 60 12.33 59.70 -33.95
CA LEU B 60 13.36 58.72 -33.61
C LEU B 60 13.29 57.48 -34.48
N CYS B 61 12.14 57.25 -35.10
CA CYS B 61 12.00 56.09 -35.98
C CYS B 61 12.86 56.31 -37.23
N GLN B 62 13.66 55.31 -37.58
CA GLN B 62 14.54 55.45 -38.73
C GLN B 62 14.00 54.72 -39.99
N ALA B 63 12.68 54.48 -40.01
CA ALA B 63 12.02 53.90 -41.19
C ALA B 63 12.03 54.84 -42.37
N SER B 64 11.90 54.28 -43.57
CA SER B 64 11.79 55.10 -44.77
C SER B 64 10.36 55.62 -44.93
N ALA B 65 9.41 54.89 -44.36
CA ALA B 65 7.99 55.25 -44.48
C ALA B 65 7.18 54.71 -43.30
N VAL B 66 6.08 55.39 -42.98
CA VAL B 66 5.20 54.98 -41.88
C VAL B 66 3.73 54.98 -42.29
N VAL B 67 3.05 53.84 -42.12
CA VAL B 67 1.61 53.74 -42.37
C VAL B 67 0.86 54.29 -41.17
N MET B 68 -0.02 55.25 -41.40
CA MET B 68 -0.67 55.93 -40.29
C MET B 68 -2.03 56.47 -40.73
N THR B 69 -2.71 57.17 -39.84
CA THR B 69 -4.02 57.74 -40.16
C THR B 69 -3.92 59.24 -40.45
N GLN B 70 -5.04 59.82 -40.85
CA GLN B 70 -5.10 61.24 -41.22
C GLN B 70 -4.66 62.13 -40.06
N ASP B 71 -5.07 61.75 -38.85
CA ASP B 71 -4.77 62.51 -37.65
C ASP B 71 -3.29 62.46 -37.26
N ASP B 72 -2.63 61.36 -37.63
CA ASP B 72 -1.21 61.18 -37.33
C ASP B 72 -0.35 62.06 -38.24
N LEU B 73 -0.85 62.28 -39.46
CA LEU B 73 -0.11 62.98 -40.52
C LEU B 73 0.69 64.22 -40.10
N PRO B 74 0.11 65.08 -39.23
CA PRO B 74 0.88 66.27 -38.81
C PRO B 74 2.16 65.93 -38.02
N PHE B 75 2.29 64.68 -37.59
CA PHE B 75 3.44 64.25 -36.80
C PHE B 75 4.49 63.52 -37.63
N ALA B 76 4.19 63.30 -38.91
CA ALA B 76 5.08 62.58 -39.82
C ALA B 76 6.50 63.16 -39.87
N LYS B 77 7.49 62.27 -39.88
CA LYS B 77 8.89 62.67 -39.96
C LYS B 77 9.55 61.95 -41.12
N SER B 78 8.72 61.37 -41.97
CA SER B 78 9.18 60.62 -43.12
C SER B 78 8.00 60.58 -44.07
N ALA B 79 8.22 60.03 -45.26
CA ALA B 79 7.12 59.70 -46.15
C ALA B 79 6.07 58.94 -45.35
N ALA B 80 4.80 59.28 -45.56
CA ALA B 80 3.72 58.71 -44.76
C ALA B 80 2.62 58.13 -45.63
N LEU B 81 2.09 56.98 -45.21
CA LEU B 81 0.97 56.36 -45.92
C LEU B 81 -0.30 56.49 -45.09
N VAL B 82 -1.25 57.29 -45.56
CA VAL B 82 -2.51 57.54 -44.87
C VAL B 82 -3.61 56.54 -45.28
N VAL B 83 -4.17 55.88 -44.28
CA VAL B 83 -5.23 54.88 -44.47
C VAL B 83 -6.24 54.95 -43.34
N LYS B 84 -7.35 54.23 -43.48
CA LYS B 84 -8.35 54.13 -42.43
C LYS B 84 -7.87 53.19 -41.31
N ASN B 85 -7.25 52.09 -41.70
CA ASN B 85 -6.93 51.00 -40.77
C ASN B 85 -5.46 50.54 -40.89
N PRO B 86 -4.55 51.22 -40.17
CA PRO B 86 -3.13 50.89 -40.28
C PRO B 86 -2.83 49.42 -39.97
N TYR B 87 -3.56 48.82 -39.03
CA TYR B 87 -3.28 47.43 -38.67
C TYR B 87 -3.59 46.48 -39.82
N LEU B 88 -4.73 46.70 -40.47
CA LEU B 88 -5.10 45.89 -41.64
C LEU B 88 -4.16 46.18 -42.80
N THR B 89 -3.82 47.45 -42.97
CA THR B 89 -2.85 47.82 -44.00
C THR B 89 -1.52 47.10 -43.73
N TYR B 90 -1.10 47.08 -42.47
CA TYR B 90 0.12 46.34 -42.07
C TYR B 90 0.03 44.88 -42.52
N ALA B 91 -1.09 44.22 -42.24
CA ALA B 91 -1.25 42.82 -42.62
C ALA B 91 -1.03 42.67 -44.12
N ARG B 92 -1.63 43.56 -44.91
CA ARG B 92 -1.57 43.48 -46.35
C ARG B 92 -0.16 43.70 -46.87
N MET B 93 0.54 44.68 -46.32
CA MET B 93 1.87 45.02 -46.82
C MET B 93 2.89 43.97 -46.39
N ALA B 94 2.65 43.37 -45.22
CA ALA B 94 3.52 42.30 -44.75
C ALA B 94 3.37 41.09 -45.66
N GLN B 95 2.16 40.86 -46.18
CA GLN B 95 1.94 39.81 -47.15
C GLN B 95 2.70 40.09 -48.45
N ILE B 96 2.71 41.35 -48.87
CA ILE B 96 3.37 41.75 -50.12
C ILE B 96 4.88 41.56 -49.99
N LEU B 97 5.41 41.92 -48.83
CA LEU B 97 6.86 41.88 -48.58
C LEU B 97 7.24 40.67 -47.74
N ASP B 98 6.41 39.62 -47.78
CA ASP B 98 6.64 38.41 -47.01
C ASP B 98 7.97 37.72 -47.40
N THR B 99 8.72 37.29 -46.40
CA THR B 99 9.97 36.57 -46.61
C THR B 99 9.88 35.09 -46.21
N THR B 100 8.71 34.67 -45.74
CA THR B 100 8.52 33.29 -45.30
C THR B 100 8.70 32.31 -46.45
N PRO B 101 9.53 31.28 -46.25
CA PRO B 101 9.73 30.28 -47.32
C PRO B 101 8.57 29.31 -47.38
N GLN B 102 8.61 28.40 -48.34
CA GLN B 102 7.60 27.34 -48.44
C GLN B 102 8.08 26.09 -47.72
N PRO B 103 7.13 25.25 -47.27
CA PRO B 103 7.53 24.06 -46.51
C PRO B 103 8.22 23.04 -47.38
N ALA B 104 8.06 23.15 -48.70
CA ALA B 104 8.66 22.22 -49.66
C ALA B 104 8.52 22.75 -51.08
N GLN B 105 9.38 22.28 -51.98
CA GLN B 105 9.23 22.60 -53.40
C GLN B 105 9.51 21.35 -54.22
N ASN B 106 8.61 21.08 -55.18
CA ASN B 106 8.62 19.84 -55.94
C ASN B 106 8.43 18.62 -55.04
N ILE B 107 8.61 17.43 -55.62
CA ILE B 107 8.44 16.21 -54.84
C ILE B 107 9.80 15.58 -54.49
N ALA B 108 10.05 15.47 -53.18
CA ALA B 108 11.34 14.97 -52.72
C ALA B 108 11.51 13.48 -53.03
N PRO B 109 12.72 13.08 -53.44
CA PRO B 109 13.01 11.67 -53.75
C PRO B 109 12.85 10.77 -52.53
N SER B 110 13.03 11.32 -51.32
CA SER B 110 12.90 10.54 -50.11
C SER B 110 11.46 10.44 -49.62
N ALA B 111 10.53 11.08 -50.32
CA ALA B 111 9.12 10.99 -49.90
C ALA B 111 8.55 9.64 -50.32
N VAL B 112 7.76 9.03 -49.45
CA VAL B 112 7.16 7.73 -49.76
C VAL B 112 5.66 7.89 -50.04
N ILE B 113 5.27 7.65 -51.29
CA ILE B 113 3.92 7.98 -51.75
C ILE B 113 3.23 6.75 -52.32
N ASP B 114 2.06 6.41 -51.79
CA ASP B 114 1.34 5.23 -52.30
C ASP B 114 0.99 5.42 -53.77
N ALA B 115 1.05 4.32 -54.54
CA ALA B 115 0.82 4.38 -55.97
C ALA B 115 -0.61 4.78 -56.29
N THR B 116 -1.50 4.61 -55.32
CA THR B 116 -2.91 4.93 -55.54
C THR B 116 -3.23 6.38 -55.13
N ALA B 117 -2.21 7.13 -54.74
CA ALA B 117 -2.40 8.54 -54.43
C ALA B 117 -2.73 9.35 -55.68
N LYS B 118 -3.61 10.35 -55.52
CA LYS B 118 -3.95 11.25 -56.60
C LYS B 118 -3.38 12.63 -56.34
N LEU B 119 -2.51 13.11 -57.24
CA LEU B 119 -1.85 14.40 -57.10
C LEU B 119 -2.26 15.34 -58.23
N GLY B 120 -2.64 16.56 -57.87
CA GLY B 120 -2.96 17.58 -58.87
C GLY B 120 -1.69 18.23 -59.41
N ASN B 121 -1.85 19.36 -60.07
CA ASN B 121 -0.71 20.07 -60.64
C ASN B 121 0.04 20.90 -59.60
N ASN B 122 1.34 21.06 -59.83
CA ASN B 122 2.18 21.91 -58.99
C ASN B 122 2.12 21.51 -57.52
N VAL B 123 2.07 20.21 -57.24
CA VAL B 123 2.08 19.73 -55.86
C VAL B 123 3.52 19.54 -55.38
N SER B 124 3.82 20.06 -54.19
CA SER B 124 5.13 19.82 -53.59
C SER B 124 5.03 19.02 -52.30
N ILE B 125 5.97 18.11 -52.11
CA ILE B 125 5.98 17.21 -50.96
C ILE B 125 7.41 17.11 -50.41
N GLY B 126 7.57 17.43 -49.13
CA GLY B 126 8.89 17.53 -48.54
C GLY B 126 9.58 16.19 -48.33
N ALA B 127 10.86 16.26 -47.98
CA ALA B 127 11.67 15.08 -47.71
C ALA B 127 11.07 14.20 -46.61
N ASN B 128 11.07 12.89 -46.85
CA ASN B 128 10.57 11.91 -45.91
C ASN B 128 9.11 12.00 -45.51
N ALA B 129 8.31 12.80 -46.23
CA ALA B 129 6.87 12.78 -45.97
C ALA B 129 6.32 11.42 -46.43
N VAL B 130 5.24 10.97 -45.80
CA VAL B 130 4.65 9.70 -46.18
C VAL B 130 3.19 9.92 -46.52
N ILE B 131 2.79 9.48 -47.71
CA ILE B 131 1.43 9.71 -48.19
C ILE B 131 0.74 8.37 -48.42
N GLU B 132 -0.36 8.12 -47.72
CA GLU B 132 -1.00 6.80 -47.78
C GLU B 132 -1.87 6.58 -49.01
N SER B 133 -2.45 5.38 -49.11
CA SER B 133 -3.27 5.00 -50.24
C SER B 133 -4.50 5.89 -50.35
N GLY B 134 -4.92 6.15 -51.58
CA GLY B 134 -6.15 6.90 -51.84
C GLY B 134 -6.12 8.37 -51.47
N VAL B 135 -4.98 8.90 -51.04
CA VAL B 135 -4.92 10.33 -50.71
C VAL B 135 -5.11 11.20 -51.95
N GLU B 136 -5.83 12.31 -51.82
CA GLU B 136 -5.94 13.27 -52.92
C GLU B 136 -5.39 14.61 -52.49
N LEU B 137 -4.42 15.09 -53.25
CA LEU B 137 -3.81 16.40 -53.00
C LEU B 137 -4.14 17.32 -54.16
N GLY B 138 -4.87 18.39 -53.87
CA GLY B 138 -5.32 19.30 -54.93
C GLY B 138 -4.17 20.13 -55.49
N ASP B 139 -4.46 20.95 -56.48
CA ASP B 139 -3.43 21.79 -57.11
C ASP B 139 -2.75 22.74 -56.13
N ASN B 140 -1.43 22.87 -56.27
CA ASN B 140 -0.62 23.77 -55.46
C ASN B 140 -0.54 23.42 -53.97
N VAL B 141 -1.05 22.24 -53.60
CA VAL B 141 -0.90 21.78 -52.22
C VAL B 141 0.60 21.60 -51.92
N ILE B 142 1.02 22.01 -50.73
CA ILE B 142 2.39 21.77 -50.29
C ILE B 142 2.39 20.96 -48.98
N ILE B 143 3.08 19.82 -48.96
CA ILE B 143 3.20 18.99 -47.76
C ILE B 143 4.64 19.08 -47.25
N GLY B 144 4.84 19.52 -46.02
CA GLY B 144 6.19 19.71 -45.49
C GLY B 144 6.92 18.39 -45.24
N ALA B 145 8.22 18.46 -44.93
CA ALA B 145 9.00 17.26 -44.61
C ALA B 145 8.43 16.50 -43.39
N GLY B 146 8.50 15.17 -43.44
CA GLY B 146 8.16 14.36 -42.28
C GLY B 146 6.68 14.29 -41.96
N CYS B 147 5.85 14.91 -42.80
CA CYS B 147 4.39 14.80 -42.61
C CYS B 147 3.90 13.39 -42.90
N PHE B 148 2.79 13.04 -42.27
CA PHE B 148 2.07 11.82 -42.59
C PHE B 148 0.64 12.21 -42.97
N VAL B 149 0.16 11.69 -44.10
CA VAL B 149 -1.22 11.91 -44.50
C VAL B 149 -1.89 10.54 -44.68
N GLY B 150 -2.89 10.24 -43.86
CA GLY B 150 -3.48 8.92 -43.77
C GLY B 150 -4.43 8.52 -44.90
N LYS B 151 -4.87 7.26 -44.91
CA LYS B 151 -5.61 6.69 -46.04
C LYS B 151 -6.84 7.51 -46.43
N ASN B 152 -7.00 7.72 -47.74
CA ASN B 152 -8.21 8.33 -48.30
C ASN B 152 -8.49 9.77 -47.88
N SER B 153 -7.52 10.40 -47.23
CA SER B 153 -7.67 11.80 -46.86
C SER B 153 -7.55 12.74 -48.07
N LYS B 154 -8.16 13.92 -47.97
CA LYS B 154 -8.24 14.83 -49.10
C LYS B 154 -7.79 16.20 -48.65
N ILE B 155 -6.88 16.80 -49.40
CA ILE B 155 -6.39 18.15 -49.10
C ILE B 155 -6.67 19.11 -50.27
N GLY B 156 -7.46 20.14 -49.99
CA GLY B 156 -7.93 21.04 -51.03
C GLY B 156 -6.85 21.94 -51.60
N ALA B 157 -7.08 22.47 -52.80
CA ALA B 157 -6.08 23.29 -53.50
C ALA B 157 -5.50 24.44 -52.66
N GLY B 158 -4.18 24.63 -52.76
CA GLY B 158 -3.53 25.75 -52.10
C GLY B 158 -3.20 25.56 -50.62
N SER B 159 -3.71 24.48 -50.03
CA SER B 159 -3.48 24.25 -48.61
C SER B 159 -2.04 23.77 -48.40
N ARG B 160 -1.46 24.12 -47.26
CA ARG B 160 -0.06 23.78 -46.98
C ARG B 160 0.11 23.29 -45.57
N LEU B 161 0.95 22.28 -45.42
CA LEU B 161 1.29 21.73 -44.12
C LEU B 161 2.78 22.00 -43.90
N TRP B 162 3.15 22.53 -42.73
CA TRP B 162 4.55 22.67 -42.38
C TRP B 162 5.10 21.29 -42.00
N ALA B 163 6.36 21.21 -41.59
CA ALA B 163 7.00 19.91 -41.36
C ALA B 163 6.32 19.18 -40.21
N ASN B 164 6.33 17.86 -40.27
CA ASN B 164 5.91 17.03 -39.14
C ASN B 164 4.48 17.26 -38.66
N VAL B 165 3.58 17.46 -39.61
CA VAL B 165 2.17 17.47 -39.27
C VAL B 165 1.63 16.06 -39.52
N THR B 166 0.73 15.61 -38.65
CA THR B 166 0.11 14.30 -38.82
C THR B 166 -1.37 14.42 -39.14
N ILE B 167 -1.76 13.94 -40.32
CA ILE B 167 -3.16 13.88 -40.71
C ILE B 167 -3.57 12.42 -40.78
N TYR B 168 -4.64 12.07 -40.07
CA TYR B 168 -5.08 10.68 -40.06
C TYR B 168 -5.85 10.32 -41.34
N HIS B 169 -6.58 9.21 -41.31
CA HIS B 169 -7.32 8.71 -42.46
C HIS B 169 -8.69 9.37 -42.58
N GLU B 170 -9.19 9.45 -43.80
CA GLU B 170 -10.55 9.97 -44.09
C GLU B 170 -10.78 11.41 -43.61
N ILE B 171 -9.72 12.20 -43.59
CA ILE B 171 -9.82 13.59 -43.18
C ILE B 171 -10.05 14.43 -44.43
N GLN B 172 -10.85 15.48 -44.32
CA GLN B 172 -11.03 16.41 -45.44
C GLN B 172 -10.61 17.80 -45.00
N ILE B 173 -9.78 18.42 -45.82
CA ILE B 173 -9.29 19.77 -45.57
C ILE B 173 -9.59 20.59 -46.82
N GLY B 174 -10.21 21.74 -46.64
CA GLY B 174 -10.61 22.60 -47.74
C GLY B 174 -9.43 23.32 -48.40
N GLN B 175 -9.73 24.43 -49.09
CA GLN B 175 -8.71 25.13 -49.87
C GLN B 175 -8.02 26.24 -49.07
N ASN B 176 -6.76 26.51 -49.42
CA ASN B 176 -6.00 27.61 -48.82
C ASN B 176 -5.90 27.58 -47.30
N CYS B 177 -5.83 26.37 -46.71
CA CYS B 177 -5.56 26.22 -45.28
C CYS B 177 -4.06 26.19 -45.02
N LEU B 178 -3.69 26.38 -43.75
CA LEU B 178 -2.32 26.32 -43.32
C LEU B 178 -2.28 25.65 -41.96
N ILE B 179 -1.43 24.64 -41.80
CA ILE B 179 -1.28 23.96 -40.52
C ILE B 179 0.19 23.94 -40.12
N GLN B 180 0.48 24.40 -38.91
CA GLN B 180 1.85 24.44 -38.41
C GLN B 180 2.27 23.08 -37.86
N SER B 181 3.59 22.91 -37.68
CA SER B 181 4.19 21.65 -37.25
C SER B 181 3.66 21.07 -35.93
N GLY B 182 3.72 19.74 -35.80
CA GLY B 182 3.42 19.05 -34.56
C GLY B 182 1.92 18.84 -34.37
N THR B 183 1.14 19.44 -35.26
CA THR B 183 -0.31 19.30 -35.17
C THR B 183 -0.77 17.93 -35.66
N VAL B 184 -1.78 17.39 -34.97
CA VAL B 184 -2.31 16.08 -35.26
C VAL B 184 -3.80 16.22 -35.53
N VAL B 185 -4.22 15.87 -36.75
CA VAL B 185 -5.63 15.98 -37.11
C VAL B 185 -6.22 14.62 -37.34
N GLY B 186 -7.21 14.27 -36.51
CA GLY B 186 -7.97 13.06 -36.76
C GLY B 186 -7.65 11.86 -35.89
N ALA B 187 -6.98 12.09 -34.76
CA ALA B 187 -6.71 10.97 -33.85
C ALA B 187 -8.03 10.49 -33.25
N ASP B 188 -8.01 9.32 -32.62
CA ASP B 188 -9.22 8.76 -32.01
C ASP B 188 -9.73 9.71 -30.95
N GLY B 189 -11.03 10.00 -30.99
CA GLY B 189 -11.67 10.65 -29.87
C GLY B 189 -11.48 9.82 -28.61
N PHE B 190 -11.61 10.46 -27.45
CA PHE B 190 -11.42 9.77 -26.17
C PHE B 190 -12.70 9.03 -25.83
N GLY B 191 -12.96 7.93 -26.55
CA GLY B 191 -14.23 7.22 -26.46
C GLY B 191 -14.05 5.82 -25.88
N TYR B 192 -14.62 5.60 -24.70
CA TYR B 192 -14.51 4.31 -23.99
C TYR B 192 -15.78 4.06 -23.22
N ALA B 193 -16.26 2.82 -23.27
CA ALA B 193 -17.36 2.38 -22.42
C ALA B 193 -16.81 1.67 -21.19
N ASN B 194 -17.41 1.92 -20.04
CA ASN B 194 -16.89 1.32 -18.82
C ASN B 194 -17.59 -0.01 -18.58
N ASP B 195 -16.83 -1.11 -18.54
CA ASP B 195 -17.40 -2.42 -18.20
C ASP B 195 -16.86 -2.87 -16.86
N ARG B 196 -17.65 -2.68 -15.81
CA ARG B 196 -17.27 -3.01 -14.42
C ARG B 196 -15.84 -2.59 -14.06
N GLY B 197 -15.50 -1.36 -14.41
CA GLY B 197 -14.19 -0.82 -14.06
C GLY B 197 -13.16 -0.89 -15.16
N ASN B 198 -13.35 -1.79 -16.11
CA ASN B 198 -12.45 -1.90 -17.27
C ASN B 198 -12.96 -1.00 -18.37
N TRP B 199 -12.05 -0.32 -19.06
CA TRP B 199 -12.45 0.52 -20.19
C TRP B 199 -12.45 -0.24 -21.49
N VAL B 200 -13.54 -0.14 -22.22
CA VAL B 200 -13.70 -0.85 -23.48
C VAL B 200 -13.67 0.17 -24.62
N LYS B 201 -12.67 0.07 -25.48
CA LYS B 201 -12.49 1.06 -26.55
C LYS B 201 -13.68 1.13 -27.50
N ILE B 202 -14.11 2.36 -27.80
CA ILE B 202 -15.13 2.58 -28.81
C ILE B 202 -14.45 3.17 -30.04
N PRO B 203 -14.35 2.36 -31.12
CA PRO B 203 -13.71 2.84 -32.36
C PRO B 203 -14.32 4.15 -32.82
N GLN B 204 -13.48 5.08 -33.26
CA GLN B 204 -13.99 6.40 -33.63
C GLN B 204 -14.00 6.48 -35.15
N ILE B 205 -15.18 6.30 -35.74
CA ILE B 205 -15.25 6.10 -37.17
C ILE B 205 -15.82 7.29 -37.90
N GLY B 206 -16.15 8.34 -37.15
CA GLY B 206 -16.46 9.62 -37.76
C GLY B 206 -15.16 10.23 -38.26
N ARG B 207 -15.22 11.47 -38.74
CA ARG B 207 -14.05 12.09 -39.37
C ARG B 207 -13.80 13.49 -38.83
N VAL B 208 -12.91 14.21 -39.51
CA VAL B 208 -12.74 15.63 -39.26
C VAL B 208 -12.95 16.33 -40.60
N ILE B 209 -13.78 17.36 -40.61
CA ILE B 209 -14.03 18.15 -41.81
C ILE B 209 -13.54 19.56 -41.53
N ILE B 210 -12.53 19.99 -42.25
CA ILE B 210 -12.00 21.33 -42.08
C ILE B 210 -12.35 22.13 -43.33
N GLY B 211 -12.93 23.32 -43.14
CA GLY B 211 -13.42 24.12 -44.26
C GLY B 211 -12.31 24.85 -44.99
N ASP B 212 -12.63 25.92 -45.71
CA ASP B 212 -11.61 26.69 -46.45
C ASP B 212 -11.00 27.78 -45.59
N ARG B 213 -9.74 28.14 -45.88
CA ARG B 213 -9.05 29.25 -45.23
C ARG B 213 -8.92 29.09 -43.71
N VAL B 214 -8.77 27.85 -43.26
CA VAL B 214 -8.54 27.58 -41.84
C VAL B 214 -7.05 27.56 -41.54
N GLU B 215 -6.65 28.28 -40.49
CA GLU B 215 -5.28 28.22 -40.04
C GLU B 215 -5.24 27.62 -38.65
N ILE B 216 -4.37 26.62 -38.49
CA ILE B 216 -4.23 25.91 -37.24
C ILE B 216 -2.77 26.01 -36.78
N GLY B 217 -2.60 26.20 -35.47
CA GLY B 217 -1.29 26.41 -34.88
C GLY B 217 -0.52 25.11 -34.72
N ALA B 218 0.52 25.15 -33.87
CA ALA B 218 1.41 24.03 -33.66
C ALA B 218 1.02 23.21 -32.44
N CYS B 219 1.27 21.91 -32.49
CA CYS B 219 0.96 20.98 -31.39
C CYS B 219 -0.49 21.10 -30.97
N THR B 220 -1.36 21.37 -31.92
CA THR B 220 -2.79 21.31 -31.65
C THR B 220 -3.32 19.92 -32.01
N THR B 221 -4.31 19.42 -31.26
CA THR B 221 -4.90 18.15 -31.60
C THR B 221 -6.40 18.30 -31.87
N ILE B 222 -6.83 17.79 -33.02
CA ILE B 222 -8.25 17.84 -33.39
C ILE B 222 -8.69 16.41 -33.63
N ASP B 223 -9.49 15.87 -32.72
CA ASP B 223 -9.90 14.46 -32.81
C ASP B 223 -11.03 14.20 -33.80
N ARG B 224 -11.04 13.03 -34.43
CA ARG B 224 -12.10 12.65 -35.36
C ARG B 224 -13.35 12.30 -34.56
N GLY B 225 -14.53 12.36 -35.20
CA GLY B 225 -15.79 12.09 -34.51
C GLY B 225 -15.98 10.62 -34.18
N ALA B 226 -16.87 10.32 -33.24
CA ALA B 226 -17.15 8.93 -32.90
C ALA B 226 -17.90 8.28 -34.05
N LEU B 227 -18.92 8.98 -34.52
CA LEU B 227 -19.86 8.49 -35.55
C LEU B 227 -20.09 9.59 -36.59
N ASP B 228 -20.60 10.73 -36.16
CA ASP B 228 -20.62 11.90 -37.04
C ASP B 228 -19.26 12.58 -36.99
N ASP B 229 -19.14 13.75 -37.62
CA ASP B 229 -17.83 14.37 -37.80
C ASP B 229 -17.51 15.53 -36.86
N THR B 230 -16.23 15.69 -36.55
CA THR B 230 -15.71 16.93 -35.98
C THR B 230 -15.65 17.93 -37.15
N ILE B 231 -16.13 19.16 -36.93
CA ILE B 231 -16.23 20.11 -38.05
C ILE B 231 -15.63 21.47 -37.70
N ILE B 232 -14.74 21.95 -38.56
CA ILE B 232 -14.08 23.24 -38.38
C ILE B 232 -14.52 24.12 -39.54
N GLY B 233 -15.27 25.18 -39.24
CA GLY B 233 -15.88 25.99 -40.29
C GLY B 233 -14.91 26.82 -41.11
N ASN B 234 -15.40 27.44 -42.18
CA ASN B 234 -14.56 28.28 -43.00
C ASN B 234 -13.97 29.47 -42.23
N GLY B 235 -12.69 29.76 -42.46
CA GLY B 235 -12.08 30.97 -41.94
C GLY B 235 -11.74 30.96 -40.46
N VAL B 236 -11.84 29.79 -39.84
CA VAL B 236 -11.52 29.62 -38.43
C VAL B 236 -10.01 29.72 -38.25
N ILE B 237 -9.57 30.39 -37.18
CA ILE B 237 -8.17 30.37 -36.81
C ILE B 237 -8.02 29.73 -35.43
N ILE B 238 -7.07 28.79 -35.32
CA ILE B 238 -6.81 28.08 -34.07
C ILE B 238 -5.32 28.17 -33.74
N ASP B 239 -5.02 28.53 -32.50
CA ASP B 239 -3.65 28.75 -32.03
C ASP B 239 -2.95 27.44 -31.63
N ASN B 240 -1.88 27.51 -30.83
CA ASN B 240 -1.10 26.32 -30.45
C ASN B 240 -1.70 25.58 -29.26
N GLN B 241 -1.33 24.32 -29.09
CA GLN B 241 -1.60 23.57 -27.87
C GLN B 241 -3.09 23.44 -27.55
N CYS B 242 -3.96 23.58 -28.54
CA CYS B 242 -5.40 23.38 -28.31
C CYS B 242 -5.81 21.92 -28.43
N GLN B 243 -6.85 21.55 -27.70
CA GLN B 243 -7.47 20.24 -27.81
C GLN B 243 -8.90 20.45 -28.24
N ILE B 244 -9.21 19.96 -29.43
CA ILE B 244 -10.54 20.07 -29.99
C ILE B 244 -11.06 18.64 -30.08
N ALA B 245 -11.93 18.29 -29.15
CA ALA B 245 -12.36 16.91 -28.94
C ALA B 245 -13.27 16.39 -30.04
N ALA B 246 -13.55 15.09 -29.96
CA ALA B 246 -14.45 14.42 -30.92
C ALA B 246 -15.78 15.17 -31.05
N ASN B 247 -16.26 15.30 -32.29
CA ASN B 247 -17.59 15.86 -32.58
C ASN B 247 -17.79 17.31 -32.15
N VAL B 248 -16.70 18.02 -31.87
CA VAL B 248 -16.78 19.46 -31.71
C VAL B 248 -17.11 20.06 -33.07
N VAL B 249 -17.92 21.10 -33.09
CA VAL B 249 -18.26 21.81 -34.31
C VAL B 249 -17.97 23.28 -34.06
N ILE B 250 -17.16 23.88 -34.93
CA ILE B 250 -16.77 25.28 -34.76
C ILE B 250 -17.27 26.13 -35.92
N GLY B 251 -18.06 27.15 -35.62
CA GLY B 251 -18.69 27.97 -36.64
C GLY B 251 -17.69 28.84 -37.38
N ASP B 252 -18.09 29.30 -38.57
CA ASP B 252 -17.21 30.08 -39.43
C ASP B 252 -16.63 31.32 -38.76
N ASN B 253 -15.36 31.61 -39.07
CA ASN B 253 -14.67 32.83 -38.65
C ASN B 253 -14.41 32.97 -37.15
N THR B 254 -14.61 31.88 -36.42
CA THR B 254 -14.29 31.83 -35.00
C THR B 254 -12.78 31.75 -34.78
N ALA B 255 -12.30 32.43 -33.72
CA ALA B 255 -10.88 32.40 -33.33
C ALA B 255 -10.74 31.72 -31.99
N VAL B 256 -9.74 30.85 -31.88
CA VAL B 256 -9.46 30.14 -30.65
C VAL B 256 -7.99 30.34 -30.33
N ALA B 257 -7.71 31.06 -29.24
CA ALA B 257 -6.33 31.34 -28.83
C ALA B 257 -5.69 30.11 -28.18
N GLY B 258 -4.41 30.19 -27.84
CA GLY B 258 -3.66 29.01 -27.46
C GLY B 258 -4.07 28.31 -26.18
N GLY B 259 -3.88 26.98 -26.14
CA GLY B 259 -4.08 26.20 -24.93
C GLY B 259 -5.52 25.90 -24.55
N VAL B 260 -6.48 26.23 -25.41
CA VAL B 260 -7.90 25.94 -25.12
C VAL B 260 -8.19 24.44 -25.12
N ILE B 261 -8.98 23.98 -24.14
CA ILE B 261 -9.39 22.57 -24.05
C ILE B 261 -10.91 22.47 -24.23
N MET B 262 -11.36 21.79 -25.28
CA MET B 262 -12.80 21.68 -25.54
C MET B 262 -13.29 20.24 -25.38
N ALA B 263 -14.33 20.03 -24.57
CA ALA B 263 -14.88 18.69 -24.39
C ALA B 263 -15.67 18.28 -25.63
N GLY B 264 -15.98 16.99 -25.72
CA GLY B 264 -16.63 16.44 -26.90
C GLY B 264 -18.04 16.94 -27.14
N SER B 265 -18.43 16.98 -28.42
CA SER B 265 -19.79 17.36 -28.83
C SER B 265 -20.18 18.79 -28.43
N LEU B 266 -19.18 19.65 -28.23
CA LEU B 266 -19.48 21.06 -28.01
C LEU B 266 -19.69 21.74 -29.36
N LYS B 267 -20.70 22.60 -29.46
CA LYS B 267 -20.92 23.37 -30.69
C LYS B 267 -20.63 24.83 -30.40
N ILE B 268 -19.77 25.43 -31.22
CA ILE B 268 -19.45 26.84 -31.07
C ILE B 268 -19.97 27.60 -32.27
N GLY B 269 -20.65 28.71 -32.03
CA GLY B 269 -21.22 29.48 -33.11
C GLY B 269 -20.17 30.19 -33.95
N ARG B 270 -20.65 31.08 -34.81
CA ARG B 270 -19.81 31.84 -35.73
C ARG B 270 -19.33 33.13 -35.07
N TYR B 271 -18.20 33.66 -35.54
CA TYR B 271 -17.63 34.91 -35.03
C TYR B 271 -17.37 34.94 -33.53
N CYS B 272 -17.14 33.78 -32.93
CA CYS B 272 -16.78 33.73 -31.53
C CYS B 272 -15.29 34.01 -31.33
N MET B 273 -14.94 34.43 -30.13
CA MET B 273 -13.56 34.71 -29.74
C MET B 273 -13.31 33.96 -28.45
N ILE B 274 -12.55 32.87 -28.53
CA ILE B 274 -12.30 32.05 -27.35
C ILE B 274 -10.90 32.30 -26.79
N GLY B 275 -10.85 32.85 -25.57
CA GLY B 275 -9.59 33.22 -24.95
C GLY B 275 -8.72 32.04 -24.58
N GLY B 276 -7.41 32.29 -24.57
CA GLY B 276 -6.44 31.25 -24.29
C GLY B 276 -6.63 30.59 -22.96
N ALA B 277 -6.30 29.29 -22.90
CA ALA B 277 -6.35 28.48 -21.68
C ALA B 277 -7.77 28.30 -21.13
N SER B 278 -8.78 28.66 -21.92
CA SER B 278 -10.14 28.38 -21.50
C SER B 278 -10.37 26.88 -21.53
N VAL B 279 -11.37 26.44 -20.78
CA VAL B 279 -11.72 25.04 -20.67
C VAL B 279 -13.23 24.96 -20.87
N ILE B 280 -13.69 24.16 -21.83
CA ILE B 280 -15.09 24.23 -22.23
C ILE B 280 -15.81 22.88 -22.16
N ASN B 281 -16.90 22.85 -21.40
CA ASN B 281 -17.67 21.64 -21.19
C ASN B 281 -18.34 21.15 -22.48
N GLY B 282 -18.73 19.88 -22.53
CA GLY B 282 -19.23 19.31 -23.78
C GLY B 282 -20.74 19.14 -23.81
N HIS B 283 -21.24 18.60 -24.92
CA HIS B 283 -22.68 18.37 -25.13
C HIS B 283 -23.51 19.60 -24.81
N MET B 284 -23.04 20.75 -25.28
CA MET B 284 -23.76 22.01 -25.12
C MET B 284 -23.36 22.96 -26.23
N GLU B 285 -23.98 24.14 -26.24
CA GLU B 285 -23.81 25.05 -27.36
C GLU B 285 -23.45 26.46 -26.90
N ILE B 286 -22.61 27.12 -27.69
CA ILE B 286 -22.27 28.52 -27.48
C ILE B 286 -22.73 29.23 -28.73
N CYS B 287 -23.58 30.24 -28.59
CA CYS B 287 -24.18 30.90 -29.75
C CYS B 287 -23.16 31.77 -30.50
N ASP B 288 -23.63 32.42 -31.58
CA ASP B 288 -22.78 33.28 -32.40
C ASP B 288 -22.31 34.52 -31.64
N LYS B 289 -21.13 35.01 -31.98
CA LYS B 289 -20.63 36.29 -31.48
C LYS B 289 -20.49 36.36 -29.96
N VAL B 290 -19.92 35.30 -29.39
CA VAL B 290 -19.60 35.26 -27.96
C VAL B 290 -18.09 35.38 -27.77
N THR B 291 -17.67 36.19 -26.80
CA THR B 291 -16.25 36.25 -26.41
C THR B 291 -16.06 35.63 -25.04
N VAL B 292 -15.16 34.65 -24.94
CA VAL B 292 -14.80 34.07 -23.65
C VAL B 292 -13.37 34.51 -23.35
N THR B 293 -13.18 35.24 -22.25
CA THR B 293 -11.85 35.74 -21.91
C THR B 293 -10.92 34.61 -21.44
N GLY B 294 -9.65 34.95 -21.27
CA GLY B 294 -8.65 33.95 -20.92
C GLY B 294 -8.96 33.12 -19.70
N MET B 295 -8.60 31.84 -19.76
CA MET B 295 -8.73 30.94 -18.62
C MET B 295 -10.18 30.77 -18.20
N GLY B 296 -11.10 31.02 -19.12
CA GLY B 296 -12.52 30.90 -18.84
C GLY B 296 -12.92 29.49 -18.47
N MET B 297 -13.69 29.35 -17.39
CA MET B 297 -14.25 28.05 -17.04
C MET B 297 -15.68 27.98 -17.59
N VAL B 298 -15.83 27.41 -18.79
CA VAL B 298 -17.13 27.37 -19.46
C VAL B 298 -17.87 26.07 -19.14
N MET B 299 -18.58 26.08 -18.02
CA MET B 299 -19.33 24.92 -17.56
C MET B 299 -20.68 24.79 -18.27
N ARG B 300 -21.29 25.94 -18.57
CA ARG B 300 -22.67 26.01 -19.02
C ARG B 300 -22.79 26.56 -20.45
N PRO B 301 -23.92 26.24 -21.13
CA PRO B 301 -24.12 26.77 -22.49
C PRO B 301 -24.22 28.30 -22.45
N ILE B 302 -23.92 28.94 -23.56
CA ILE B 302 -24.05 30.38 -23.65
C ILE B 302 -25.06 30.70 -24.75
N THR B 303 -26.16 31.35 -24.38
CA THR B 303 -27.27 31.56 -25.29
C THR B 303 -27.37 32.98 -25.82
N GLU B 304 -26.74 33.93 -25.13
CA GLU B 304 -26.77 35.33 -25.56
C GLU B 304 -25.36 35.82 -25.88
N PRO B 305 -25.22 36.58 -26.97
CA PRO B 305 -23.91 37.12 -27.37
C PRO B 305 -23.36 38.12 -26.36
N GLY B 306 -22.05 38.33 -26.37
CA GLY B 306 -21.41 39.21 -25.40
C GLY B 306 -20.15 38.61 -24.81
N VAL B 307 -19.57 39.31 -23.83
CA VAL B 307 -18.32 38.89 -23.21
C VAL B 307 -18.58 38.19 -21.87
N TYR B 308 -17.92 37.04 -21.69
CA TYR B 308 -18.08 36.25 -20.48
C TYR B 308 -16.71 35.90 -19.92
N SER B 309 -16.63 35.80 -18.59
CA SER B 309 -15.34 35.73 -17.92
C SER B 309 -15.43 34.92 -16.64
N SER B 310 -14.28 34.43 -16.17
CA SER B 310 -14.20 33.81 -14.85
C SER B 310 -12.75 33.88 -14.39
N GLY B 311 -12.48 33.43 -13.16
CA GLY B 311 -11.13 33.43 -12.63
C GLY B 311 -10.92 34.49 -11.55
N ILE B 312 -10.06 34.16 -10.58
CA ILE B 312 -9.63 35.10 -9.57
C ILE B 312 -8.14 35.40 -9.74
N PRO B 313 -7.83 36.62 -10.16
CA PRO B 313 -6.44 37.03 -10.45
C PRO B 313 -5.45 36.75 -9.32
N LEU B 314 -4.17 36.99 -9.60
CA LEU B 314 -3.09 36.74 -8.65
C LEU B 314 -3.08 37.73 -7.49
N GLN B 315 -2.55 37.28 -6.36
CA GLN B 315 -2.28 38.16 -5.22
C GLN B 315 -0.93 37.75 -4.64
N PRO B 316 -0.32 38.62 -3.81
CA PRO B 316 0.88 38.14 -3.10
C PRO B 316 0.54 36.88 -2.32
N ASN B 317 1.50 35.97 -2.16
CA ASN B 317 1.23 34.67 -1.53
C ASN B 317 0.58 34.74 -0.15
N LYS B 318 1.10 35.59 0.73
CA LYS B 318 0.52 35.74 2.07
C LYS B 318 -0.95 36.10 2.00
N VAL B 319 -1.29 37.01 1.09
CA VAL B 319 -2.67 37.46 0.89
C VAL B 319 -3.55 36.35 0.32
N TRP B 320 -3.06 35.67 -0.71
CA TRP B 320 -3.82 34.60 -1.35
C TRP B 320 -4.23 33.51 -0.37
N ARG B 321 -3.29 33.16 0.51
CA ARG B 321 -3.53 32.11 1.51
C ARG B 321 -4.81 32.38 2.27
N LYS B 322 -4.97 33.63 2.71
CA LYS B 322 -6.17 34.06 3.43
C LYS B 322 -7.38 34.12 2.50
N THR B 323 -7.19 34.63 1.30
CA THR B 323 -8.28 34.66 0.33
C THR B 323 -8.84 33.26 0.12
N ALA B 324 -7.96 32.32 -0.18
CA ALA B 324 -8.37 30.96 -0.49
C ALA B 324 -9.07 30.24 0.67
N ALA B 325 -8.52 30.38 1.87
CA ALA B 325 -9.11 29.73 3.04
C ALA B 325 -10.52 30.27 3.30
N LEU B 326 -10.64 31.59 3.26
CA LEU B 326 -11.90 32.28 3.46
C LEU B 326 -12.97 31.85 2.47
N VAL B 327 -12.60 31.83 1.19
CA VAL B 327 -13.49 31.38 0.12
C VAL B 327 -13.93 29.94 0.36
N MET B 328 -12.99 29.09 0.75
CA MET B 328 -13.30 27.70 1.01
C MET B 328 -14.28 27.52 2.17
N ASN B 329 -14.40 28.52 3.02
CA ASN B 329 -15.35 28.47 4.11
C ASN B 329 -16.41 29.57 3.99
N ILE B 330 -16.83 29.83 2.76
CA ILE B 330 -17.81 30.89 2.48
C ILE B 330 -19.24 30.50 2.93
N ASP B 331 -19.53 29.21 3.01
CA ASP B 331 -20.84 28.78 3.50
C ASP B 331 -21.02 29.18 4.97
N ASP B 332 -19.91 29.27 5.69
CA ASP B 332 -19.99 29.63 7.10
C ASP B 332 -19.89 31.14 7.32
N MET B 333 -19.74 31.90 6.24
CA MET B 333 -19.90 33.34 6.34
C MET B 333 -21.33 33.65 5.97
N SER B 334 -21.84 32.91 5.00
CA SER B 334 -23.23 33.03 4.60
C SER B 334 -24.12 32.71 5.78
N LYS B 335 -23.89 31.55 6.38
CA LYS B 335 -24.65 31.10 7.54
C LYS B 335 -24.61 32.11 8.68
N ARG B 336 -23.43 32.65 8.94
CA ARG B 336 -23.25 33.59 10.06
C ARG B 336 -23.78 34.98 9.74
N LEU B 337 -23.96 35.26 8.45
CA LEU B 337 -24.63 36.48 8.03
C LEU B 337 -26.14 36.28 8.15
N LYS B 338 -26.60 35.10 7.78
CA LYS B 338 -28.00 34.71 7.87
C LYS B 338 -28.42 34.59 9.33
N SER B 339 -27.48 34.13 10.16
CA SER B 339 -27.71 34.05 11.60
C SER B 339 -27.38 35.38 12.27
N LEU B 340 -27.51 36.47 11.51
CA LEU B 340 -27.30 37.80 12.06
C LEU B 340 -28.32 38.77 11.50
N GLU B 341 -28.94 38.42 10.38
CA GLU B 341 -30.13 39.11 9.93
C GLU B 341 -31.26 38.75 10.89
N ARG B 342 -31.33 37.45 11.20
CA ARG B 342 -32.26 36.89 12.18
C ARG B 342 -32.36 37.74 13.43
N LYS B 343 -31.36 37.61 14.30
CA LYS B 343 -31.36 38.29 15.59
C LYS B 343 -31.10 39.79 15.46
N VAL B 344 -31.79 40.43 14.52
CA VAL B 344 -31.75 41.88 14.36
C VAL B 344 -33.13 42.41 13.97
N ALA C 9 29.40 2.10 -17.47
CA ALA C 9 30.27 2.94 -16.65
C ALA C 9 30.43 2.35 -15.25
N SER C 10 31.63 2.51 -14.70
CA SER C 10 31.98 1.97 -13.38
C SER C 10 33.24 2.68 -12.88
N ILE C 11 33.29 2.98 -11.59
CA ILE C 11 34.36 3.83 -11.08
C ILE C 11 34.65 3.57 -9.60
N ARG C 12 35.92 3.64 -9.24
CA ARG C 12 36.33 3.51 -7.84
C ARG C 12 35.79 4.69 -7.04
N LEU C 13 35.38 4.44 -5.80
CA LEU C 13 34.80 5.47 -4.95
C LEU C 13 35.74 6.64 -4.72
N ALA C 14 37.03 6.34 -4.53
CA ALA C 14 38.05 7.36 -4.35
C ALA C 14 38.20 8.26 -5.58
N ASP C 15 38.17 7.67 -6.78
CA ASP C 15 38.18 8.46 -8.01
C ASP C 15 36.93 9.36 -8.04
N LEU C 16 35.78 8.77 -7.72
CA LEU C 16 34.52 9.51 -7.77
C LEU C 16 34.58 10.67 -6.78
N ALA C 17 35.08 10.39 -5.58
CA ALA C 17 35.20 11.42 -4.55
C ALA C 17 36.11 12.55 -5.00
N GLN C 18 37.17 12.23 -5.73
CA GLN C 18 38.06 13.25 -6.26
C GLN C 18 37.31 14.18 -7.20
N GLN C 19 36.64 13.61 -8.19
CA GLN C 19 35.94 14.39 -9.21
C GLN C 19 34.84 15.28 -8.60
N LEU C 20 34.35 14.87 -7.44
CA LEU C 20 33.24 15.56 -6.79
C LEU C 20 33.72 16.56 -5.75
N ASP C 21 35.04 16.61 -5.54
CA ASP C 21 35.64 17.41 -4.47
C ASP C 21 34.97 17.06 -3.14
N ALA C 22 34.97 15.77 -2.82
CA ALA C 22 34.32 15.29 -1.61
C ALA C 22 35.31 14.67 -0.63
N GLU C 23 34.96 14.76 0.65
CA GLU C 23 35.75 14.16 1.72
C GLU C 23 35.27 12.71 1.87
N LEU C 24 36.20 11.76 1.72
CA LEU C 24 35.85 10.34 1.69
C LEU C 24 36.14 9.58 2.99
N HIS C 25 35.09 9.07 3.61
CA HIS C 25 35.24 8.18 4.76
C HIS C 25 34.78 6.77 4.37
N GLY C 26 35.73 5.88 4.08
CA GLY C 26 35.41 4.51 3.70
C GLY C 26 36.33 3.95 2.62
N ASP C 27 36.14 2.67 2.31
CA ASP C 27 36.94 1.97 1.30
C ASP C 27 36.93 2.67 -0.07
N GLY C 28 38.04 3.32 -0.41
CA GLY C 28 38.17 4.00 -1.68
C GLY C 28 38.20 3.04 -2.86
N ASP C 29 38.37 1.76 -2.55
CA ASP C 29 38.43 0.73 -3.59
C ASP C 29 37.05 0.21 -3.95
N ILE C 30 36.05 0.60 -3.17
CA ILE C 30 34.65 0.28 -3.49
C ILE C 30 34.32 0.69 -4.92
N VAL C 31 33.80 -0.24 -5.70
CA VAL C 31 33.49 0.06 -7.10
C VAL C 31 32.02 0.46 -7.25
N ILE C 32 31.80 1.69 -7.72
CA ILE C 32 30.46 2.24 -7.88
C ILE C 32 30.01 2.04 -9.31
N THR C 33 28.81 1.48 -9.47
CA THR C 33 28.29 1.14 -10.79
C THR C 33 27.18 2.07 -11.27
N GLY C 34 26.60 2.84 -10.35
CA GLY C 34 25.56 3.80 -10.72
C GLY C 34 24.91 4.49 -9.55
N VAL C 35 24.02 5.44 -9.85
CA VAL C 35 23.31 6.19 -8.83
C VAL C 35 21.92 5.58 -8.58
N ALA C 36 21.45 5.60 -7.34
CA ALA C 36 20.12 5.09 -7.07
C ALA C 36 19.46 5.89 -5.95
N SER C 37 18.14 5.74 -5.80
CA SER C 37 17.42 6.38 -4.72
C SER C 37 17.73 5.62 -3.45
N MET C 38 17.51 6.24 -2.28
CA MET C 38 17.83 5.55 -1.03
C MET C 38 17.07 4.23 -0.88
N GLN C 39 15.79 4.24 -1.28
CA GLN C 39 14.93 3.07 -1.17
C GLN C 39 15.40 1.93 -2.07
N SER C 40 15.89 2.27 -3.26
CA SER C 40 16.25 1.24 -4.25
C SER C 40 17.72 0.85 -4.23
N ALA C 41 18.58 1.67 -3.61
CA ALA C 41 20.02 1.45 -3.71
C ALA C 41 20.44 0.06 -3.23
N GLN C 42 21.36 -0.56 -3.97
CA GLN C 42 21.90 -1.85 -3.57
C GLN C 42 23.42 -1.73 -3.63
N THR C 43 24.12 -2.80 -3.29
CA THR C 43 25.59 -2.78 -3.32
C THR C 43 26.08 -2.32 -4.69
N GLY C 44 27.07 -1.45 -4.73
CA GLY C 44 27.50 -0.87 -6.00
C GLY C 44 26.93 0.52 -6.25
N HIS C 45 25.73 0.78 -5.76
CA HIS C 45 25.12 2.09 -5.96
C HIS C 45 25.60 3.16 -4.99
N ILE C 46 25.68 4.40 -5.45
CA ILE C 46 25.81 5.52 -4.56
C ILE C 46 24.47 6.26 -4.53
N THR C 47 24.15 6.81 -3.36
CA THR C 47 22.95 7.63 -3.22
C THR C 47 23.27 8.88 -2.40
N PHE C 48 22.24 9.61 -2.00
CA PHE C 48 22.45 10.87 -1.30
C PHE C 48 21.31 11.10 -0.33
N MET C 49 21.53 12.02 0.60
CA MET C 49 20.51 12.46 1.56
C MET C 49 20.62 13.98 1.73
N VAL C 50 19.50 14.67 1.57
CA VAL C 50 19.45 16.13 1.67
C VAL C 50 18.76 16.51 2.96
N ASN C 51 17.76 15.71 3.32
CA ASN C 51 16.91 15.95 4.48
C ASN C 51 17.36 15.12 5.68
N PRO C 52 17.76 15.79 6.78
CA PRO C 52 18.25 15.10 7.98
C PRO C 52 17.19 14.25 8.67
N LYS C 53 15.93 14.43 8.27
CA LYS C 53 14.86 13.60 8.80
C LYS C 53 14.99 12.15 8.30
N TYR C 54 15.80 11.97 7.27
CA TYR C 54 16.05 10.63 6.73
C TYR C 54 17.26 9.95 7.35
N ARG C 55 17.84 10.57 8.38
CA ARG C 55 18.99 9.99 9.07
C ARG C 55 18.70 8.57 9.58
N GLU C 56 17.50 8.34 10.09
CA GLU C 56 17.12 7.01 10.57
C GLU C 56 17.19 5.99 9.43
N HIS C 57 16.86 6.43 8.23
CA HIS C 57 16.69 5.51 7.10
C HIS C 57 18.02 5.00 6.54
N LEU C 58 19.10 5.67 6.88
CA LEU C 58 20.43 5.19 6.55
C LEU C 58 20.63 3.75 7.07
N GLY C 59 19.98 3.40 8.17
CA GLY C 59 20.13 2.08 8.76
C GLY C 59 19.43 0.97 8.00
N LEU C 60 18.84 1.34 6.87
CA LEU C 60 18.01 0.40 6.11
C LEU C 60 18.35 0.49 4.64
N CYS C 61 19.37 1.28 4.34
CA CYS C 61 19.77 1.56 2.95
C CYS C 61 20.90 0.62 2.54
N GLN C 62 20.80 0.03 1.36
CA GLN C 62 21.81 -0.94 0.95
C GLN C 62 22.85 -0.35 -0.02
N ALA C 63 22.91 0.98 -0.12
CA ALA C 63 23.90 1.63 -0.98
C ALA C 63 25.30 1.32 -0.51
N SER C 64 26.26 1.39 -1.42
CA SER C 64 27.65 1.21 -1.05
C SER C 64 28.24 2.52 -0.56
N ALA C 65 27.60 3.63 -0.91
CA ALA C 65 28.05 4.94 -0.43
C ALA C 65 26.92 5.94 -0.42
N VAL C 66 26.99 6.90 0.50
CA VAL C 66 25.95 7.92 0.59
C VAL C 66 26.58 9.29 0.66
N VAL C 67 26.10 10.21 -0.17
CA VAL C 67 26.56 11.59 -0.15
C VAL C 67 25.78 12.36 0.91
N MET C 68 26.50 13.09 1.77
CA MET C 68 25.84 13.73 2.90
C MET C 68 26.71 14.87 3.42
N THR C 69 26.26 15.53 4.49
CA THR C 69 27.06 16.59 5.11
C THR C 69 27.85 16.10 6.32
N GLN C 70 28.58 17.02 6.93
CA GLN C 70 29.38 16.72 8.11
C GLN C 70 28.51 16.32 9.29
N ASP C 71 27.37 17.00 9.43
CA ASP C 71 26.46 16.75 10.54
C ASP C 71 25.70 15.43 10.39
N ASP C 72 25.73 14.88 9.17
CA ASP C 72 25.08 13.61 8.91
C ASP C 72 26.04 12.45 9.16
N LEU C 73 27.33 12.78 9.17
CA LEU C 73 28.38 11.76 9.27
C LEU C 73 28.28 10.78 10.46
N PRO C 74 27.85 11.25 11.66
CA PRO C 74 27.75 10.28 12.75
C PRO C 74 26.71 9.21 12.52
N PHE C 75 25.82 9.45 11.55
CA PHE C 75 24.68 8.56 11.36
C PHE C 75 24.94 7.59 10.22
N ALA C 76 26.07 7.76 9.55
CA ALA C 76 26.41 6.91 8.41
C ALA C 76 26.50 5.45 8.80
N LYS C 77 26.02 4.57 7.93
CA LYS C 77 26.14 3.14 8.16
C LYS C 77 26.92 2.50 7.02
N SER C 78 27.50 3.33 6.17
CA SER C 78 28.22 2.87 5.00
C SER C 78 29.33 3.86 4.70
N ALA C 79 30.05 3.64 3.60
CA ALA C 79 31.00 4.63 3.14
C ALA C 79 30.24 5.95 2.92
N ALA C 80 30.87 7.07 3.25
CA ALA C 80 30.21 8.37 3.10
C ALA C 80 31.05 9.38 2.35
N LEU C 81 30.41 10.20 1.51
CA LEU C 81 31.08 11.32 0.86
C LEU C 81 30.55 12.59 1.50
N VAL C 82 31.40 13.30 2.24
CA VAL C 82 30.96 14.52 2.90
C VAL C 82 31.13 15.73 2.00
N VAL C 83 30.04 16.44 1.74
CA VAL C 83 30.10 17.66 0.94
C VAL C 83 29.25 18.76 1.57
N LYS C 84 29.32 19.95 0.99
CA LYS C 84 28.52 21.09 1.45
C LYS C 84 27.07 21.04 0.94
N ASN C 85 26.90 20.60 -0.30
CA ASN C 85 25.59 20.60 -0.96
C ASN C 85 25.32 19.25 -1.63
N PRO C 86 24.71 18.31 -0.89
CA PRO C 86 24.48 16.94 -1.36
C PRO C 86 23.71 16.89 -2.66
N TYR C 87 22.69 17.73 -2.81
CA TYR C 87 21.83 17.67 -3.98
C TYR C 87 22.60 18.07 -5.24
N LEU C 88 23.36 19.15 -5.12
CA LEU C 88 24.18 19.60 -6.25
C LEU C 88 25.24 18.55 -6.57
N THR C 89 25.80 17.93 -5.53
CA THR C 89 26.78 16.86 -5.70
C THR C 89 26.11 15.67 -6.40
N TYR C 90 24.85 15.43 -6.05
CA TYR C 90 24.03 14.44 -6.75
C TYR C 90 23.90 14.74 -8.23
N ALA C 91 23.67 16.00 -8.58
CA ALA C 91 23.52 16.33 -9.99
C ALA C 91 24.81 15.99 -10.72
N ARG C 92 25.93 16.39 -10.13
CA ARG C 92 27.25 16.15 -10.72
C ARG C 92 27.59 14.66 -10.82
N MET C 93 27.26 13.91 -9.78
CA MET C 93 27.64 12.51 -9.81
C MET C 93 26.72 11.77 -10.78
N ALA C 94 25.48 12.22 -10.91
CA ALA C 94 24.57 11.66 -11.89
C ALA C 94 25.07 11.97 -13.31
N GLN C 95 25.71 13.11 -13.50
CA GLN C 95 26.31 13.41 -14.80
C GLN C 95 27.50 12.49 -15.09
N ILE C 96 28.35 12.29 -14.10
CA ILE C 96 29.49 11.38 -14.25
C ILE C 96 29.02 9.97 -14.58
N LEU C 97 27.97 9.51 -13.91
CA LEU C 97 27.48 8.15 -14.07
C LEU C 97 26.27 8.05 -15.00
N ASP C 98 26.12 9.04 -15.88
CA ASP C 98 24.97 9.11 -16.78
C ASP C 98 24.92 7.94 -17.79
N THR C 99 23.80 7.25 -17.84
CA THR C 99 23.57 6.18 -18.81
C THR C 99 22.75 6.62 -20.03
N THR C 100 22.33 7.88 -20.08
CA THR C 100 21.56 8.40 -21.21
C THR C 100 22.34 8.33 -22.52
N PRO C 101 21.76 7.72 -23.57
CA PRO C 101 22.52 7.65 -24.83
C PRO C 101 22.47 8.98 -25.56
N GLN C 102 23.11 9.06 -26.72
CA GLN C 102 23.03 10.28 -27.54
C GLN C 102 21.94 10.14 -28.59
N PRO C 103 21.35 11.27 -29.01
CA PRO C 103 20.23 11.17 -29.96
C PRO C 103 20.64 10.58 -31.29
N ALA C 104 21.95 10.57 -31.58
CA ALA C 104 22.48 10.11 -32.87
C ALA C 104 23.99 10.08 -32.81
N GLN C 105 24.60 9.30 -33.70
CA GLN C 105 26.05 9.21 -33.79
C GLN C 105 26.43 9.17 -35.27
N ASN C 106 27.44 9.95 -35.65
CA ASN C 106 27.81 10.10 -37.06
C ASN C 106 26.66 10.65 -37.90
N ILE C 107 26.81 10.64 -39.21
CA ILE C 107 25.80 11.19 -40.09
C ILE C 107 25.07 10.07 -40.82
N ALA C 108 23.76 9.98 -40.63
CA ALA C 108 22.99 8.85 -41.16
C ALA C 108 22.84 8.93 -42.67
N PRO C 109 22.95 7.78 -43.34
CA PRO C 109 22.78 7.64 -44.79
C PRO C 109 21.44 8.18 -45.23
N SER C 110 20.42 7.96 -44.40
CA SER C 110 19.04 8.33 -44.72
C SER C 110 18.69 9.79 -44.38
N ALA C 111 19.61 10.51 -43.74
CA ALA C 111 19.35 11.92 -43.45
C ALA C 111 19.37 12.67 -44.77
N VAL C 112 18.49 13.66 -44.91
CA VAL C 112 18.46 14.48 -46.13
C VAL C 112 18.99 15.87 -45.84
N ILE C 113 20.21 16.13 -46.32
CA ILE C 113 20.94 17.34 -45.97
C ILE C 113 21.22 18.19 -47.22
N ASP C 114 20.74 19.43 -47.21
CA ASP C 114 20.92 20.31 -48.36
C ASP C 114 22.41 20.55 -48.61
N ALA C 115 22.78 20.75 -49.89
CA ALA C 115 24.18 20.93 -50.26
C ALA C 115 24.79 22.22 -49.72
N THR C 116 23.94 23.20 -49.38
CA THR C 116 24.46 24.46 -48.85
C THR C 116 24.57 24.47 -47.32
N ALA C 117 24.10 23.40 -46.68
CA ALA C 117 24.18 23.30 -45.23
C ALA C 117 25.64 23.27 -44.77
N LYS C 118 25.94 23.97 -43.68
CA LYS C 118 27.31 24.10 -43.19
C LYS C 118 27.44 23.32 -41.88
N LEU C 119 28.31 22.30 -41.88
CA LEU C 119 28.51 21.41 -40.74
C LEU C 119 29.85 21.64 -40.05
N GLY C 120 29.82 21.80 -38.74
CA GLY C 120 31.06 21.93 -38.00
C GLY C 120 31.70 20.56 -37.84
N ASN C 121 32.69 20.47 -36.98
CA ASN C 121 33.31 19.18 -36.68
C ASN C 121 32.52 18.38 -35.66
N ASN C 122 32.59 17.06 -35.81
CA ASN C 122 32.02 16.14 -34.84
C ASN C 122 30.51 16.35 -34.74
N VAL C 123 29.88 16.68 -35.86
CA VAL C 123 28.41 16.76 -35.93
C VAL C 123 27.82 15.36 -36.16
N SER C 124 26.74 15.04 -35.43
CA SER C 124 26.00 13.81 -35.66
C SER C 124 24.56 14.15 -36.06
N ILE C 125 24.05 13.47 -37.07
CA ILE C 125 22.69 13.68 -37.58
C ILE C 125 21.97 12.35 -37.74
N GLY C 126 20.82 12.21 -37.10
CA GLY C 126 20.13 10.93 -37.00
C GLY C 126 19.39 10.55 -38.25
N ALA C 127 18.94 9.29 -38.29
CA ALA C 127 18.22 8.75 -39.45
C ALA C 127 16.99 9.58 -39.80
N ASN C 128 16.83 9.87 -41.10
CA ASN C 128 15.66 10.57 -41.64
C ASN C 128 15.46 12.00 -41.16
N ALA C 129 16.50 12.58 -40.55
CA ALA C 129 16.45 14.00 -40.25
C ALA C 129 16.50 14.76 -41.57
N VAL C 130 16.00 16.00 -41.57
CA VAL C 130 15.98 16.82 -42.77
C VAL C 130 16.60 18.18 -42.45
N ILE C 131 17.67 18.52 -43.14
CA ILE C 131 18.37 19.78 -42.89
C ILE C 131 18.23 20.66 -44.14
N GLU C 132 17.67 21.84 -43.97
CA GLU C 132 17.35 22.70 -45.12
C GLU C 132 18.55 23.53 -45.57
N SER C 133 18.39 24.24 -46.69
CA SER C 133 19.47 25.06 -47.22
C SER C 133 19.85 26.15 -46.22
N GLY C 134 21.13 26.52 -46.24
CA GLY C 134 21.64 27.63 -45.44
C GLY C 134 21.82 27.36 -43.96
N VAL C 135 21.41 26.17 -43.49
CA VAL C 135 21.56 25.84 -42.07
C VAL C 135 23.05 25.79 -41.70
N GLU C 136 23.39 26.27 -40.50
CA GLU C 136 24.75 26.09 -39.97
C GLU C 136 24.67 25.33 -38.65
N LEU C 137 25.38 24.21 -38.56
CA LEU C 137 25.44 23.42 -37.33
C LEU C 137 26.85 23.52 -36.73
N GLY C 138 26.94 23.86 -35.46
CA GLY C 138 28.24 24.05 -34.82
C GLY C 138 28.94 22.76 -34.48
N ASP C 139 30.19 22.85 -34.06
CA ASP C 139 30.95 21.68 -33.64
C ASP C 139 30.18 20.93 -32.54
N ASN C 140 30.20 19.60 -32.61
CA ASN C 140 29.61 18.72 -31.60
C ASN C 140 28.09 18.79 -31.53
N VAL C 141 27.47 19.48 -32.47
CA VAL C 141 26.01 19.50 -32.54
C VAL C 141 25.45 18.12 -32.88
N ILE C 142 24.39 17.71 -32.18
CA ILE C 142 23.79 16.42 -32.47
C ILE C 142 22.31 16.62 -32.80
N ILE C 143 21.88 16.11 -33.96
CA ILE C 143 20.50 16.26 -34.40
C ILE C 143 19.83 14.88 -34.40
N GLY C 144 18.81 14.72 -33.58
CA GLY C 144 18.15 13.43 -33.44
C GLY C 144 17.44 13.01 -34.72
N ALA C 145 17.03 11.74 -34.77
CA ALA C 145 16.34 11.19 -35.93
C ALA C 145 15.04 11.94 -36.19
N GLY C 146 14.70 12.12 -37.46
CA GLY C 146 13.40 12.68 -37.83
C GLY C 146 13.24 14.17 -37.52
N CYS C 147 14.31 14.83 -37.10
CA CYS C 147 14.19 16.28 -36.91
C CYS C 147 14.03 17.01 -38.24
N PHE C 148 13.50 18.23 -38.15
CA PHE C 148 13.50 19.15 -39.26
C PHE C 148 14.18 20.40 -38.79
N VAL C 149 15.13 20.91 -39.57
CA VAL C 149 15.78 22.18 -39.28
C VAL C 149 15.67 23.07 -40.51
N GLY C 150 14.92 24.17 -40.37
CA GLY C 150 14.47 24.94 -41.51
C GLY C 150 15.51 25.89 -42.06
N LYS C 151 15.18 26.56 -43.17
CA LYS C 151 16.16 27.37 -43.92
C LYS C 151 16.91 28.43 -43.10
N ASN C 152 18.22 28.47 -43.30
CA ASN C 152 19.10 29.46 -42.67
C ASN C 152 19.15 29.48 -41.14
N SER C 153 18.59 28.46 -40.49
CA SER C 153 18.65 28.39 -39.03
C SER C 153 20.08 28.06 -38.59
N LYS C 154 20.44 28.51 -37.39
CA LYS C 154 21.78 28.25 -36.86
C LYS C 154 21.70 27.63 -35.48
N ILE C 155 22.50 26.60 -35.25
CA ILE C 155 22.52 25.90 -33.97
C ILE C 155 23.94 25.87 -33.42
N GLY C 156 24.12 26.47 -32.25
CA GLY C 156 25.45 26.65 -31.68
C GLY C 156 26.09 25.39 -31.16
N ALA C 157 27.42 25.44 -31.01
CA ALA C 157 28.24 24.30 -30.63
C ALA C 157 27.74 23.57 -29.40
N GLY C 158 27.75 22.24 -29.48
CA GLY C 158 27.44 21.41 -28.33
C GLY C 158 25.93 21.23 -28.14
N SER C 159 25.13 21.84 -29.01
CA SER C 159 23.68 21.76 -28.83
C SER C 159 23.09 20.45 -29.36
N ARG C 160 22.01 19.99 -28.74
CA ARG C 160 21.46 18.69 -29.09
C ARG C 160 19.95 18.70 -29.18
N LEU C 161 19.42 17.99 -30.19
CA LEU C 161 17.97 17.87 -30.38
C LEU C 161 17.65 16.39 -30.34
N TRP C 162 16.68 16.01 -29.51
CA TRP C 162 16.23 14.63 -29.51
C TRP C 162 15.39 14.37 -30.76
N ALA C 163 14.84 13.16 -30.89
CA ALA C 163 14.15 12.78 -32.14
C ALA C 163 12.94 13.66 -32.40
N ASN C 164 12.60 13.89 -33.66
CA ASN C 164 11.34 14.54 -34.05
C ASN C 164 11.11 15.93 -33.44
N VAL C 165 12.17 16.75 -33.42
CA VAL C 165 12.04 18.16 -33.06
C VAL C 165 11.91 18.98 -34.34
N THR C 166 11.09 20.02 -34.29
CA THR C 166 10.94 20.87 -35.45
C THR C 166 11.48 22.26 -35.18
N ILE C 167 12.49 22.66 -35.95
CA ILE C 167 13.01 24.00 -35.89
C ILE C 167 12.64 24.67 -37.21
N TYR C 168 11.96 25.82 -37.16
CA TYR C 168 11.59 26.53 -38.40
C TYR C 168 12.81 27.26 -38.98
N HIS C 169 12.55 28.15 -39.95
CA HIS C 169 13.60 28.92 -40.63
C HIS C 169 14.07 30.10 -39.80
N GLU C 170 15.32 30.53 -40.02
CA GLU C 170 15.89 31.75 -39.42
C GLU C 170 15.93 31.71 -37.90
N ILE C 171 16.00 30.52 -37.33
CA ILE C 171 16.07 30.41 -35.89
C ILE C 171 17.53 30.35 -35.46
N GLN C 172 17.85 31.01 -34.34
CA GLN C 172 19.20 30.95 -33.81
C GLN C 172 19.15 30.26 -32.44
N ILE C 173 19.95 29.22 -32.28
CA ILE C 173 20.03 28.53 -31.02
C ILE C 173 21.50 28.57 -30.59
N GLY C 174 21.75 28.95 -29.35
CA GLY C 174 23.12 29.07 -28.86
C GLY C 174 23.81 27.75 -28.56
N GLN C 175 24.80 27.77 -27.68
CA GLN C 175 25.60 26.60 -27.34
C GLN C 175 25.05 25.73 -26.21
N ASN C 176 25.33 24.43 -26.28
CA ASN C 176 25.04 23.49 -25.20
C ASN C 176 23.59 23.49 -24.77
N CYS C 177 22.70 23.64 -25.74
CA CYS C 177 21.26 23.57 -25.47
C CYS C 177 20.75 22.13 -25.56
N LEU C 178 19.54 21.87 -25.09
CA LEU C 178 18.96 20.55 -25.24
C LEU C 178 17.46 20.68 -25.41
N ILE C 179 16.94 20.10 -26.47
CA ILE C 179 15.51 20.19 -26.77
C ILE C 179 14.96 18.78 -26.89
N GLN C 180 13.93 18.47 -26.10
CA GLN C 180 13.34 17.14 -26.12
C GLN C 180 12.35 16.98 -27.28
N SER C 181 11.98 15.74 -27.57
CA SER C 181 11.15 15.43 -28.75
C SER C 181 9.79 16.13 -28.79
N GLY C 182 9.26 16.32 -30.00
CA GLY C 182 7.91 16.86 -30.19
C GLY C 182 7.84 18.38 -30.09
N THR C 183 8.94 19.00 -29.68
CA THR C 183 8.97 20.44 -29.54
C THR C 183 9.07 21.16 -30.89
N VAL C 184 8.41 22.31 -31.00
CA VAL C 184 8.38 23.10 -32.22
C VAL C 184 8.88 24.49 -31.91
N VAL C 185 9.98 24.88 -32.57
CA VAL C 185 10.55 26.20 -32.38
C VAL C 185 10.44 27.02 -33.67
N GLY C 186 9.75 28.15 -33.62
CA GLY C 186 9.73 29.07 -34.76
C GLY C 186 8.48 29.08 -35.61
N ALA C 187 7.40 28.45 -35.11
CA ALA C 187 6.11 28.46 -35.83
C ALA C 187 5.56 29.87 -35.86
N ASP C 188 4.66 30.15 -36.81
CA ASP C 188 4.04 31.47 -36.92
C ASP C 188 3.34 31.89 -35.63
N GLY C 189 3.58 33.11 -35.18
CA GLY C 189 2.78 33.69 -34.11
C GLY C 189 1.31 33.73 -34.53
N PHE C 190 0.41 33.76 -33.56
CA PHE C 190 -1.03 33.86 -33.83
C PHE C 190 -1.38 35.28 -34.24
N GLY C 191 -0.99 35.68 -35.45
CA GLY C 191 -1.14 37.06 -35.89
C GLY C 191 -2.14 37.22 -37.02
N TYR C 192 -3.26 37.86 -36.71
CA TYR C 192 -4.29 38.08 -37.70
C TYR C 192 -4.92 39.43 -37.49
N ALA C 193 -5.24 40.11 -38.59
CA ALA C 193 -5.99 41.34 -38.54
C ALA C 193 -7.42 41.01 -38.93
N ASN C 194 -8.36 41.80 -38.46
CA ASN C 194 -9.77 41.56 -38.80
C ASN C 194 -10.24 42.49 -39.92
N ASP C 195 -10.51 41.92 -41.09
CA ASP C 195 -11.06 42.69 -42.20
C ASP C 195 -12.52 42.33 -42.41
N ARG C 196 -13.41 43.15 -41.85
CA ARG C 196 -14.85 42.96 -41.99
C ARG C 196 -15.29 41.56 -41.56
N GLY C 197 -14.80 41.11 -40.41
CA GLY C 197 -15.18 39.81 -39.87
C GLY C 197 -14.28 38.66 -40.29
N ASN C 198 -13.62 38.83 -41.43
CA ASN C 198 -12.65 37.85 -41.94
C ASN C 198 -11.21 38.07 -41.44
N TRP C 199 -10.54 36.97 -41.12
CA TRP C 199 -9.19 37.05 -40.60
C TRP C 199 -8.20 37.10 -41.73
N VAL C 200 -7.32 38.09 -41.67
CA VAL C 200 -6.29 38.26 -42.66
C VAL C 200 -4.98 37.93 -41.97
N LYS C 201 -4.27 36.93 -42.48
CA LYS C 201 -3.02 36.50 -41.87
C LYS C 201 -1.98 37.59 -41.90
N ILE C 202 -1.27 37.73 -40.78
CA ILE C 202 -0.11 38.62 -40.72
C ILE C 202 1.12 37.74 -40.73
N PRO C 203 1.89 37.76 -41.84
CA PRO C 203 3.15 36.99 -41.91
C PRO C 203 3.99 37.30 -40.69
N GLN C 204 4.59 36.27 -40.10
CA GLN C 204 5.39 36.46 -38.90
C GLN C 204 6.85 36.39 -39.30
N ILE C 205 7.49 37.54 -39.43
CA ILE C 205 8.84 37.57 -40.00
C ILE C 205 9.93 37.85 -38.99
N GLY C 206 9.54 37.92 -37.72
CA GLY C 206 10.53 37.91 -36.66
C GLY C 206 11.09 36.50 -36.55
N ARG C 207 11.93 36.28 -35.54
CA ARG C 207 12.62 35.01 -35.39
C ARG C 207 12.45 34.49 -33.98
N VAL C 208 13.17 33.43 -33.65
CA VAL C 208 13.34 33.08 -32.25
C VAL C 208 14.84 33.03 -32.01
N ILE C 209 15.30 33.69 -30.95
CA ILE C 209 16.71 33.66 -30.60
C ILE C 209 16.82 32.92 -29.28
N ILE C 210 17.47 31.78 -29.27
CA ILE C 210 17.64 31.03 -28.03
C ILE C 210 19.10 31.15 -27.56
N GLY C 211 19.29 31.56 -26.30
CA GLY C 211 20.64 31.76 -25.76
C GLY C 211 21.40 30.46 -25.48
N ASP C 212 22.48 30.55 -24.71
CA ASP C 212 23.29 29.38 -24.40
C ASP C 212 22.75 28.56 -23.23
N ARG C 213 22.97 27.25 -23.30
CA ARG C 213 22.64 26.34 -22.22
C ARG C 213 21.18 26.46 -21.80
N VAL C 214 20.29 26.49 -22.80
CA VAL C 214 18.85 26.48 -22.56
C VAL C 214 18.32 25.06 -22.72
N GLU C 215 17.43 24.63 -21.83
CA GLU C 215 16.85 23.30 -21.95
C GLU C 215 15.35 23.39 -22.07
N ILE C 216 14.83 22.75 -23.11
CA ILE C 216 13.41 22.80 -23.42
C ILE C 216 12.86 21.38 -23.49
N GLY C 217 11.72 21.17 -22.84
CA GLY C 217 11.13 19.85 -22.72
C GLY C 217 10.37 19.48 -23.98
N ALA C 218 9.41 18.56 -23.85
CA ALA C 218 8.75 17.93 -24.99
C ALA C 218 7.37 18.53 -25.25
N CYS C 219 6.95 18.52 -26.52
CA CYS C 219 5.68 19.10 -26.98
C CYS C 219 5.45 20.53 -26.49
N THR C 220 6.53 21.29 -26.46
CA THR C 220 6.46 22.70 -26.15
C THR C 220 6.55 23.47 -27.47
N THR C 221 5.84 24.59 -27.56
CA THR C 221 5.85 25.38 -28.79
C THR C 221 6.37 26.78 -28.45
N ILE C 222 7.31 27.27 -29.26
CA ILE C 222 7.83 28.61 -29.07
C ILE C 222 7.70 29.36 -30.38
N ASP C 223 6.78 30.31 -30.45
CA ASP C 223 6.49 30.97 -31.71
C ASP C 223 7.53 32.03 -32.09
N ARG C 224 7.69 32.26 -33.37
CA ARG C 224 8.57 33.33 -33.83
C ARG C 224 7.86 34.65 -33.69
N GLY C 225 8.63 35.73 -33.57
CA GLY C 225 8.04 37.05 -33.43
C GLY C 225 7.40 37.56 -34.72
N ALA C 226 6.60 38.62 -34.60
CA ALA C 226 5.92 39.17 -35.77
C ALA C 226 6.90 39.97 -36.61
N LEU C 227 7.76 40.73 -35.95
CA LEU C 227 8.69 41.62 -36.66
C LEU C 227 10.01 41.60 -35.93
N ASP C 228 9.98 41.95 -34.65
CA ASP C 228 11.09 41.67 -33.75
C ASP C 228 10.98 40.22 -33.25
N ASP C 229 11.90 39.80 -32.40
CA ASP C 229 12.13 38.39 -32.15
C ASP C 229 11.58 37.89 -30.82
N THR C 230 11.24 36.61 -30.79
CA THR C 230 11.02 35.94 -29.51
C THR C 230 12.40 35.61 -28.95
N ILE C 231 12.63 35.90 -27.68
CA ILE C 231 13.97 35.74 -27.10
C ILE C 231 13.94 34.90 -25.83
N ILE C 232 14.72 33.82 -25.80
CA ILE C 232 14.87 32.96 -24.62
C ILE C 232 16.27 33.15 -24.05
N GLY C 233 16.36 33.67 -22.82
CA GLY C 233 17.65 34.02 -22.23
C GLY C 233 18.59 32.85 -21.97
N ASN C 234 19.86 33.14 -21.67
CA ASN C 234 20.82 32.10 -21.32
C ASN C 234 20.42 31.39 -20.03
N GLY C 235 20.65 30.07 -19.98
CA GLY C 235 20.40 29.29 -18.76
C GLY C 235 18.93 29.05 -18.40
N VAL C 236 18.01 29.43 -19.29
CA VAL C 236 16.58 29.22 -19.03
C VAL C 236 16.20 27.74 -19.13
N ILE C 237 15.30 27.28 -18.27
CA ILE C 237 14.80 25.93 -18.39
C ILE C 237 13.28 25.94 -18.56
N ILE C 238 12.80 25.25 -19.60
CA ILE C 238 11.37 25.22 -19.91
C ILE C 238 10.90 23.78 -20.00
N ASP C 239 9.83 23.46 -19.28
CA ASP C 239 9.37 22.07 -19.15
C ASP C 239 8.51 21.71 -20.38
N ASN C 240 7.69 20.67 -20.26
CA ASN C 240 6.85 20.19 -21.38
C ASN C 240 5.56 20.98 -21.55
N GLN C 241 4.95 20.88 -22.74
CA GLN C 241 3.59 21.39 -23.01
C GLN C 241 3.41 22.90 -22.82
N CYS C 242 4.50 23.66 -22.84
CA CYS C 242 4.35 25.11 -22.69
C CYS C 242 4.09 25.77 -24.03
N GLN C 243 3.44 26.93 -23.99
CA GLN C 243 3.26 27.74 -25.18
C GLN C 243 3.95 29.06 -24.91
N ILE C 244 5.00 29.35 -25.67
CA ILE C 244 5.72 30.60 -25.54
C ILE C 244 5.37 31.44 -26.74
N ALA C 245 4.53 32.45 -26.56
CA ALA C 245 3.93 33.14 -27.69
C ALA C 245 4.92 34.07 -28.38
N ALA C 246 4.50 34.63 -29.52
CA ALA C 246 5.38 35.50 -30.29
C ALA C 246 5.85 36.69 -29.47
N ASN C 247 7.14 37.03 -29.63
CA ASN C 247 7.76 38.19 -28.98
C ASN C 247 7.75 38.17 -27.44
N VAL C 248 7.60 36.99 -26.85
CA VAL C 248 7.83 36.84 -25.43
C VAL C 248 9.34 36.98 -25.24
N VAL C 249 9.76 37.69 -24.20
CA VAL C 249 11.17 37.76 -23.85
C VAL C 249 11.34 37.16 -22.46
N ILE C 250 12.23 36.19 -22.32
CA ILE C 250 12.43 35.53 -21.02
C ILE C 250 13.87 35.73 -20.56
N GLY C 251 14.04 36.36 -19.40
CA GLY C 251 15.36 36.67 -18.88
C GLY C 251 16.20 35.47 -18.45
N ASP C 252 17.52 35.66 -18.40
CA ASP C 252 18.46 34.62 -18.00
C ASP C 252 18.09 33.85 -16.71
N ASN C 253 18.27 32.53 -16.75
CA ASN C 253 18.16 31.68 -15.56
C ASN C 253 16.73 31.50 -15.03
N THR C 254 15.76 31.90 -15.84
CA THR C 254 14.35 31.71 -15.47
C THR C 254 13.89 30.28 -15.74
N ALA C 255 13.03 29.77 -14.85
CA ALA C 255 12.50 28.42 -14.97
C ALA C 255 11.00 28.49 -15.21
N VAL C 256 10.52 27.70 -16.17
CA VAL C 256 9.12 27.67 -16.52
C VAL C 256 8.67 26.21 -16.47
N ALA C 257 7.86 25.85 -15.48
CA ALA C 257 7.38 24.46 -15.36
C ALA C 257 6.32 24.11 -16.41
N GLY C 258 5.84 22.87 -16.38
CA GLY C 258 5.06 22.32 -17.47
C GLY C 258 3.69 22.95 -17.65
N GLY C 259 3.23 23.03 -18.91
CA GLY C 259 1.88 23.46 -19.21
C GLY C 259 1.62 24.94 -19.08
N VAL C 260 2.67 25.75 -18.97
CA VAL C 260 2.48 27.20 -18.83
C VAL C 260 2.06 27.81 -20.19
N ILE C 261 1.06 28.70 -20.16
CA ILE C 261 0.62 29.39 -21.37
C ILE C 261 0.99 30.87 -21.28
N MET C 262 1.80 31.35 -22.22
CA MET C 262 2.20 32.76 -22.20
C MET C 262 1.65 33.48 -23.41
N ALA C 263 1.05 34.65 -23.17
CA ALA C 263 0.49 35.45 -24.26
C ALA C 263 1.61 36.26 -24.91
N GLY C 264 1.32 36.84 -26.07
CA GLY C 264 2.33 37.54 -26.85
C GLY C 264 2.87 38.80 -26.19
N SER C 265 4.14 39.10 -26.46
CA SER C 265 4.78 40.34 -26.01
C SER C 265 4.90 40.46 -24.50
N LEU C 266 4.85 39.33 -23.80
CA LEU C 266 5.15 39.29 -22.37
C LEU C 266 6.66 39.36 -22.13
N LYS C 267 7.08 40.12 -21.12
CA LYS C 267 8.49 40.15 -20.76
C LYS C 267 8.65 39.63 -19.34
N ILE C 268 9.41 38.54 -19.20
CA ILE C 268 9.73 37.99 -17.89
C ILE C 268 11.19 38.25 -17.55
N GLY C 269 11.44 38.65 -16.31
CA GLY C 269 12.79 38.98 -15.87
C GLY C 269 13.69 37.78 -15.60
N ARG C 270 14.81 38.05 -14.94
CA ARG C 270 15.79 37.03 -14.61
C ARG C 270 15.42 36.31 -13.33
N TYR C 271 15.87 35.07 -13.19
CA TYR C 271 15.74 34.29 -11.96
C TYR C 271 14.29 34.14 -11.51
N CYS C 272 13.38 34.11 -12.47
CA CYS C 272 11.99 33.88 -12.12
C CYS C 272 11.69 32.39 -12.04
N MET C 273 10.60 32.05 -11.36
CA MET C 273 10.12 30.68 -11.27
C MET C 273 8.66 30.71 -11.61
N ILE C 274 8.29 30.14 -12.76
CA ILE C 274 6.89 30.16 -13.17
C ILE C 274 6.27 28.77 -12.96
N GLY C 275 5.34 28.67 -12.02
CA GLY C 275 4.73 27.40 -11.67
C GLY C 275 3.93 26.80 -12.83
N GLY C 276 3.86 25.47 -12.86
CA GLY C 276 3.20 24.79 -13.95
C GLY C 276 1.74 25.17 -14.11
N ALA C 277 1.25 25.12 -15.34
CA ALA C 277 -0.17 25.38 -15.64
C ALA C 277 -0.59 26.84 -15.39
N SER C 278 0.39 27.71 -15.13
CA SER C 278 0.11 29.14 -15.04
C SER C 278 -0.28 29.70 -16.42
N VAL C 279 -1.02 30.80 -16.41
CA VAL C 279 -1.48 31.43 -17.63
C VAL C 279 -1.16 32.89 -17.49
N ILE C 280 -0.46 33.45 -18.47
CA ILE C 280 0.09 34.79 -18.31
C ILE C 280 -0.34 35.73 -19.43
N ASN C 281 -0.94 36.85 -19.05
CA ASN C 281 -1.41 37.85 -19.98
C ASN C 281 -0.21 38.46 -20.72
N GLY C 282 -0.47 39.12 -21.85
CA GLY C 282 0.61 39.63 -22.70
C GLY C 282 0.84 41.14 -22.59
N HIS C 283 1.76 41.66 -23.39
CA HIS C 283 2.02 43.10 -23.44
C HIS C 283 2.24 43.72 -22.06
N MET C 284 2.99 43.03 -21.23
CA MET C 284 3.26 43.50 -19.88
C MET C 284 4.55 42.88 -19.39
N GLU C 285 4.98 43.28 -18.21
CA GLU C 285 6.29 42.85 -17.73
C GLU C 285 6.19 42.22 -16.33
N ILE C 286 7.00 41.19 -16.13
CA ILE C 286 7.23 40.61 -14.82
C ILE C 286 8.70 40.87 -14.48
N CYS C 287 8.95 41.51 -13.34
CA CYS C 287 10.31 41.88 -12.96
C CYS C 287 11.15 40.66 -12.54
N ASP C 288 12.40 40.90 -12.15
CA ASP C 288 13.30 39.83 -11.72
C ASP C 288 12.86 39.19 -10.40
N LYS C 289 13.24 37.92 -10.22
CA LYS C 289 13.06 37.20 -8.95
C LYS C 289 11.60 37.12 -8.48
N VAL C 290 10.71 36.86 -9.43
CA VAL C 290 9.32 36.63 -9.12
C VAL C 290 9.02 35.15 -9.21
N THR C 291 8.35 34.62 -8.19
CA THR C 291 7.86 33.25 -8.24
C THR C 291 6.35 33.29 -8.39
N VAL C 292 5.81 32.59 -9.38
CA VAL C 292 4.38 32.45 -9.53
C VAL C 292 4.02 31.00 -9.24
N THR C 293 3.11 30.74 -8.30
CA THR C 293 2.80 29.35 -7.97
C THR C 293 1.90 28.70 -9.03
N GLY C 294 1.71 27.38 -8.91
CA GLY C 294 1.01 26.62 -9.92
C GLY C 294 -0.40 27.12 -10.22
N MET C 295 -0.76 27.05 -11.50
CA MET C 295 -2.08 27.47 -11.99
C MET C 295 -2.35 28.94 -11.72
N GLY C 296 -1.28 29.73 -11.62
CA GLY C 296 -1.41 31.16 -11.43
C GLY C 296 -2.15 31.82 -12.57
N MET C 297 -3.09 32.68 -12.23
CA MET C 297 -3.77 33.47 -13.24
C MET C 297 -3.11 34.83 -13.25
N VAL C 298 -2.14 35.00 -14.14
CA VAL C 298 -1.34 36.22 -14.14
C VAL C 298 -1.89 37.24 -15.12
N MET C 299 -2.80 38.06 -14.61
CA MET C 299 -3.49 39.03 -15.44
C MET C 299 -2.76 40.37 -15.47
N ARG C 300 -2.10 40.70 -14.37
CA ARG C 300 -1.48 42.02 -14.24
C ARG C 300 0.04 41.95 -14.19
N PRO C 301 0.71 43.08 -14.50
CA PRO C 301 2.18 43.14 -14.41
C PRO C 301 2.61 42.91 -12.97
N ILE C 302 3.84 42.41 -12.79
CA ILE C 302 4.41 42.23 -11.46
C ILE C 302 5.68 43.07 -11.37
N THR C 303 5.68 44.04 -10.46
CA THR C 303 6.76 45.02 -10.37
C THR C 303 7.69 44.81 -9.19
N GLU C 304 7.25 44.01 -8.23
CA GLU C 304 8.06 43.72 -7.05
C GLU C 304 8.32 42.22 -6.97
N PRO C 305 9.57 41.85 -6.63
CA PRO C 305 9.92 40.41 -6.56
C PRO C 305 9.19 39.76 -5.39
N GLY C 306 9.19 38.42 -5.36
CA GLY C 306 8.47 37.70 -4.32
C GLY C 306 7.57 36.63 -4.92
N VAL C 307 6.69 36.09 -4.08
CA VAL C 307 5.84 34.95 -4.46
C VAL C 307 4.37 35.37 -4.60
N TYR C 308 3.75 34.96 -5.69
CA TYR C 308 2.40 35.38 -6.04
C TYR C 308 1.57 34.16 -6.41
N SER C 309 0.30 34.16 -6.01
CA SER C 309 -0.52 32.96 -6.13
C SER C 309 -1.98 33.30 -6.46
N SER C 310 -2.69 32.31 -7.02
CA SER C 310 -4.13 32.43 -7.22
C SER C 310 -4.74 31.05 -7.18
N GLY C 311 -6.05 30.98 -7.03
CA GLY C 311 -6.76 29.71 -7.14
C GLY C 311 -7.47 29.28 -5.88
N ILE C 312 -8.59 28.60 -6.05
CA ILE C 312 -9.30 27.99 -4.94
C ILE C 312 -9.18 26.47 -5.04
N PRO C 313 -8.50 25.85 -4.07
CA PRO C 313 -8.18 24.42 -4.14
C PRO C 313 -9.40 23.51 -4.05
N LEU C 314 -9.19 22.22 -4.28
CA LEU C 314 -10.23 21.20 -4.28
C LEU C 314 -11.07 21.13 -3.03
N GLN C 315 -12.36 20.88 -3.24
CA GLN C 315 -13.28 20.55 -2.16
C GLN C 315 -14.12 19.35 -2.56
N PRO C 316 -14.69 18.63 -1.57
CA PRO C 316 -15.66 17.59 -1.89
C PRO C 316 -16.75 18.19 -2.78
N ASN C 317 -17.25 17.44 -3.77
CA ASN C 317 -18.15 18.05 -4.75
C ASN C 317 -19.37 18.75 -4.17
N LYS C 318 -19.97 18.14 -3.13
CA LYS C 318 -21.11 18.74 -2.44
C LYS C 318 -20.79 20.13 -1.92
N VAL C 319 -19.66 20.24 -1.21
CA VAL C 319 -19.20 21.50 -0.65
C VAL C 319 -18.92 22.50 -1.77
N TRP C 320 -18.19 22.05 -2.78
CA TRP C 320 -17.86 22.91 -3.90
C TRP C 320 -19.08 23.55 -4.53
N ARG C 321 -20.13 22.76 -4.76
CA ARG C 321 -21.37 23.26 -5.33
C ARG C 321 -21.84 24.48 -4.55
N LYS C 322 -21.76 24.37 -3.23
CA LYS C 322 -22.18 25.45 -2.35
C LYS C 322 -21.22 26.62 -2.50
N THR C 323 -19.93 26.34 -2.41
CA THR C 323 -18.91 27.36 -2.54
C THR C 323 -19.10 28.19 -3.81
N ALA C 324 -19.15 27.51 -4.95
CA ALA C 324 -19.25 28.17 -6.24
C ALA C 324 -20.51 29.05 -6.33
N ALA C 325 -21.63 28.50 -5.87
CA ALA C 325 -22.88 29.24 -5.90
C ALA C 325 -22.80 30.52 -5.07
N LEU C 326 -22.20 30.41 -3.89
CA LEU C 326 -22.08 31.57 -3.01
C LEU C 326 -21.14 32.63 -3.61
N VAL C 327 -20.00 32.18 -4.12
CA VAL C 327 -19.05 33.11 -4.74
C VAL C 327 -19.70 33.81 -5.93
N MET C 328 -20.40 33.05 -6.75
CA MET C 328 -21.05 33.63 -7.92
C MET C 328 -22.11 34.65 -7.52
N ASN C 329 -22.57 34.57 -6.28
CA ASN C 329 -23.55 35.52 -5.75
C ASN C 329 -22.98 36.40 -4.65
N ILE C 330 -21.66 36.58 -4.65
CA ILE C 330 -20.97 37.30 -3.59
C ILE C 330 -21.33 38.78 -3.50
N ASP C 331 -21.86 39.35 -4.59
CA ASP C 331 -22.27 40.75 -4.54
C ASP C 331 -23.49 40.89 -3.64
N ASP C 332 -24.39 39.91 -3.70
CA ASP C 332 -25.61 39.91 -2.89
C ASP C 332 -25.27 39.77 -1.40
N MET C 333 -24.17 39.09 -1.10
CA MET C 333 -23.67 39.01 0.26
C MET C 333 -23.12 40.36 0.68
N SER C 334 -22.41 41.00 -0.24
CA SER C 334 -21.80 42.30 0.05
C SER C 334 -22.85 43.37 0.32
N LYS C 335 -23.91 43.38 -0.47
CA LYS C 335 -24.97 44.37 -0.30
C LYS C 335 -25.76 44.11 0.98
N ARG C 336 -25.94 42.84 1.32
CA ARG C 336 -26.60 42.49 2.55
C ARG C 336 -25.74 42.89 3.74
N LEU C 337 -24.43 42.82 3.56
CA LEU C 337 -23.48 43.19 4.60
C LEU C 337 -23.51 44.69 4.90
N LYS C 338 -23.29 45.52 3.88
CA LYS C 338 -23.25 46.98 4.07
C LYS C 338 -24.49 47.52 4.75
N SER C 339 -25.62 46.85 4.51
CA SER C 339 -26.91 47.26 5.05
C SER C 339 -27.04 46.87 6.52
N LEU C 340 -25.91 46.58 7.16
CA LEU C 340 -25.88 46.27 8.58
C LEU C 340 -24.96 47.22 9.32
N GLU C 341 -23.79 47.50 8.72
CA GLU C 341 -22.93 48.57 9.20
C GLU C 341 -23.72 49.86 9.16
N ARG C 342 -24.60 49.94 8.17
CA ARG C 342 -25.60 50.99 8.06
C ARG C 342 -26.44 51.03 9.34
N LYS C 343 -27.29 50.03 9.52
CA LYS C 343 -28.17 49.95 10.69
C LYS C 343 -27.40 49.69 11.99
N VAL C 344 -26.45 50.58 12.29
CA VAL C 344 -25.52 50.37 13.39
C VAL C 344 -24.69 51.61 13.65
N HIS D 8 1.92 -61.84 22.60
CA HIS D 8 1.05 -62.37 23.65
C HIS D 8 1.84 -62.80 24.87
N ALA D 9 2.02 -61.89 25.82
CA ALA D 9 2.68 -62.23 27.08
C ALA D 9 1.79 -63.11 27.94
N SER D 10 2.40 -63.88 28.81
CA SER D 10 1.67 -64.76 29.71
C SER D 10 2.56 -65.01 30.92
N ILE D 11 2.12 -64.56 32.10
CA ILE D 11 2.94 -64.67 33.30
C ILE D 11 2.11 -64.97 34.53
N ARG D 12 2.61 -65.87 35.38
CA ARG D 12 1.94 -66.23 36.63
C ARG D 12 2.00 -65.05 37.57
N LEU D 13 0.89 -64.78 38.25
CA LEU D 13 0.81 -63.61 39.12
C LEU D 13 1.88 -63.62 40.20
N ALA D 14 2.16 -64.80 40.77
CA ALA D 14 3.25 -64.93 41.75
C ALA D 14 4.61 -64.55 41.18
N ASP D 15 4.87 -64.94 39.93
CA ASP D 15 6.14 -64.58 39.30
C ASP D 15 6.20 -63.07 39.00
N LEU D 16 5.05 -62.48 38.67
CA LEU D 16 5.00 -61.03 38.44
C LEU D 16 5.19 -60.28 39.76
N ALA D 17 4.55 -60.75 40.82
CA ALA D 17 4.66 -60.09 42.13
C ALA D 17 6.10 -60.08 42.59
N GLN D 18 6.76 -61.20 42.37
CA GLN D 18 8.15 -61.37 42.72
C GLN D 18 9.02 -60.36 41.98
N GLN D 19 8.76 -60.16 40.69
CA GLN D 19 9.56 -59.21 39.90
C GLN D 19 9.29 -57.77 40.31
N LEU D 20 8.11 -57.53 40.88
CA LEU D 20 7.70 -56.18 41.26
C LEU D 20 7.98 -55.90 42.72
N ASP D 21 8.51 -56.90 43.42
CA ASP D 21 8.70 -56.85 44.88
C ASP D 21 7.40 -56.48 45.59
N ALA D 22 6.30 -57.10 45.18
CA ALA D 22 4.97 -56.87 45.78
C ALA D 22 4.54 -58.04 46.67
N GLU D 23 3.72 -57.71 47.67
CA GLU D 23 3.11 -58.72 48.53
C GLU D 23 1.81 -59.21 47.90
N LEU D 24 1.80 -60.48 47.49
CA LEU D 24 0.62 -61.00 46.80
C LEU D 24 -0.47 -61.45 47.79
N HIS D 25 -1.64 -60.81 47.70
CA HIS D 25 -2.84 -61.29 48.40
C HIS D 25 -3.79 -61.91 47.39
N GLY D 26 -3.76 -63.23 47.28
CA GLY D 26 -4.59 -63.94 46.31
C GLY D 26 -3.83 -65.06 45.63
N ASP D 27 -4.45 -65.64 44.60
CA ASP D 27 -3.94 -66.85 43.93
C ASP D 27 -2.76 -66.57 43.00
N GLY D 28 -1.60 -67.11 43.36
CA GLY D 28 -0.36 -66.94 42.62
C GLY D 28 -0.32 -67.61 41.26
N ASP D 29 -1.23 -68.56 41.03
CA ASP D 29 -1.30 -69.28 39.76
C ASP D 29 -2.12 -68.54 38.70
N ILE D 30 -2.72 -67.41 39.09
CA ILE D 30 -3.48 -66.61 38.15
C ILE D 30 -2.57 -66.23 36.99
N VAL D 31 -3.06 -66.36 35.76
CA VAL D 31 -2.25 -66.02 34.60
C VAL D 31 -2.58 -64.61 34.12
N ILE D 32 -1.56 -63.75 34.17
CA ILE D 32 -1.68 -62.36 33.76
C ILE D 32 -1.17 -62.22 32.33
N THR D 33 -1.95 -61.61 31.45
CA THR D 33 -1.56 -61.52 30.04
C THR D 33 -1.29 -60.08 29.60
N GLY D 34 -1.63 -59.11 30.44
CA GLY D 34 -1.38 -57.72 30.11
C GLY D 34 -1.91 -56.74 31.13
N VAL D 35 -1.62 -55.46 30.90
CA VAL D 35 -2.09 -54.38 31.76
C VAL D 35 -3.29 -53.70 31.11
N ALA D 36 -4.25 -53.24 31.92
CA ALA D 36 -5.38 -52.52 31.38
C ALA D 36 -5.88 -51.50 32.38
N SER D 37 -6.75 -50.60 31.94
CA SER D 37 -7.34 -49.64 32.85
C SER D 37 -8.39 -50.35 33.69
N MET D 38 -8.80 -49.74 34.79
CA MET D 38 -9.82 -50.33 35.65
C MET D 38 -11.14 -50.53 34.91
N GLN D 39 -11.47 -49.62 33.98
CA GLN D 39 -12.76 -49.64 33.34
C GLN D 39 -12.77 -50.66 32.20
N SER D 40 -11.59 -50.94 31.65
CA SER D 40 -11.49 -51.84 30.52
C SER D 40 -10.95 -53.24 30.83
N ALA D 41 -10.36 -53.41 32.02
CA ALA D 41 -9.72 -54.69 32.38
C ALA D 41 -10.65 -55.88 32.21
N GLN D 42 -10.11 -56.98 31.68
CA GLN D 42 -10.84 -58.26 31.60
C GLN D 42 -10.11 -59.25 32.49
N THR D 43 -10.70 -60.44 32.64
CA THR D 43 -9.99 -61.56 33.25
C THR D 43 -8.63 -61.71 32.58
N GLY D 44 -7.59 -61.87 33.37
CA GLY D 44 -6.24 -61.99 32.84
C GLY D 44 -5.49 -60.67 32.82
N HIS D 45 -6.19 -59.57 33.06
CA HIS D 45 -5.51 -58.28 33.10
C HIS D 45 -5.15 -57.91 34.52
N ILE D 46 -4.06 -57.15 34.66
CA ILE D 46 -3.72 -56.55 35.94
C ILE D 46 -3.92 -55.05 35.81
N THR D 47 -4.33 -54.38 36.87
CA THR D 47 -4.49 -52.92 36.81
C THR D 47 -3.94 -52.31 38.09
N PHE D 48 -4.17 -51.02 38.31
CA PHE D 48 -3.61 -50.38 39.48
C PHE D 48 -4.52 -49.25 39.94
N MET D 49 -4.27 -48.76 41.15
CA MET D 49 -5.09 -47.67 41.68
C MET D 49 -4.23 -46.77 42.55
N VAL D 50 -4.30 -45.48 42.29
CA VAL D 50 -3.55 -44.53 43.10
C VAL D 50 -4.49 -43.67 43.92
N ASN D 51 -5.58 -43.24 43.29
CA ASN D 51 -6.56 -42.39 43.94
C ASN D 51 -7.51 -43.21 44.82
N PRO D 52 -7.59 -42.88 46.13
CA PRO D 52 -8.47 -43.60 47.04
C PRO D 52 -9.94 -43.43 46.68
N LYS D 53 -10.24 -42.46 45.82
CA LYS D 53 -11.62 -42.27 45.36
C LYS D 53 -12.12 -43.48 44.57
N TYR D 54 -11.19 -44.25 44.01
CA TYR D 54 -11.56 -45.44 43.23
C TYR D 54 -11.77 -46.69 44.09
N ARG D 55 -11.60 -46.55 45.41
CA ARG D 55 -11.78 -47.70 46.30
C ARG D 55 -13.17 -48.33 46.15
N GLU D 56 -14.21 -47.52 46.09
CA GLU D 56 -15.58 -48.06 46.02
C GLU D 56 -15.85 -48.66 44.64
N HIS D 57 -15.03 -48.25 43.68
CA HIS D 57 -15.09 -48.67 42.29
C HIS D 57 -14.52 -50.10 42.12
N LEU D 58 -13.71 -50.55 43.07
CA LEU D 58 -13.00 -51.84 42.90
C LEU D 58 -13.93 -53.01 42.59
N GLY D 59 -15.11 -53.03 43.22
CA GLY D 59 -16.10 -54.07 42.94
C GLY D 59 -16.54 -54.16 41.47
N LEU D 60 -16.53 -53.03 40.78
CA LEU D 60 -16.98 -52.92 39.38
C LEU D 60 -15.98 -53.54 38.42
N CYS D 61 -14.72 -53.54 38.84
CA CYS D 61 -13.58 -53.86 37.98
C CYS D 61 -13.47 -55.35 37.68
N GLN D 62 -13.22 -55.68 36.41
CA GLN D 62 -13.08 -57.08 36.02
C GLN D 62 -11.62 -57.59 35.98
N ALA D 63 -10.67 -56.76 36.41
CA ALA D 63 -9.24 -57.18 36.39
C ALA D 63 -9.03 -58.45 37.21
N SER D 64 -8.02 -59.26 36.86
CA SER D 64 -7.65 -60.42 37.66
C SER D 64 -6.82 -60.04 38.90
N ALA D 65 -6.22 -58.86 38.86
CA ALA D 65 -5.40 -58.37 39.96
C ALA D 65 -5.30 -56.86 39.91
N VAL D 66 -5.20 -56.25 41.09
CA VAL D 66 -5.02 -54.81 41.19
C VAL D 66 -3.80 -54.47 42.07
N VAL D 67 -2.91 -53.63 41.53
CA VAL D 67 -1.79 -53.10 42.32
C VAL D 67 -2.31 -51.95 43.20
N MET D 68 -2.02 -52.00 44.51
CA MET D 68 -2.54 -51.00 45.44
C MET D 68 -1.66 -50.92 46.71
N THR D 69 -2.01 -50.02 47.64
CA THR D 69 -1.27 -49.86 48.89
C THR D 69 -1.86 -50.70 50.04
N GLN D 70 -1.15 -50.76 51.16
CA GLN D 70 -1.66 -51.48 52.33
C GLN D 70 -3.03 -50.94 52.79
N ASP D 71 -3.18 -49.62 52.77
CA ASP D 71 -4.46 -49.01 53.21
C ASP D 71 -5.65 -49.30 52.30
N ASP D 72 -5.37 -49.60 51.04
CA ASP D 72 -6.42 -49.90 50.07
C ASP D 72 -6.95 -51.31 50.25
N LEU D 73 -6.12 -52.18 50.81
CA LEU D 73 -6.41 -53.62 50.87
C LEU D 73 -7.80 -54.04 51.41
N PRO D 74 -8.33 -53.34 52.44
CA PRO D 74 -9.65 -53.79 52.92
C PRO D 74 -10.76 -53.56 51.91
N PHE D 75 -10.47 -52.81 50.85
CA PHE D 75 -11.49 -52.54 49.85
C PHE D 75 -11.37 -53.49 48.65
N ALA D 76 -10.29 -54.25 48.60
CA ALA D 76 -10.02 -55.13 47.46
C ALA D 76 -11.11 -56.20 47.24
N LYS D 77 -11.42 -56.47 45.98
CA LYS D 77 -12.36 -57.54 45.64
C LYS D 77 -11.78 -58.41 44.53
N SER D 78 -10.46 -58.61 44.57
CA SER D 78 -9.75 -59.37 43.56
C SER D 78 -8.39 -59.67 44.17
N ALA D 79 -7.59 -60.52 43.53
CA ALA D 79 -6.19 -60.65 43.96
C ALA D 79 -5.55 -59.27 43.99
N ALA D 80 -4.82 -58.97 45.05
CA ALA D 80 -4.21 -57.64 45.22
C ALA D 80 -2.71 -57.75 45.37
N LEU D 81 -2.00 -56.87 44.66
CA LEU D 81 -0.56 -56.72 44.84
C LEU D 81 -0.31 -55.47 45.66
N VAL D 82 0.15 -55.64 46.91
CA VAL D 82 0.38 -54.51 47.78
C VAL D 82 1.81 -53.99 47.65
N VAL D 83 1.95 -52.69 47.38
CA VAL D 83 3.25 -52.03 47.28
C VAL D 83 3.17 -50.66 47.92
N LYS D 84 4.31 -49.99 48.03
CA LYS D 84 4.33 -48.64 48.56
C LYS D 84 3.96 -47.60 47.50
N ASN D 85 4.35 -47.85 46.25
CA ASN D 85 4.18 -46.88 45.16
C ASN D 85 3.54 -47.52 43.94
N PRO D 86 2.19 -47.61 43.93
CA PRO D 86 1.47 -48.29 42.84
C PRO D 86 1.74 -47.70 41.46
N TYR D 87 1.92 -46.38 41.38
CA TYR D 87 2.16 -45.78 40.07
C TYR D 87 3.50 -46.23 39.48
N LEU D 88 4.53 -46.32 40.32
CA LEU D 88 5.86 -46.76 39.87
C LEU D 88 5.84 -48.25 39.55
N THR D 89 5.08 -49.00 40.34
CA THR D 89 4.90 -50.42 40.09
C THR D 89 4.19 -50.64 38.75
N TYR D 90 3.18 -49.82 38.47
CA TYR D 90 2.51 -49.82 37.16
C TYR D 90 3.52 -49.63 36.04
N ALA D 91 4.41 -48.63 36.18
CA ALA D 91 5.45 -48.40 35.18
C ALA D 91 6.27 -49.69 34.94
N ARG D 92 6.70 -50.33 36.01
CA ARG D 92 7.51 -51.53 35.90
C ARG D 92 6.77 -52.70 35.26
N MET D 93 5.52 -52.92 35.67
CA MET D 93 4.76 -54.06 35.17
C MET D 93 4.35 -53.81 33.73
N ALA D 94 4.09 -52.54 33.41
CA ALA D 94 3.81 -52.18 32.01
C ALA D 94 4.99 -52.52 31.13
N GLN D 95 6.21 -52.27 31.63
CA GLN D 95 7.41 -52.58 30.87
C GLN D 95 7.58 -54.09 30.71
N ILE D 96 7.29 -54.84 31.77
CA ILE D 96 7.41 -56.29 31.72
C ILE D 96 6.48 -56.88 30.67
N LEU D 97 5.28 -56.32 30.58
CA LEU D 97 4.24 -56.82 29.69
C LEU D 97 4.04 -55.95 28.45
N ASP D 98 5.05 -55.16 28.09
CA ASP D 98 4.95 -54.21 26.97
C ASP D 98 4.68 -54.90 25.62
N THR D 99 3.72 -54.38 24.86
CA THR D 99 3.37 -54.95 23.56
C THR D 99 3.88 -54.12 22.39
N THR D 100 4.43 -52.94 22.69
CA THR D 100 5.00 -52.07 21.67
C THR D 100 6.00 -52.77 20.76
N PRO D 101 5.80 -52.67 19.43
CA PRO D 101 6.76 -53.30 18.50
C PRO D 101 8.01 -52.45 18.38
N GLN D 102 8.99 -52.95 17.64
CA GLN D 102 10.22 -52.20 17.39
C GLN D 102 10.10 -51.42 16.09
N PRO D 103 10.86 -50.33 15.95
CA PRO D 103 10.78 -49.47 14.76
C PRO D 103 11.21 -50.22 13.51
N ALA D 104 12.06 -51.23 13.68
CA ALA D 104 12.54 -52.04 12.56
C ALA D 104 13.20 -53.31 13.08
N GLN D 105 13.34 -54.32 12.22
CA GLN D 105 14.14 -55.49 12.57
C GLN D 105 15.02 -55.86 11.38
N ASN D 106 16.27 -56.20 11.66
CA ASN D 106 17.27 -56.43 10.63
C ASN D 106 17.57 -55.18 9.80
N ILE D 107 18.22 -55.38 8.67
CA ILE D 107 18.58 -54.27 7.81
C ILE D 107 17.84 -54.32 6.49
N ALA D 108 16.98 -53.33 6.25
CA ALA D 108 16.14 -53.32 5.07
C ALA D 108 16.98 -53.14 3.82
N PRO D 109 16.65 -53.89 2.75
CA PRO D 109 17.37 -53.75 1.48
C PRO D 109 17.16 -52.38 0.84
N SER D 110 16.05 -51.72 1.16
CA SER D 110 15.75 -50.41 0.58
C SER D 110 16.43 -49.26 1.32
N ALA D 111 17.03 -49.57 2.48
CA ALA D 111 17.78 -48.55 3.21
C ALA D 111 19.01 -48.15 2.41
N VAL D 112 19.40 -46.89 2.51
CA VAL D 112 20.64 -46.43 1.86
C VAL D 112 21.71 -46.11 2.90
N ILE D 113 22.73 -46.97 2.98
CA ILE D 113 23.73 -46.90 4.04
C ILE D 113 25.11 -46.67 3.43
N ASP D 114 25.74 -45.54 3.78
CA ASP D 114 27.05 -45.22 3.23
C ASP D 114 28.04 -46.29 3.63
N ALA D 115 28.95 -46.65 2.72
CA ALA D 115 29.90 -47.71 3.00
C ALA D 115 30.90 -47.36 4.10
N THR D 116 31.00 -46.07 4.43
CA THR D 116 31.88 -45.64 5.51
C THR D 116 31.20 -45.67 6.87
N ALA D 117 29.89 -45.90 6.89
CA ALA D 117 29.15 -46.00 8.14
C ALA D 117 29.56 -47.24 8.93
N LYS D 118 29.72 -47.10 10.24
CA LYS D 118 30.04 -48.23 11.11
C LYS D 118 28.81 -48.71 11.87
N LEU D 119 28.50 -49.99 11.76
CA LEU D 119 27.35 -50.56 12.46
C LEU D 119 27.83 -51.56 13.50
N GLY D 120 27.38 -51.38 14.73
CA GLY D 120 27.68 -52.36 15.76
C GLY D 120 26.87 -53.63 15.59
N ASN D 121 26.86 -54.46 16.63
CA ASN D 121 26.15 -55.72 16.63
C ASN D 121 24.63 -55.59 16.75
N ASN D 122 23.90 -56.43 16.01
CA ASN D 122 22.45 -56.51 16.13
C ASN D 122 21.76 -55.16 15.89
N VAL D 123 22.27 -54.42 14.90
CA VAL D 123 21.68 -53.14 14.54
C VAL D 123 20.55 -53.41 13.57
N SER D 124 19.42 -52.74 13.76
CA SER D 124 18.32 -52.81 12.80
C SER D 124 18.11 -51.46 12.12
N ILE D 125 17.79 -51.50 10.83
CA ILE D 125 17.58 -50.27 10.06
C ILE D 125 16.38 -50.42 9.14
N GLY D 126 15.39 -49.56 9.32
CA GLY D 126 14.13 -49.68 8.61
C GLY D 126 14.20 -49.34 7.13
N ALA D 127 13.13 -49.68 6.42
CA ALA D 127 12.98 -49.40 4.99
C ALA D 127 13.17 -47.93 4.64
N ASN D 128 13.93 -47.69 3.58
CA ASN D 128 14.13 -46.34 3.05
C ASN D 128 14.76 -45.31 3.98
N ALA D 129 15.33 -45.77 5.09
CA ALA D 129 16.17 -44.91 5.94
C ALA D 129 17.48 -44.58 5.20
N VAL D 130 18.07 -43.44 5.52
CA VAL D 130 19.28 -42.96 4.84
C VAL D 130 20.38 -42.66 5.86
N ILE D 131 21.48 -43.40 5.77
CA ILE D 131 22.59 -43.25 6.71
C ILE D 131 23.82 -42.67 6.01
N GLU D 132 24.29 -41.50 6.45
CA GLU D 132 25.34 -40.79 5.73
C GLU D 132 26.73 -41.31 6.05
N SER D 133 27.74 -40.72 5.42
CA SER D 133 29.12 -41.12 5.62
C SER D 133 29.56 -40.86 7.05
N GLY D 134 30.48 -41.68 7.55
CA GLY D 134 31.05 -41.47 8.87
C GLY D 134 30.14 -41.75 10.05
N VAL D 135 28.87 -42.08 9.80
CA VAL D 135 27.95 -42.38 10.88
C VAL D 135 28.38 -43.61 11.71
N GLU D 136 28.26 -43.53 13.03
CA GLU D 136 28.48 -44.71 13.87
C GLU D 136 27.24 -45.07 14.64
N LEU D 137 26.79 -46.31 14.49
CA LEU D 137 25.63 -46.82 15.23
C LEU D 137 26.07 -47.94 16.18
N GLY D 138 25.85 -47.75 17.48
CA GLY D 138 26.29 -48.74 18.46
C GLY D 138 25.49 -50.02 18.43
N ASP D 139 25.86 -50.98 19.29
CA ASP D 139 25.14 -52.25 19.33
C ASP D 139 23.66 -52.08 19.66
N ASN D 140 22.82 -52.91 19.05
CA ASN D 140 21.38 -52.92 19.29
C ASN D 140 20.67 -51.60 18.98
N VAL D 141 21.33 -50.70 18.26
CA VAL D 141 20.62 -49.49 17.82
C VAL D 141 19.53 -49.87 16.81
N ILE D 142 18.39 -49.18 16.89
CA ILE D 142 17.31 -49.37 15.93
C ILE D 142 16.90 -48.06 15.25
N ILE D 143 17.08 -48.01 13.93
CA ILE D 143 16.71 -46.84 13.13
C ILE D 143 15.42 -47.14 12.36
N GLY D 144 14.35 -46.39 12.65
CA GLY D 144 13.08 -46.62 12.00
C GLY D 144 13.10 -46.27 10.52
N ALA D 145 12.02 -46.66 9.83
CA ALA D 145 11.86 -46.39 8.40
C ALA D 145 11.96 -44.91 8.08
N GLY D 146 12.57 -44.57 6.96
CA GLY D 146 12.57 -43.20 6.48
C GLY D 146 13.33 -42.18 7.31
N CYS D 147 14.11 -42.65 8.29
CA CYS D 147 14.96 -41.72 9.02
C CYS D 147 16.10 -41.22 8.15
N PHE D 148 16.64 -40.06 8.51
CA PHE D 148 17.90 -39.59 7.93
C PHE D 148 18.87 -39.38 9.08
N VAL D 149 20.08 -39.95 8.97
CA VAL D 149 21.11 -39.72 9.97
C VAL D 149 22.35 -39.11 9.31
N GLY D 150 22.67 -37.87 9.68
CA GLY D 150 23.64 -37.06 8.95
C GLY D 150 25.10 -37.38 9.19
N LYS D 151 25.99 -36.77 8.40
CA LYS D 151 27.42 -37.13 8.39
C LYS D 151 28.07 -37.09 9.76
N ASN D 152 28.77 -38.19 10.08
CA ASN D 152 29.62 -38.28 11.26
C ASN D 152 28.85 -38.31 12.58
N SER D 153 27.54 -38.44 12.49
CA SER D 153 26.76 -38.52 13.71
C SER D 153 26.91 -39.87 14.39
N LYS D 154 26.77 -39.87 15.71
CA LYS D 154 27.06 -41.05 16.52
C LYS D 154 25.88 -41.32 17.43
N ILE D 155 25.38 -42.54 17.37
CA ILE D 155 24.22 -42.95 18.15
C ILE D 155 24.63 -44.14 19.00
N GLY D 156 24.51 -43.99 20.32
CA GLY D 156 25.03 -44.99 21.25
C GLY D 156 24.16 -46.22 21.41
N ALA D 157 24.75 -47.25 22.01
CA ALA D 157 24.12 -48.56 22.17
C ALA D 157 22.71 -48.51 22.72
N GLY D 158 21.82 -49.27 22.09
CA GLY D 158 20.46 -49.41 22.59
C GLY D 158 19.52 -48.27 22.26
N SER D 159 20.04 -47.21 21.64
CA SER D 159 19.17 -46.08 21.27
C SER D 159 18.27 -46.41 20.08
N ARG D 160 17.11 -45.78 20.02
CA ARG D 160 16.12 -46.13 19.00
C ARG D 160 15.42 -44.90 18.44
N LEU D 161 15.26 -44.89 17.12
CA LEU D 161 14.54 -43.81 16.44
C LEU D 161 13.27 -44.40 15.80
N TRP D 162 12.11 -43.79 16.05
CA TRP D 162 10.93 -44.23 15.33
C TRP D 162 11.02 -43.74 13.89
N ALA D 163 9.99 -43.98 13.06
CA ALA D 163 10.10 -43.64 11.64
C ALA D 163 10.23 -42.13 11.42
N ASN D 164 10.90 -41.73 10.33
CA ASN D 164 10.89 -40.32 9.89
C ASN D 164 11.39 -39.32 10.93
N VAL D 165 12.46 -39.70 11.64
CA VAL D 165 13.23 -38.78 12.46
C VAL D 165 14.38 -38.21 11.61
N THR D 166 14.71 -36.94 11.82
CA THR D 166 15.88 -36.38 11.14
C THR D 166 16.99 -35.99 12.12
N ILE D 167 18.16 -36.60 11.94
CA ILE D 167 19.35 -36.27 12.71
C ILE D 167 20.33 -35.63 11.74
N TYR D 168 20.76 -34.40 12.05
CA TYR D 168 21.72 -33.71 11.20
C TYR D 168 23.14 -34.28 11.42
N HIS D 169 24.12 -33.62 10.84
CA HIS D 169 25.54 -34.03 10.89
C HIS D 169 26.17 -33.68 12.22
N GLU D 170 27.20 -34.45 12.60
CA GLU D 170 28.00 -34.19 13.81
C GLU D 170 27.18 -34.21 15.12
N ILE D 171 26.06 -34.90 15.11
CA ILE D 171 25.25 -35.02 16.31
C ILE D 171 25.69 -36.22 17.14
N GLN D 172 25.66 -36.07 18.46
CA GLN D 172 25.97 -37.20 19.33
C GLN D 172 24.81 -37.56 20.23
N ILE D 173 24.42 -38.83 20.19
CA ILE D 173 23.36 -39.33 21.04
C ILE D 173 23.86 -40.51 21.87
N GLY D 174 23.62 -40.45 23.18
CA GLY D 174 24.08 -41.49 24.09
C GLY D 174 23.36 -42.83 23.98
N GLN D 175 23.35 -43.57 25.08
CA GLN D 175 22.83 -44.93 25.11
C GLN D 175 21.40 -44.99 25.60
N ASN D 176 20.62 -45.92 25.06
CA ASN D 176 19.25 -46.17 25.52
C ASN D 176 18.33 -44.96 25.41
N CYS D 177 18.51 -44.16 24.36
CA CYS D 177 17.62 -43.05 24.10
C CYS D 177 16.46 -43.48 23.21
N LEU D 178 15.43 -42.65 23.16
CA LEU D 178 14.27 -42.93 22.31
C LEU D 178 13.77 -41.63 21.75
N ILE D 179 13.64 -41.56 20.43
CA ILE D 179 13.17 -40.36 19.76
C ILE D 179 11.97 -40.69 18.89
N GLN D 180 10.86 -39.97 19.09
CA GLN D 180 9.62 -40.27 18.34
C GLN D 180 9.65 -39.61 16.95
N SER D 181 8.69 -40.00 16.09
CA SER D 181 8.67 -39.56 14.70
C SER D 181 8.58 -38.05 14.47
N GLY D 182 9.15 -37.58 13.36
CA GLY D 182 8.99 -36.20 12.94
C GLY D 182 9.86 -35.22 13.71
N THR D 183 10.61 -35.72 14.69
CA THR D 183 11.55 -34.88 15.44
C THR D 183 12.81 -34.60 14.62
N VAL D 184 13.34 -33.38 14.75
CA VAL D 184 14.54 -32.97 14.03
C VAL D 184 15.60 -32.54 15.02
N VAL D 185 16.74 -33.22 14.97
CA VAL D 185 17.82 -32.89 15.88
C VAL D 185 19.01 -32.34 15.12
N GLY D 186 19.35 -31.09 15.42
CA GLY D 186 20.57 -30.52 14.89
C GLY D 186 20.43 -29.58 13.70
N ALA D 187 19.22 -29.12 13.44
CA ALA D 187 19.02 -28.06 12.44
C ALA D 187 19.80 -26.82 12.84
N ASP D 188 20.06 -25.94 11.86
CA ASP D 188 20.68 -24.64 12.15
C ASP D 188 19.92 -23.88 13.20
N GLY D 189 20.62 -23.34 14.18
CA GLY D 189 20.03 -22.38 15.09
C GLY D 189 19.63 -21.15 14.29
N PHE D 190 18.75 -20.35 14.86
CA PHE D 190 18.19 -19.19 14.17
C PHE D 190 19.21 -18.05 14.25
N GLY D 191 20.31 -18.17 13.51
CA GLY D 191 21.45 -17.27 13.65
C GLY D 191 21.70 -16.37 12.45
N TYR D 192 21.55 -15.05 12.64
CA TYR D 192 21.57 -14.09 11.53
C TYR D 192 22.07 -12.76 12.08
N ALA D 193 22.93 -12.10 11.31
CA ALA D 193 23.42 -10.77 11.65
C ALA D 193 22.66 -9.79 10.79
N ASN D 194 22.36 -8.62 11.33
CA ASN D 194 21.61 -7.66 10.54
C ASN D 194 22.59 -6.71 9.86
N ASP D 195 22.50 -6.56 8.54
CA ASP D 195 23.35 -5.58 7.85
C ASP D 195 22.45 -4.56 7.18
N ARG D 196 22.22 -3.45 7.87
CA ARG D 196 21.35 -2.38 7.36
C ARG D 196 20.01 -2.91 6.89
N GLY D 197 19.43 -3.81 7.68
CA GLY D 197 18.08 -4.29 7.41
C GLY D 197 18.02 -5.61 6.69
N ASN D 198 19.14 -6.04 6.09
CA ASN D 198 19.22 -7.35 5.44
C ASN D 198 19.82 -8.36 6.41
N TRP D 199 19.22 -9.54 6.51
CA TRP D 199 19.74 -10.57 7.40
C TRP D 199 20.83 -11.34 6.69
N VAL D 200 21.92 -11.57 7.42
CA VAL D 200 23.04 -12.31 6.87
C VAL D 200 23.23 -13.56 7.73
N LYS D 201 23.23 -14.72 7.07
CA LYS D 201 23.29 -16.00 7.75
C LYS D 201 24.57 -16.24 8.54
N ILE D 202 24.42 -16.70 9.78
CA ILE D 202 25.57 -17.13 10.56
C ILE D 202 25.56 -18.65 10.60
N PRO D 203 26.51 -19.30 9.90
CA PRO D 203 26.59 -20.76 9.92
C PRO D 203 26.63 -21.30 11.34
N GLN D 204 25.93 -22.39 11.59
CA GLN D 204 25.83 -22.90 12.94
C GLN D 204 26.69 -24.14 13.01
N ILE D 205 27.91 -23.99 13.54
CA ILE D 205 28.89 -25.05 13.44
C ILE D 205 29.11 -25.77 14.76
N GLY D 206 28.34 -25.38 15.78
CA GLY D 206 28.30 -26.21 16.98
C GLY D 206 27.51 -27.49 16.71
N ARG D 207 27.28 -28.27 17.76
CA ARG D 207 26.60 -29.54 17.60
C ARG D 207 25.44 -29.69 18.59
N VAL D 208 24.86 -30.88 18.62
CA VAL D 208 23.95 -31.26 19.70
C VAL D 208 24.54 -32.49 20.37
N ILE D 209 24.62 -32.45 21.70
CA ILE D 209 25.13 -33.57 22.47
C ILE D 209 23.99 -34.04 23.36
N ILE D 210 23.47 -35.21 23.07
CA ILE D 210 22.39 -35.77 23.86
C ILE D 210 22.90 -36.91 24.76
N GLY D 211 22.53 -36.89 26.05
CA GLY D 211 23.08 -37.85 27.01
C GLY D 211 22.50 -39.25 26.89
N ASP D 212 22.57 -40.03 27.97
CA ASP D 212 22.01 -41.38 27.99
C ASP D 212 20.58 -41.35 28.51
N ARG D 213 19.75 -42.30 28.07
CA ARG D 213 18.40 -42.47 28.62
C ARG D 213 17.55 -41.21 28.44
N VAL D 214 17.74 -40.54 27.32
CA VAL D 214 16.95 -39.35 26.98
C VAL D 214 15.79 -39.79 26.09
N GLU D 215 14.61 -39.26 26.36
CA GLU D 215 13.45 -39.56 25.52
C GLU D 215 12.91 -38.27 24.98
N ILE D 216 12.73 -38.24 23.66
CA ILE D 216 12.23 -37.05 23.00
C ILE D 216 10.97 -37.37 22.21
N GLY D 217 9.96 -36.51 22.35
CA GLY D 217 8.67 -36.72 21.70
C GLY D 217 8.71 -36.39 20.21
N ALA D 218 7.54 -36.22 19.62
CA ALA D 218 7.37 -36.09 18.17
C ALA D 218 7.28 -34.64 17.73
N CYS D 219 7.71 -34.38 16.49
CA CYS D 219 7.77 -33.01 15.95
C CYS D 219 8.43 -31.98 16.88
N THR D 220 9.45 -32.42 17.60
CA THR D 220 10.26 -31.53 18.42
C THR D 220 11.50 -31.18 17.59
N THR D 221 12.01 -29.97 17.78
CA THR D 221 13.21 -29.52 17.08
C THR D 221 14.24 -29.07 18.10
N ILE D 222 15.44 -29.63 17.99
CA ILE D 222 16.54 -29.30 18.87
C ILE D 222 17.66 -28.79 17.99
N ASP D 223 17.93 -27.48 18.05
CA ASP D 223 18.88 -26.87 17.12
C ASP D 223 20.32 -27.09 17.56
N ARG D 224 21.24 -27.21 16.60
CA ARG D 224 22.67 -27.28 16.93
C ARG D 224 23.17 -25.90 17.38
N GLY D 225 24.26 -25.88 18.16
CA GLY D 225 24.82 -24.62 18.64
C GLY D 225 25.52 -23.81 17.54
N ALA D 226 25.74 -22.53 17.82
CA ALA D 226 26.34 -21.64 16.83
C ALA D 226 27.82 -21.94 16.72
N LEU D 227 28.45 -22.14 17.87
CA LEU D 227 29.89 -22.34 17.96
C LEU D 227 30.14 -23.47 18.95
N ASP D 228 29.81 -23.22 20.22
CA ASP D 228 29.75 -24.31 21.20
C ASP D 228 28.43 -25.07 21.02
N ASP D 229 28.16 -26.06 21.86
CA ASP D 229 27.11 -27.02 21.59
C ASP D 229 25.83 -26.83 22.39
N THR D 230 24.72 -27.25 21.77
CA THR D 230 23.47 -27.52 22.48
C THR D 230 23.64 -28.83 23.27
N ILE D 231 23.25 -28.84 24.53
CA ILE D 231 23.50 -30.00 25.37
C ILE D 231 22.28 -30.49 26.15
N ILE D 232 21.94 -31.77 25.98
CA ILE D 232 20.82 -32.35 26.71
C ILE D 232 21.36 -33.38 27.70
N GLY D 233 21.12 -33.16 28.99
CA GLY D 233 21.67 -34.05 30.01
C GLY D 233 21.10 -35.45 30.03
N ASN D 234 21.69 -36.33 30.85
CA ASN D 234 21.20 -37.69 31.02
C ASN D 234 19.83 -37.73 31.64
N GLY D 235 18.98 -38.63 31.15
CA GLY D 235 17.71 -38.92 31.80
C GLY D 235 16.67 -37.86 31.57
N VAL D 236 16.92 -36.95 30.62
CA VAL D 236 15.97 -35.88 30.33
C VAL D 236 14.79 -36.40 29.52
N ILE D 237 13.60 -35.89 29.80
CA ILE D 237 12.44 -36.25 28.99
C ILE D 237 11.85 -34.99 28.36
N ILE D 238 11.62 -35.06 27.05
CA ILE D 238 11.08 -33.94 26.30
C ILE D 238 9.86 -34.39 25.49
N ASP D 239 8.77 -33.65 25.62
CA ASP D 239 7.51 -34.04 25.00
C ASP D 239 7.45 -33.53 23.54
N ASN D 240 6.25 -33.52 22.95
CA ASN D 240 6.07 -33.13 21.54
C ASN D 240 6.13 -31.64 21.27
N GLN D 241 6.49 -31.29 20.03
CA GLN D 241 6.35 -29.92 19.52
C GLN D 241 7.13 -28.90 20.36
N CYS D 242 8.25 -29.32 20.94
CA CYS D 242 9.07 -28.35 21.68
C CYS D 242 10.12 -27.74 20.76
N GLN D 243 10.52 -26.51 21.07
CA GLN D 243 11.64 -25.89 20.38
C GLN D 243 12.77 -25.63 21.38
N ILE D 244 13.86 -26.36 21.21
CA ILE D 244 15.03 -26.19 22.07
C ILE D 244 16.09 -25.49 21.22
N ALA D 245 16.33 -24.22 21.50
CA ALA D 245 17.11 -23.40 20.58
C ALA D 245 18.61 -23.65 20.71
N ALA D 246 19.38 -23.01 19.84
CA ALA D 246 20.83 -23.18 19.83
C ALA D 246 21.44 -22.89 21.19
N ASN D 247 22.37 -23.75 21.58
CA ASN D 247 23.14 -23.56 22.80
C ASN D 247 22.35 -23.62 24.10
N VAL D 248 21.11 -24.13 24.05
CA VAL D 248 20.41 -24.47 25.30
C VAL D 248 21.16 -25.62 25.98
N VAL D 249 21.27 -25.56 27.31
CA VAL D 249 21.83 -26.64 28.12
C VAL D 249 20.79 -27.07 29.14
N ILE D 250 20.42 -28.34 29.12
CA ILE D 250 19.42 -28.86 30.04
C ILE D 250 20.02 -29.93 30.95
N GLY D 251 19.98 -29.68 32.26
CA GLY D 251 20.58 -30.56 33.26
C GLY D 251 19.87 -31.90 33.44
N ASP D 252 20.56 -32.84 34.07
CA ASP D 252 20.09 -34.22 34.17
C ASP D 252 18.70 -34.34 34.78
N ASN D 253 17.91 -35.27 34.25
CA ASN D 253 16.61 -35.64 34.83
C ASN D 253 15.53 -34.56 34.75
N THR D 254 15.79 -33.51 33.97
CA THR D 254 14.77 -32.47 33.78
C THR D 254 13.68 -32.94 32.82
N ALA D 255 12.44 -32.50 33.06
CA ALA D 255 11.32 -32.83 32.18
C ALA D 255 10.81 -31.58 31.49
N VAL D 256 10.59 -31.68 30.19
CA VAL D 256 9.98 -30.59 29.44
C VAL D 256 8.68 -31.04 28.76
N ALA D 257 7.54 -30.49 29.18
CA ALA D 257 6.25 -30.96 28.63
C ALA D 257 5.94 -30.34 27.27
N GLY D 258 4.82 -30.72 26.67
CA GLY D 258 4.53 -30.34 25.29
C GLY D 258 4.53 -28.86 24.92
N GLY D 259 5.13 -28.54 23.77
CA GLY D 259 4.98 -27.23 23.16
C GLY D 259 5.74 -26.09 23.82
N VAL D 260 6.76 -26.43 24.59
CA VAL D 260 7.62 -25.41 25.21
C VAL D 260 8.53 -24.73 24.19
N ILE D 261 8.63 -23.41 24.25
CA ILE D 261 9.53 -22.65 23.35
C ILE D 261 10.68 -22.07 24.16
N MET D 262 11.91 -22.50 23.86
CA MET D 262 13.08 -22.00 24.61
C MET D 262 14.01 -21.20 23.74
N ALA D 263 14.39 -20.03 24.21
CA ALA D 263 15.26 -19.14 23.47
C ALA D 263 16.69 -19.67 23.60
N GLY D 264 17.58 -19.15 22.75
CA GLY D 264 18.95 -19.62 22.73
C GLY D 264 19.78 -19.30 23.96
N SER D 265 20.78 -20.14 24.22
CA SER D 265 21.70 -19.97 25.35
C SER D 265 21.00 -19.95 26.71
N LEU D 266 19.86 -20.62 26.79
CA LEU D 266 19.21 -20.85 28.08
C LEU D 266 19.91 -22.00 28.81
N LYS D 267 20.17 -21.83 30.09
CA LYS D 267 20.66 -22.95 30.89
C LYS D 267 19.64 -23.37 31.94
N ILE D 268 19.21 -24.62 31.85
CA ILE D 268 18.27 -25.18 32.83
C ILE D 268 18.98 -26.22 33.68
N GLY D 269 18.76 -26.16 35.00
CA GLY D 269 19.44 -27.05 35.94
C GLY D 269 18.91 -28.47 35.95
N ARG D 270 19.16 -29.18 37.04
CA ARG D 270 18.75 -30.57 37.17
C ARG D 270 17.39 -30.68 37.83
N TYR D 271 16.70 -31.80 37.58
CA TYR D 271 15.41 -32.10 38.21
C TYR D 271 14.35 -30.99 38.07
N CYS D 272 14.40 -30.21 36.99
CA CYS D 272 13.32 -29.23 36.76
C CYS D 272 12.12 -29.84 36.03
N MET D 273 10.97 -29.18 36.16
CA MET D 273 9.74 -29.56 35.47
C MET D 273 9.24 -28.33 34.72
N ILE D 274 9.37 -28.32 33.40
CA ILE D 274 8.90 -27.17 32.63
C ILE D 274 7.54 -27.48 32.02
N GLY D 275 6.52 -26.78 32.52
CA GLY D 275 5.13 -27.02 32.09
C GLY D 275 4.91 -26.76 30.61
N GLY D 276 3.94 -27.47 30.03
CA GLY D 276 3.68 -27.37 28.61
C GLY D 276 3.32 -25.97 28.18
N ALA D 277 3.74 -25.60 26.97
CA ALA D 277 3.41 -24.29 26.39
C ALA D 277 4.04 -23.09 27.10
N SER D 278 5.00 -23.34 27.97
CA SER D 278 5.77 -22.24 28.55
C SER D 278 6.67 -21.65 27.48
N VAL D 279 7.10 -20.41 27.71
CA VAL D 279 7.98 -19.71 26.80
C VAL D 279 9.12 -19.13 27.61
N ILE D 280 10.35 -19.44 27.25
CA ILE D 280 11.49 -19.14 28.10
C ILE D 280 12.53 -18.27 27.41
N ASN D 281 12.82 -17.12 28.01
CA ASN D 281 13.82 -16.20 27.49
C ASN D 281 15.21 -16.84 27.49
N GLY D 282 16.15 -16.24 26.75
CA GLY D 282 17.46 -16.86 26.60
C GLY D 282 18.58 -16.13 27.31
N HIS D 283 19.81 -16.62 27.11
CA HIS D 283 21.01 -16.05 27.77
C HIS D 283 20.81 -15.84 29.25
N MET D 284 20.30 -16.86 29.93
CA MET D 284 20.01 -16.77 31.35
C MET D 284 19.90 -18.18 31.92
N GLU D 285 19.66 -18.26 33.23
CA GLU D 285 19.81 -19.53 33.92
C GLU D 285 18.65 -19.84 34.86
N ILE D 286 18.19 -21.08 34.84
CA ILE D 286 17.20 -21.56 35.79
C ILE D 286 17.87 -22.61 36.65
N CYS D 287 17.79 -22.45 37.98
CA CYS D 287 18.53 -23.32 38.88
C CYS D 287 17.89 -24.70 39.00
N ASP D 288 18.49 -25.57 39.81
CA ASP D 288 17.94 -26.92 40.03
C ASP D 288 16.60 -26.88 40.73
N LYS D 289 15.77 -27.88 40.42
CA LYS D 289 14.53 -28.15 41.16
C LYS D 289 13.49 -27.03 41.07
N VAL D 290 13.38 -26.45 39.88
CA VAL D 290 12.38 -25.46 39.59
C VAL D 290 11.25 -26.08 38.78
N THR D 291 10.02 -25.80 39.21
CA THR D 291 8.86 -26.16 38.42
C THR D 291 8.24 -24.90 37.86
N VAL D 292 7.99 -24.91 36.56
CA VAL D 292 7.25 -23.82 35.94
C VAL D 292 5.93 -24.40 35.48
N THR D 293 4.82 -23.84 35.95
CA THR D 293 3.51 -24.39 35.57
C THR D 293 3.18 -24.01 34.12
N GLY D 294 2.12 -24.61 33.60
CA GLY D 294 1.79 -24.47 32.19
C GLY D 294 1.62 -23.04 31.68
N MET D 295 2.06 -22.81 30.45
CA MET D 295 1.93 -21.51 29.80
C MET D 295 2.73 -20.43 30.51
N GLY D 296 3.75 -20.84 31.25
CA GLY D 296 4.62 -19.89 31.94
C GLY D 296 5.31 -18.94 30.99
N MET D 297 5.28 -17.65 31.34
CA MET D 297 6.02 -16.64 30.59
C MET D 297 7.32 -16.38 31.36
N VAL D 298 8.36 -17.13 31.02
CA VAL D 298 9.57 -17.11 31.81
C VAL D 298 10.54 -16.07 31.26
N MET D 299 10.43 -14.85 31.78
CA MET D 299 11.17 -13.73 31.23
C MET D 299 12.53 -13.56 31.90
N ARG D 300 12.61 -13.99 33.16
CA ARG D 300 13.76 -13.70 34.01
C ARG D 300 14.40 -14.96 34.59
N PRO D 301 15.67 -14.86 34.99
CA PRO D 301 16.35 -16.01 35.60
C PRO D 301 15.64 -16.49 36.86
N ILE D 302 15.80 -17.76 37.17
CA ILE D 302 15.23 -18.31 38.40
C ILE D 302 16.38 -18.85 39.23
N THR D 303 16.57 -18.23 40.40
CA THR D 303 17.73 -18.50 41.23
C THR D 303 17.44 -19.38 42.43
N GLU D 304 16.15 -19.51 42.79
CA GLU D 304 15.75 -20.33 43.93
C GLU D 304 14.76 -21.42 43.53
N PRO D 305 14.97 -22.64 44.05
CA PRO D 305 14.09 -23.76 43.70
C PRO D 305 12.65 -23.48 44.16
N GLY D 306 11.69 -24.16 43.55
CA GLY D 306 10.29 -23.94 43.91
C GLY D 306 9.38 -23.95 42.69
N VAL D 307 8.11 -23.61 42.88
CA VAL D 307 7.13 -23.58 41.81
C VAL D 307 6.86 -22.14 41.39
N TYR D 308 6.79 -21.91 40.09
CA TYR D 308 6.57 -20.56 39.57
C TYR D 308 5.52 -20.59 38.49
N SER D 309 4.71 -19.53 38.41
CA SER D 309 3.52 -19.52 37.56
C SER D 309 3.24 -18.16 36.93
N SER D 310 2.53 -18.16 35.79
CA SER D 310 2.03 -16.93 35.20
C SER D 310 0.71 -17.17 34.45
N GLY D 311 0.01 -16.10 34.12
CA GLY D 311 -1.17 -16.22 33.26
C GLY D 311 -2.49 -15.92 33.95
N ILE D 312 -3.41 -15.35 33.20
CA ILE D 312 -4.76 -15.11 33.69
C ILE D 312 -5.70 -16.03 32.93
N PRO D 313 -6.41 -16.91 33.65
CA PRO D 313 -7.21 -17.97 33.02
C PRO D 313 -8.50 -17.46 32.37
N LEU D 314 -9.18 -18.34 31.65
CA LEU D 314 -10.41 -17.98 30.91
C LEU D 314 -11.47 -17.31 31.77
N GLN D 315 -12.25 -16.44 31.15
CA GLN D 315 -13.49 -15.95 31.73
C GLN D 315 -14.54 -15.97 30.62
N PRO D 316 -15.84 -15.91 30.98
CA PRO D 316 -16.85 -15.69 29.95
C PRO D 316 -16.47 -14.46 29.10
N ASN D 317 -16.61 -14.56 27.79
CA ASN D 317 -16.11 -13.50 26.90
C ASN D 317 -16.54 -12.09 27.28
N LYS D 318 -17.79 -11.92 27.68
CA LYS D 318 -18.29 -10.61 28.08
C LYS D 318 -17.50 -10.11 29.29
N VAL D 319 -17.23 -11.01 30.23
CA VAL D 319 -16.48 -10.67 31.42
C VAL D 319 -15.03 -10.32 31.06
N TRP D 320 -14.42 -11.16 30.23
CA TRP D 320 -13.03 -10.96 29.82
C TRP D 320 -12.81 -9.60 29.15
N ARG D 321 -13.76 -9.18 28.32
CA ARG D 321 -13.62 -7.89 27.64
C ARG D 321 -13.41 -6.76 28.63
N LYS D 322 -14.17 -6.82 29.72
CA LYS D 322 -14.09 -5.81 30.78
C LYS D 322 -12.78 -5.94 31.57
N THR D 323 -12.34 -7.19 31.78
CA THR D 323 -11.11 -7.45 32.51
C THR D 323 -9.92 -6.91 31.70
N ALA D 324 -9.89 -7.24 30.42
CA ALA D 324 -8.82 -6.80 29.55
C ALA D 324 -8.73 -5.29 29.50
N ALA D 325 -9.87 -4.64 29.26
CA ALA D 325 -9.88 -3.17 29.18
C ALA D 325 -9.37 -2.54 30.47
N LEU D 326 -9.77 -3.11 31.62
CA LEU D 326 -9.36 -2.53 32.89
C LEU D 326 -7.86 -2.72 33.15
N VAL D 327 -7.33 -3.89 32.84
CA VAL D 327 -5.90 -4.13 33.00
C VAL D 327 -5.06 -3.19 32.12
N MET D 328 -5.51 -3.01 30.87
CA MET D 328 -4.78 -2.13 29.96
C MET D 328 -4.82 -0.69 30.47
N ASN D 329 -5.85 -0.36 31.25
CA ASN D 329 -5.95 0.97 31.83
C ASN D 329 -5.52 1.02 33.30
N ILE D 330 -4.71 0.06 33.72
CA ILE D 330 -4.32 -0.04 35.13
C ILE D 330 -3.45 1.13 35.64
N ASP D 331 -2.69 1.78 34.77
CA ASP D 331 -1.89 2.93 35.22
C ASP D 331 -2.80 4.08 35.66
N ASP D 332 -3.89 4.29 34.92
CA ASP D 332 -4.88 5.29 35.29
C ASP D 332 -5.44 4.96 36.67
N MET D 333 -5.83 3.70 36.87
CA MET D 333 -6.31 3.23 38.17
C MET D 333 -5.30 3.50 39.29
N SER D 334 -4.03 3.22 39.02
CA SER D 334 -2.97 3.46 40.00
C SER D 334 -2.89 4.95 40.37
N LYS D 335 -3.07 5.82 39.37
CA LYS D 335 -2.96 7.27 39.57
C LYS D 335 -4.14 7.84 40.36
N ARG D 336 -5.34 7.32 40.07
CA ARG D 336 -6.51 7.76 40.81
C ARG D 336 -6.44 7.30 42.26
N LEU D 337 -5.87 6.13 42.49
CA LEU D 337 -5.72 5.60 43.84
C LEU D 337 -4.77 6.47 44.65
N LYS D 338 -3.64 6.83 44.04
CA LYS D 338 -2.67 7.72 44.69
C LYS D 338 -3.28 9.08 44.93
N SER D 339 -4.07 9.54 43.95
CA SER D 339 -4.74 10.83 44.03
C SER D 339 -5.66 10.87 45.22
N LEU D 340 -6.37 9.75 45.45
CA LEU D 340 -7.32 9.69 46.56
C LEU D 340 -6.61 9.61 47.91
N GLU D 341 -5.47 8.93 47.95
CA GLU D 341 -4.67 8.82 49.18
C GLU D 341 -4.23 10.17 49.73
N ARG D 342 -3.72 11.02 48.84
CA ARG D 342 -3.22 12.34 49.23
C ARG D 342 -4.35 13.27 49.63
N LYS D 343 -5.51 13.09 49.01
CA LYS D 343 -6.70 13.88 49.33
C LYS D 343 -7.19 13.49 50.71
N VAL D 344 -7.43 12.19 50.91
CA VAL D 344 -7.86 11.66 52.20
C VAL D 344 -6.93 12.11 53.32
N ASN D 345 -5.64 11.97 53.11
CA ASN D 345 -4.67 12.51 54.07
C ASN D 345 -4.38 13.97 53.79
N SER E 10 -13.61 -27.20 -16.26
CA SER E 10 -14.43 -26.37 -17.14
C SER E 10 -15.89 -26.86 -17.17
N ILE E 11 -16.83 -25.94 -17.01
CA ILE E 11 -18.24 -26.31 -16.98
C ILE E 11 -19.13 -25.14 -17.40
N ARG E 12 -20.30 -25.46 -17.94
CA ARG E 12 -21.32 -24.46 -18.29
C ARG E 12 -22.07 -23.99 -17.05
N LEU E 13 -22.30 -22.68 -16.97
CA LEU E 13 -22.90 -22.05 -15.79
C LEU E 13 -24.19 -22.72 -15.37
N ALA E 14 -25.02 -23.03 -16.38
CA ALA E 14 -26.30 -23.69 -16.14
C ALA E 14 -26.14 -25.03 -15.43
N ASP E 15 -25.24 -25.88 -15.92
CA ASP E 15 -24.95 -27.14 -15.25
C ASP E 15 -24.46 -26.86 -13.84
N LEU E 16 -23.63 -25.83 -13.72
CA LEU E 16 -23.06 -25.50 -12.42
C LEU E 16 -24.16 -25.10 -11.45
N ALA E 17 -25.06 -24.22 -11.90
CA ALA E 17 -26.18 -23.79 -11.07
C ALA E 17 -27.03 -24.95 -10.56
N GLN E 18 -27.31 -25.92 -11.44
CA GLN E 18 -28.17 -27.03 -11.04
C GLN E 18 -27.46 -27.96 -10.06
N GLN E 19 -26.17 -28.21 -10.30
CA GLN E 19 -25.39 -29.04 -9.40
C GLN E 19 -25.22 -28.36 -8.05
N LEU E 20 -25.31 -27.04 -8.05
CA LEU E 20 -25.23 -26.25 -6.82
C LEU E 20 -26.62 -26.01 -6.25
N ASP E 21 -27.63 -26.47 -6.98
CA ASP E 21 -29.03 -26.21 -6.66
C ASP E 21 -29.22 -24.73 -6.37
N ALA E 22 -28.74 -23.91 -7.31
CA ALA E 22 -28.77 -22.46 -7.20
C ALA E 22 -29.62 -21.85 -8.30
N GLU E 23 -30.10 -20.64 -8.08
CA GLU E 23 -30.96 -19.99 -9.06
C GLU E 23 -30.15 -19.25 -10.11
N LEU E 24 -30.19 -19.75 -11.35
CA LEU E 24 -29.48 -19.12 -12.47
C LEU E 24 -30.10 -17.80 -12.89
N HIS E 25 -29.29 -16.76 -12.94
CA HIS E 25 -29.73 -15.46 -13.42
C HIS E 25 -28.71 -14.93 -14.41
N GLY E 26 -28.93 -15.20 -15.70
CA GLY E 26 -28.00 -14.80 -16.75
C GLY E 26 -27.73 -15.94 -17.72
N ASP E 27 -26.88 -15.68 -18.71
CA ASP E 27 -26.60 -16.66 -19.76
C ASP E 27 -26.02 -17.95 -19.21
N GLY E 28 -26.81 -19.02 -19.27
CA GLY E 28 -26.40 -20.31 -18.76
C GLY E 28 -25.33 -20.99 -19.59
N ASP E 29 -25.10 -20.46 -20.79
CA ASP E 29 -24.08 -21.04 -21.67
C ASP E 29 -22.69 -20.46 -21.40
N ILE E 30 -22.63 -19.46 -20.52
CA ILE E 30 -21.33 -18.98 -20.02
C ILE E 30 -20.51 -20.17 -19.53
N VAL E 31 -19.26 -20.24 -19.98
CA VAL E 31 -18.35 -21.32 -19.60
C VAL E 31 -17.52 -20.90 -18.40
N ILE E 32 -17.68 -21.62 -17.28
CA ILE E 32 -16.88 -21.35 -16.11
C ILE E 32 -15.66 -22.27 -16.12
N THR E 33 -14.48 -21.68 -16.00
CA THR E 33 -13.23 -22.44 -16.01
C THR E 33 -12.58 -22.56 -14.64
N GLY E 34 -13.12 -21.88 -13.65
CA GLY E 34 -12.52 -21.93 -12.31
C GLY E 34 -13.04 -20.91 -11.31
N VAL E 35 -12.60 -21.06 -10.06
CA VAL E 35 -13.00 -20.16 -8.98
C VAL E 35 -11.88 -19.14 -8.70
N ALA E 36 -12.27 -17.92 -8.34
CA ALA E 36 -11.30 -16.87 -8.05
C ALA E 36 -11.89 -15.90 -7.04
N SER E 37 -11.02 -15.16 -6.35
CA SER E 37 -11.50 -14.12 -5.44
C SER E 37 -12.14 -13.01 -6.25
N MET E 38 -12.94 -12.17 -5.60
CA MET E 38 -13.55 -11.02 -6.29
C MET E 38 -12.51 -10.13 -6.94
N GLN E 39 -11.44 -9.82 -6.21
CA GLN E 39 -10.44 -8.90 -6.73
C GLN E 39 -9.64 -9.50 -7.90
N SER E 40 -9.46 -10.82 -7.90
CA SER E 40 -8.70 -11.47 -8.97
C SER E 40 -9.53 -11.99 -10.16
N ALA E 41 -10.81 -12.22 -9.94
CA ALA E 41 -11.66 -12.86 -10.95
C ALA E 41 -11.64 -12.17 -12.33
N GLN E 42 -11.56 -12.97 -13.39
CA GLN E 42 -11.62 -12.47 -14.75
C GLN E 42 -12.64 -13.32 -15.51
N THR E 43 -12.74 -13.14 -16.83
CA THR E 43 -13.72 -13.90 -17.58
C THR E 43 -13.41 -15.40 -17.54
N GLY E 44 -14.44 -16.22 -17.35
CA GLY E 44 -14.23 -17.64 -17.16
C GLY E 44 -14.31 -18.02 -15.69
N HIS E 45 -14.18 -17.02 -14.82
CA HIS E 45 -14.17 -17.25 -13.38
C HIS E 45 -15.52 -17.01 -12.71
N ILE E 46 -15.84 -17.86 -11.75
CA ILE E 46 -16.95 -17.61 -10.86
C ILE E 46 -16.41 -17.22 -9.49
N THR E 47 -17.10 -16.29 -8.84
CA THR E 47 -16.70 -15.88 -7.50
C THR E 47 -17.94 -15.82 -6.62
N PHE E 48 -17.81 -15.20 -5.45
CA PHE E 48 -18.93 -15.17 -4.51
C PHE E 48 -18.78 -13.96 -3.61
N MET E 49 -19.89 -13.56 -3.00
CA MET E 49 -19.87 -12.46 -2.06
C MET E 49 -20.68 -12.84 -0.83
N VAL E 50 -20.13 -12.56 0.34
CA VAL E 50 -20.75 -12.97 1.60
C VAL E 50 -21.21 -11.75 2.40
N ASN E 51 -20.41 -10.69 2.34
CA ASN E 51 -20.67 -9.48 3.09
C ASN E 51 -21.29 -8.40 2.20
N PRO E 52 -22.47 -7.87 2.57
CA PRO E 52 -23.17 -6.81 1.84
C PRO E 52 -22.41 -5.50 1.79
N LYS E 53 -21.34 -5.41 2.57
CA LYS E 53 -20.44 -4.26 2.56
C LYS E 53 -19.79 -4.11 1.18
N TYR E 54 -19.68 -5.22 0.45
CA TYR E 54 -18.96 -5.25 -0.81
C TYR E 54 -19.86 -5.22 -2.03
N ARG E 55 -21.12 -4.82 -1.86
CA ARG E 55 -22.02 -4.73 -3.00
C ARG E 55 -21.52 -3.75 -4.06
N GLU E 56 -20.90 -2.66 -3.63
CA GLU E 56 -20.33 -1.68 -4.55
C GLU E 56 -19.24 -2.32 -5.39
N HIS E 57 -18.45 -3.18 -4.75
CA HIS E 57 -17.34 -3.85 -5.41
C HIS E 57 -17.75 -4.78 -6.55
N LEU E 58 -19.03 -5.16 -6.61
CA LEU E 58 -19.51 -5.92 -7.76
C LEU E 58 -19.31 -5.09 -9.05
N GLY E 59 -19.37 -3.77 -8.90
CA GLY E 59 -19.22 -2.87 -10.04
C GLY E 59 -17.78 -2.75 -10.53
N LEU E 60 -16.86 -3.47 -9.87
CA LEU E 60 -15.46 -3.44 -10.27
C LEU E 60 -14.92 -4.86 -10.49
N CYS E 61 -15.80 -5.85 -10.34
CA CYS E 61 -15.37 -7.24 -10.40
C CYS E 61 -15.47 -7.82 -11.81
N GLN E 62 -14.41 -8.46 -12.29
CA GLN E 62 -14.41 -8.95 -13.67
C GLN E 62 -14.84 -10.44 -13.86
N ALA E 63 -15.42 -11.04 -12.82
CA ALA E 63 -15.89 -12.43 -12.92
C ALA E 63 -17.02 -12.62 -13.94
N SER E 64 -17.10 -13.79 -14.54
CA SER E 64 -18.24 -14.10 -15.42
C SER E 64 -19.51 -14.39 -14.61
N ALA E 65 -19.33 -14.74 -13.34
CA ALA E 65 -20.48 -15.00 -12.47
C ALA E 65 -20.18 -14.81 -10.98
N VAL E 66 -21.21 -14.43 -10.22
CA VAL E 66 -21.03 -14.21 -8.79
C VAL E 66 -22.12 -14.91 -7.99
N VAL E 67 -21.71 -15.69 -6.99
CA VAL E 67 -22.66 -16.32 -6.08
C VAL E 67 -23.05 -15.34 -4.97
N MET E 68 -24.35 -15.07 -4.86
CA MET E 68 -24.81 -14.10 -3.87
C MET E 68 -26.20 -14.48 -3.36
N THR E 69 -26.76 -13.66 -2.48
CA THR E 69 -28.09 -13.92 -1.90
C THR E 69 -29.16 -13.16 -2.68
N GLN E 70 -30.41 -13.29 -2.24
CA GLN E 70 -31.51 -12.60 -2.92
C GLN E 70 -31.39 -11.09 -2.78
N ASP E 71 -31.06 -10.62 -1.58
CA ASP E 71 -30.98 -9.18 -1.33
C ASP E 71 -29.75 -8.53 -1.99
N ASP E 72 -28.85 -9.36 -2.51
CA ASP E 72 -27.66 -8.87 -3.21
C ASP E 72 -27.96 -8.66 -4.69
N LEU E 73 -28.92 -9.42 -5.21
CA LEU E 73 -29.23 -9.45 -6.65
C LEU E 73 -29.55 -8.10 -7.32
N PRO E 74 -30.21 -7.18 -6.61
CA PRO E 74 -30.38 -5.87 -7.27
C PRO E 74 -29.03 -5.20 -7.56
N PHE E 75 -28.00 -5.54 -6.78
CA PHE E 75 -26.70 -4.91 -6.92
C PHE E 75 -25.81 -5.57 -7.98
N ALA E 76 -26.28 -6.67 -8.56
CA ALA E 76 -25.45 -7.45 -9.50
C ALA E 76 -25.16 -6.75 -10.82
N LYS E 77 -23.99 -7.00 -11.39
CA LYS E 77 -23.58 -6.42 -12.67
C LYS E 77 -23.11 -7.50 -13.65
N SER E 78 -23.48 -8.74 -13.37
CA SER E 78 -23.04 -9.88 -14.16
C SER E 78 -24.04 -11.00 -13.92
N ALA E 79 -23.85 -12.12 -14.59
CA ALA E 79 -24.60 -13.34 -14.25
C ALA E 79 -24.45 -13.59 -12.76
N ALA E 80 -25.48 -14.19 -12.15
CA ALA E 80 -25.43 -14.47 -10.72
C ALA E 80 -26.08 -15.81 -10.37
N LEU E 81 -25.58 -16.45 -9.32
CA LEU E 81 -26.25 -17.60 -8.75
C LEU E 81 -26.76 -17.22 -7.37
N VAL E 82 -28.07 -17.40 -7.16
CA VAL E 82 -28.69 -16.97 -5.92
C VAL E 82 -28.92 -18.17 -5.01
N VAL E 83 -28.47 -18.03 -3.77
CA VAL E 83 -28.58 -19.10 -2.78
C VAL E 83 -28.78 -18.45 -1.43
N LYS E 84 -29.11 -19.27 -0.44
CA LYS E 84 -29.19 -18.84 0.94
C LYS E 84 -27.82 -18.69 1.63
N ASN E 85 -26.87 -19.57 1.29
CA ASN E 85 -25.54 -19.53 1.93
C ASN E 85 -24.39 -19.51 0.91
N PRO E 86 -23.98 -18.30 0.48
CA PRO E 86 -22.96 -18.16 -0.55
C PRO E 86 -21.65 -18.86 -0.20
N TYR E 87 -21.28 -18.86 1.09
CA TYR E 87 -20.00 -19.41 1.49
C TYR E 87 -20.02 -20.93 1.42
N LEU E 88 -21.16 -21.52 1.76
CA LEU E 88 -21.26 -22.98 1.66
C LEU E 88 -21.30 -23.34 0.18
N THR E 89 -21.94 -22.50 -0.61
CA THR E 89 -22.00 -22.73 -2.06
C THR E 89 -20.60 -22.59 -2.69
N TYR E 90 -19.83 -21.62 -2.20
CA TYR E 90 -18.44 -21.47 -2.61
C TYR E 90 -17.68 -22.76 -2.33
N ALA E 91 -17.91 -23.35 -1.16
CA ALA E 91 -17.18 -24.56 -0.79
C ALA E 91 -17.48 -25.68 -1.79
N ARG E 92 -18.76 -25.83 -2.12
CA ARG E 92 -19.22 -26.88 -3.03
C ARG E 92 -18.76 -26.70 -4.47
N MET E 93 -18.76 -25.46 -4.94
CA MET E 93 -18.36 -25.22 -6.32
C MET E 93 -16.85 -25.30 -6.46
N ALA E 94 -16.14 -24.98 -5.37
CA ALA E 94 -14.71 -25.14 -5.36
C ALA E 94 -14.36 -26.62 -5.42
N GLN E 95 -15.18 -27.46 -4.81
CA GLN E 95 -14.98 -28.91 -4.91
C GLN E 95 -15.19 -29.38 -6.36
N ILE E 96 -16.27 -28.92 -6.97
CA ILE E 96 -16.56 -29.23 -8.37
C ILE E 96 -15.40 -28.84 -9.29
N LEU E 97 -14.81 -27.67 -9.06
CA LEU E 97 -13.78 -27.12 -9.95
C LEU E 97 -12.36 -27.25 -9.37
N ASP E 98 -12.20 -28.14 -8.41
CA ASP E 98 -10.92 -28.34 -7.70
C ASP E 98 -9.77 -28.69 -8.67
N THR E 99 -8.62 -28.07 -8.47
CA THR E 99 -7.42 -28.34 -9.27
C THR E 99 -6.37 -29.14 -8.49
N THR E 100 -6.66 -29.40 -7.21
CA THR E 100 -5.76 -30.13 -6.33
C THR E 100 -5.56 -31.56 -6.84
N PRO E 101 -4.30 -32.00 -6.99
CA PRO E 101 -4.04 -33.37 -7.44
C PRO E 101 -4.14 -34.35 -6.28
N GLN E 102 -3.95 -35.64 -6.55
CA GLN E 102 -3.96 -36.66 -5.50
C GLN E 102 -2.55 -36.88 -4.98
N PRO E 103 -2.43 -37.34 -3.73
CA PRO E 103 -1.09 -37.55 -3.18
C PRO E 103 -0.32 -38.63 -3.95
N ALA E 104 -1.05 -39.54 -4.57
CA ALA E 104 -0.41 -40.62 -5.31
C ALA E 104 -1.36 -41.18 -6.33
N GLN E 105 -0.79 -41.90 -7.28
CA GLN E 105 -1.51 -42.45 -8.41
C GLN E 105 -1.12 -43.93 -8.52
N ASN E 106 -2.03 -44.82 -8.15
CA ASN E 106 -1.73 -46.25 -8.05
C ASN E 106 -0.57 -46.58 -7.11
N ILE E 107 0.03 -47.76 -7.29
CA ILE E 107 1.06 -48.23 -6.36
C ILE E 107 2.47 -48.11 -6.92
N ALA E 108 3.32 -47.31 -6.26
CA ALA E 108 4.67 -47.06 -6.72
C ALA E 108 5.56 -48.28 -6.53
N PRO E 109 6.42 -48.55 -7.52
CA PRO E 109 7.36 -49.67 -7.45
C PRO E 109 8.37 -49.51 -6.32
N SER E 110 8.66 -48.27 -5.91
CA SER E 110 9.60 -48.01 -4.82
C SER E 110 8.96 -48.11 -3.44
N ALA E 111 7.63 -48.22 -3.39
CA ALA E 111 6.94 -48.45 -2.11
C ALA E 111 7.36 -49.77 -1.50
N VAL E 112 7.57 -49.79 -0.19
CA VAL E 112 7.87 -51.04 0.53
C VAL E 112 6.63 -51.50 1.28
N ILE E 113 6.02 -52.57 0.78
CA ILE E 113 4.75 -53.05 1.32
C ILE E 113 4.87 -54.47 1.85
N ASP E 114 4.66 -54.64 3.14
CA ASP E 114 4.75 -55.95 3.79
C ASP E 114 3.76 -56.95 3.16
N ALA E 115 4.20 -58.18 2.97
CA ALA E 115 3.41 -59.20 2.28
C ALA E 115 2.07 -59.50 2.97
N THR E 116 1.95 -59.15 4.24
CA THR E 116 0.73 -59.42 5.00
C THR E 116 -0.20 -58.23 5.07
N ALA E 117 0.21 -57.12 4.45
CA ALA E 117 -0.68 -55.97 4.32
C ALA E 117 -1.89 -56.34 3.47
N LYS E 118 -3.04 -55.75 3.79
CA LYS E 118 -4.27 -56.09 3.08
C LYS E 118 -4.83 -54.83 2.42
N LEU E 119 -4.79 -54.80 1.10
CA LEU E 119 -5.22 -53.62 0.35
C LEU E 119 -6.58 -53.85 -0.31
N GLY E 120 -7.46 -52.86 -0.19
CA GLY E 120 -8.75 -52.89 -0.87
C GLY E 120 -8.59 -52.58 -2.35
N ASN E 121 -9.69 -52.30 -3.03
CA ASN E 121 -9.63 -51.98 -4.45
C ASN E 121 -9.24 -50.54 -4.70
N ASN E 122 -8.49 -50.30 -5.78
CA ASN E 122 -8.14 -48.95 -6.19
C ASN E 122 -7.42 -48.17 -5.07
N VAL E 123 -6.47 -48.82 -4.42
CA VAL E 123 -5.66 -48.15 -3.42
C VAL E 123 -4.44 -47.56 -4.13
N SER E 124 -4.06 -46.34 -3.76
CA SER E 124 -2.84 -45.73 -4.29
C SER E 124 -1.80 -45.54 -3.19
N ILE E 125 -0.52 -45.74 -3.55
CA ILE E 125 0.58 -45.64 -2.59
C ILE E 125 1.81 -45.01 -3.24
N GLY E 126 2.25 -43.88 -2.71
CA GLY E 126 3.31 -43.11 -3.35
C GLY E 126 4.72 -43.66 -3.21
N ALA E 127 5.64 -43.10 -3.97
CA ALA E 127 7.04 -43.54 -3.95
C ALA E 127 7.64 -43.56 -2.55
N ASN E 128 8.41 -44.61 -2.27
CA ASN E 128 9.11 -44.75 -0.99
C ASN E 128 8.25 -44.77 0.28
N ALA E 129 6.93 -44.90 0.14
CA ALA E 129 6.08 -45.13 1.31
C ALA E 129 6.39 -46.51 1.92
N VAL E 130 6.18 -46.64 3.24
CA VAL E 130 6.47 -47.91 3.91
C VAL E 130 5.24 -48.40 4.68
N ILE E 131 4.71 -49.55 4.26
CA ILE E 131 3.52 -50.12 4.88
C ILE E 131 3.92 -51.37 5.66
N GLU E 132 3.69 -51.36 6.98
CA GLU E 132 4.10 -52.46 7.87
C GLU E 132 3.19 -53.69 7.81
N SER E 133 3.57 -54.73 8.56
CA SER E 133 2.79 -55.96 8.61
C SER E 133 1.39 -55.73 9.17
N GLY E 134 0.43 -56.52 8.71
CA GLY E 134 -0.91 -56.50 9.26
C GLY E 134 -1.75 -55.28 8.96
N VAL E 135 -1.21 -54.35 8.17
CA VAL E 135 -1.93 -53.13 7.84
C VAL E 135 -3.11 -53.43 6.92
N GLU E 136 -4.23 -52.73 7.11
CA GLU E 136 -5.36 -52.86 6.20
C GLU E 136 -5.72 -51.49 5.65
N LEU E 137 -5.72 -51.38 4.31
CA LEU E 137 -6.10 -50.15 3.64
C LEU E 137 -7.42 -50.37 2.88
N GLY E 138 -8.42 -49.53 3.15
CA GLY E 138 -9.72 -49.71 2.53
C GLY E 138 -9.72 -49.32 1.06
N ASP E 139 -10.84 -49.56 0.38
CA ASP E 139 -10.99 -49.16 -1.02
C ASP E 139 -10.70 -47.68 -1.20
N ASN E 140 -10.05 -47.34 -2.31
CA ASN E 140 -9.81 -45.95 -2.70
C ASN E 140 -8.93 -45.15 -1.75
N VAL E 141 -8.27 -45.82 -0.81
CA VAL E 141 -7.32 -45.15 0.07
C VAL E 141 -6.08 -44.66 -0.71
N ILE E 142 -5.61 -43.47 -0.39
CA ILE E 142 -4.39 -42.93 -1.01
C ILE E 142 -3.32 -42.60 0.03
N ILE E 143 -2.17 -43.25 -0.10
CA ILE E 143 -1.03 -43.01 0.80
C ILE E 143 0.03 -42.24 0.02
N GLY E 144 0.37 -41.04 0.49
CA GLY E 144 1.30 -40.20 -0.23
C GLY E 144 2.73 -40.69 -0.12
N ALA E 145 3.60 -40.11 -0.93
CA ALA E 145 5.03 -40.45 -0.95
C ALA E 145 5.66 -40.36 0.45
N GLY E 146 6.55 -41.29 0.76
CA GLY E 146 7.33 -41.21 2.00
C GLY E 146 6.57 -41.45 3.31
N CYS E 147 5.31 -41.86 3.22
CA CYS E 147 4.58 -42.14 4.46
C CYS E 147 5.09 -43.40 5.17
N PHE E 148 4.82 -43.48 6.47
CA PHE E 148 4.96 -44.72 7.22
C PHE E 148 3.62 -45.10 7.85
N VAL E 149 3.16 -46.32 7.62
CA VAL E 149 1.95 -46.81 8.27
C VAL E 149 2.32 -48.04 9.10
N GLY E 150 2.17 -47.91 10.41
CA GLY E 150 2.69 -48.90 11.35
C GLY E 150 1.88 -50.17 11.51
N LYS E 151 2.44 -51.13 12.25
CA LYS E 151 1.88 -52.48 12.31
C LYS E 151 0.41 -52.54 12.72
N ASN E 152 -0.35 -53.33 11.97
CA ASN E 152 -1.75 -53.61 12.25
C ASN E 152 -2.66 -52.39 12.24
N SER E 153 -2.16 -51.27 11.72
CA SER E 153 -3.02 -50.10 11.58
C SER E 153 -4.06 -50.28 10.48
N LYS E 154 -5.19 -49.57 10.63
CA LYS E 154 -6.31 -49.66 9.68
C LYS E 154 -6.75 -48.29 9.19
N ILE E 155 -6.87 -48.16 7.88
CA ILE E 155 -7.25 -46.88 7.26
C ILE E 155 -8.50 -47.07 6.40
N GLY E 156 -9.59 -46.43 6.79
CA GLY E 156 -10.90 -46.67 6.19
C GLY E 156 -11.01 -46.18 4.77
N ALA E 157 -12.04 -46.65 4.06
CA ALA E 157 -12.21 -46.40 2.63
C ALA E 157 -12.21 -44.90 2.34
N GLY E 158 -11.59 -44.51 1.22
CA GLY E 158 -11.63 -43.12 0.81
C GLY E 158 -10.68 -42.18 1.55
N SER E 159 -10.06 -42.65 2.63
CA SER E 159 -9.09 -41.81 3.37
C SER E 159 -7.79 -41.59 2.59
N ARG E 160 -7.16 -40.43 2.81
CA ARG E 160 -5.97 -40.02 2.06
C ARG E 160 -4.93 -39.39 2.97
N LEU E 161 -3.66 -39.71 2.70
CA LEU E 161 -2.53 -39.13 3.46
C LEU E 161 -1.63 -38.41 2.47
N TRP E 162 -1.30 -37.16 2.75
CA TRP E 162 -0.31 -36.48 1.91
C TRP E 162 1.08 -37.02 2.22
N ALA E 163 2.10 -36.47 1.59
CA ALA E 163 3.45 -37.01 1.70
C ALA E 163 3.95 -36.95 3.12
N ASN E 164 4.81 -37.90 3.50
CA ASN E 164 5.55 -37.80 4.77
C ASN E 164 4.66 -37.64 6.01
N VAL E 165 3.57 -38.41 6.05
CA VAL E 165 2.77 -38.58 7.25
C VAL E 165 3.21 -39.87 7.94
N THR E 166 3.32 -39.81 9.27
CA THR E 166 3.66 -40.98 10.05
C THR E 166 2.48 -41.50 10.85
N ILE E 167 2.09 -42.74 10.56
CA ILE E 167 1.06 -43.40 11.36
C ILE E 167 1.71 -44.54 12.13
N TYR E 168 1.59 -44.53 13.47
CA TYR E 168 2.17 -45.60 14.28
C TYR E 168 1.35 -46.90 14.16
N HIS E 169 1.61 -47.83 15.06
CA HIS E 169 0.99 -49.15 15.05
C HIS E 169 -0.36 -49.13 15.76
N GLU E 170 -1.25 -50.05 15.36
CA GLU E 170 -2.57 -50.24 16.01
C GLU E 170 -3.47 -48.99 15.98
N ILE E 171 -3.29 -48.16 14.96
CA ILE E 171 -4.08 -46.95 14.82
C ILE E 171 -5.27 -47.27 13.92
N GLN E 172 -6.41 -46.68 14.21
CA GLN E 172 -7.58 -46.83 13.35
C GLN E 172 -8.02 -45.48 12.84
N ILE E 173 -8.18 -45.39 11.53
CA ILE E 173 -8.62 -44.18 10.85
C ILE E 173 -9.89 -44.51 10.08
N GLY E 174 -10.91 -43.67 10.21
CA GLY E 174 -12.19 -43.96 9.58
C GLY E 174 -12.19 -43.69 8.09
N GLN E 175 -13.38 -43.49 7.53
CA GLN E 175 -13.54 -43.27 6.10
C GLN E 175 -13.42 -41.81 5.71
N ASN E 176 -12.98 -41.58 4.48
CA ASN E 176 -12.93 -40.25 3.89
C ASN E 176 -12.19 -39.20 4.72
N CYS E 177 -11.15 -39.61 5.43
CA CYS E 177 -10.36 -38.66 6.21
C CYS E 177 -9.27 -38.04 5.32
N LEU E 178 -8.67 -36.96 5.78
CA LEU E 178 -7.55 -36.37 5.06
C LEU E 178 -6.51 -35.87 6.05
N ILE E 179 -5.27 -36.32 5.88
CA ILE E 179 -4.17 -35.88 6.76
C ILE E 179 -3.04 -35.25 5.94
N GLN E 180 -2.65 -34.01 6.27
CA GLN E 180 -1.58 -33.31 5.56
C GLN E 180 -0.20 -33.72 6.05
N SER E 181 0.82 -33.33 5.29
CA SER E 181 2.20 -33.76 5.52
C SER E 181 2.79 -33.44 6.90
N GLY E 182 3.76 -34.26 7.32
CA GLY E 182 4.51 -33.99 8.53
C GLY E 182 3.75 -34.36 9.81
N THR E 183 2.49 -34.74 9.67
CA THR E 183 1.69 -35.14 10.85
C THR E 183 2.06 -36.55 11.35
N VAL E 184 2.02 -36.71 12.67
CA VAL E 184 2.43 -37.93 13.34
C VAL E 184 1.25 -38.39 14.23
N VAL E 185 0.70 -39.55 13.91
CA VAL E 185 -0.45 -40.06 14.67
C VAL E 185 -0.08 -41.31 15.44
N GLY E 186 -0.17 -41.23 16.76
CA GLY E 186 -0.01 -42.40 17.61
C GLY E 186 1.34 -42.59 18.26
N ALA E 187 2.16 -41.53 18.31
CA ALA E 187 3.41 -41.60 19.07
C ALA E 187 3.09 -41.83 20.55
N ASP E 188 4.08 -42.27 21.33
CA ASP E 188 3.91 -42.46 22.77
C ASP E 188 3.43 -41.21 23.47
N GLY E 189 2.40 -41.35 24.31
CA GLY E 189 2.03 -40.29 25.23
C GLY E 189 3.22 -39.94 26.15
N PHE E 190 3.18 -38.75 26.74
CA PHE E 190 4.24 -38.30 27.64
C PHE E 190 4.09 -38.96 29.01
N GLY E 191 4.27 -40.28 29.07
CA GLY E 191 3.96 -41.05 30.26
C GLY E 191 5.18 -41.57 31.01
N TYR E 192 5.45 -41.00 32.18
CA TYR E 192 6.60 -41.39 32.99
C TYR E 192 6.27 -41.37 34.46
N ALA E 193 6.76 -42.37 35.19
CA ALA E 193 6.67 -42.32 36.64
C ALA E 193 8.01 -41.81 37.16
N ASN E 194 7.97 -41.11 38.29
CA ASN E 194 9.18 -40.57 38.89
C ASN E 194 9.69 -41.48 40.02
N ASP E 195 10.96 -41.88 39.93
CA ASP E 195 11.58 -42.71 40.95
C ASP E 195 12.74 -41.93 41.58
N ARG E 196 12.43 -41.26 42.69
CA ARG E 196 13.38 -40.39 43.40
C ARG E 196 14.16 -39.48 42.44
N GLY E 197 13.44 -38.85 41.53
CA GLY E 197 14.05 -37.92 40.59
C GLY E 197 14.34 -38.50 39.22
N ASN E 198 14.48 -39.83 39.13
CA ASN E 198 14.64 -40.48 37.83
C ASN E 198 13.30 -40.76 37.18
N TRP E 199 13.22 -40.54 35.87
CA TRP E 199 11.98 -40.83 35.17
C TRP E 199 12.00 -42.27 34.67
N VAL E 200 10.88 -42.98 34.87
CA VAL E 200 10.76 -44.38 34.46
C VAL E 200 9.64 -44.44 33.43
N LYS E 201 9.94 -44.94 32.25
CA LYS E 201 9.02 -44.88 31.12
C LYS E 201 7.79 -45.76 31.31
N ILE E 202 6.62 -45.21 31.00
CA ILE E 202 5.39 -45.99 31.04
C ILE E 202 5.02 -46.28 29.60
N PRO E 203 5.13 -47.55 29.17
CA PRO E 203 4.74 -47.89 27.80
C PRO E 203 3.30 -47.46 27.55
N GLN E 204 3.05 -46.89 26.38
CA GLN E 204 1.72 -46.39 26.04
C GLN E 204 1.15 -47.40 25.07
N ILE E 205 0.24 -48.24 25.58
CA ILE E 205 -0.26 -49.36 24.81
C ILE E 205 -1.73 -49.19 24.42
N GLY E 206 -2.30 -48.02 24.72
CA GLY E 206 -3.56 -47.65 24.09
C GLY E 206 -3.31 -47.24 22.65
N ARG E 207 -4.36 -46.76 21.97
CA ARG E 207 -4.24 -46.44 20.56
C ARG E 207 -4.75 -45.03 20.28
N VAL E 208 -4.95 -44.75 19.00
CA VAL E 208 -5.68 -43.59 18.59
C VAL E 208 -6.78 -44.10 17.68
N ILE E 209 -7.99 -43.59 17.87
CA ILE E 209 -9.10 -43.97 17.01
C ILE E 209 -9.61 -42.69 16.39
N ILE E 210 -9.57 -42.62 15.07
CA ILE E 210 -10.02 -41.45 14.34
C ILE E 210 -11.31 -41.81 13.60
N GLY E 211 -12.34 -41.00 13.77
CA GLY E 211 -13.63 -41.31 13.15
C GLY E 211 -13.65 -41.09 11.64
N ASP E 212 -14.84 -40.91 11.09
CA ASP E 212 -15.00 -40.65 9.66
C ASP E 212 -14.96 -39.17 9.34
N ARG E 213 -14.54 -38.82 8.12
CA ARG E 213 -14.54 -37.43 7.65
C ARG E 213 -13.77 -36.49 8.58
N VAL E 214 -12.65 -36.97 9.13
CA VAL E 214 -11.80 -36.13 9.98
C VAL E 214 -10.70 -35.55 9.12
N GLU E 215 -10.40 -34.26 9.29
CA GLU E 215 -9.31 -33.64 8.54
C GLU E 215 -8.31 -33.07 9.50
N ILE E 216 -7.03 -33.41 9.29
CA ILE E 216 -5.99 -33.01 10.20
C ILE E 216 -4.88 -32.29 9.41
N GLY E 217 -4.40 -31.19 9.96
CA GLY E 217 -3.43 -30.35 9.27
C GLY E 217 -2.02 -30.91 9.34
N ALA E 218 -1.04 -30.04 9.08
CA ALA E 218 0.37 -30.42 8.97
C ALA E 218 1.13 -30.23 10.27
N CYS E 219 2.12 -31.09 10.49
CA CYS E 219 2.95 -31.05 11.70
C CYS E 219 2.13 -31.01 12.99
N THR E 220 1.06 -31.79 13.01
CA THR E 220 0.24 -31.97 14.19
C THR E 220 0.59 -33.32 14.78
N THR E 221 0.55 -33.42 16.09
CA THR E 221 0.85 -34.68 16.74
C THR E 221 -0.34 -35.10 17.58
N ILE E 222 -0.73 -36.36 17.41
CA ILE E 222 -1.79 -36.94 18.19
C ILE E 222 -1.25 -38.20 18.86
N ASP E 223 -1.09 -38.15 20.18
CA ASP E 223 -0.49 -39.25 20.92
C ASP E 223 -1.46 -40.40 21.17
N ARG E 224 -0.93 -41.62 21.23
CA ARG E 224 -1.74 -42.79 21.58
C ARG E 224 -1.98 -42.81 23.09
N GLY E 225 -3.05 -43.46 23.53
CA GLY E 225 -3.40 -43.44 24.93
C GLY E 225 -2.51 -44.35 25.74
N ALA E 226 -2.50 -44.16 27.06
CA ALA E 226 -1.67 -44.99 27.93
C ALA E 226 -2.20 -46.40 28.00
N LEU E 227 -3.51 -46.52 28.14
CA LEU E 227 -4.13 -47.82 28.34
C LEU E 227 -5.35 -47.93 27.45
N ASP E 228 -6.32 -47.06 27.70
CA ASP E 228 -7.41 -46.84 26.75
C ASP E 228 -6.96 -45.85 25.69
N ASP E 229 -7.88 -45.42 24.84
CA ASP E 229 -7.52 -44.78 23.58
C ASP E 229 -7.71 -43.29 23.51
N THR E 230 -6.88 -42.64 22.68
CA THR E 230 -7.14 -41.27 22.28
C THR E 230 -8.23 -41.37 21.22
N ILE E 231 -9.23 -40.51 21.28
CA ILE E 231 -10.39 -40.65 20.40
C ILE E 231 -10.74 -39.33 19.71
N ILE E 232 -10.79 -39.35 18.38
CA ILE E 232 -11.17 -38.18 17.58
C ILE E 232 -12.48 -38.50 16.86
N GLY E 233 -13.53 -37.75 17.18
CA GLY E 233 -14.85 -38.07 16.67
C GLY E 233 -15.06 -37.74 15.21
N ASN E 234 -16.20 -38.17 14.68
CA ASN E 234 -16.54 -37.91 13.28
C ASN E 234 -16.63 -36.43 12.95
N GLY E 235 -16.13 -36.05 11.76
CA GLY E 235 -16.31 -34.71 11.23
C GLY E 235 -15.48 -33.63 11.93
N VAL E 236 -14.52 -34.05 12.75
CA VAL E 236 -13.67 -33.09 13.45
C VAL E 236 -12.64 -32.50 12.48
N ILE E 237 -12.30 -31.24 12.66
CA ILE E 237 -11.24 -30.62 11.87
C ILE E 237 -10.15 -30.06 12.79
N ILE E 238 -8.90 -30.40 12.48
CA ILE E 238 -7.77 -30.04 13.32
C ILE E 238 -6.71 -29.38 12.45
N ASP E 239 -6.24 -28.22 12.88
CA ASP E 239 -5.37 -27.41 12.03
C ASP E 239 -3.89 -27.85 12.26
N ASN E 240 -2.94 -27.03 11.82
CA ASN E 240 -1.51 -27.35 11.92
C ASN E 240 -0.95 -27.16 13.30
N GLN E 241 0.21 -27.76 13.55
CA GLN E 241 0.99 -27.46 14.75
C GLN E 241 0.25 -27.77 16.05
N CYS E 242 -0.78 -28.59 16.02
CA CYS E 242 -1.49 -28.91 17.26
C CYS E 242 -0.86 -30.09 18.01
N GLN E 243 -1.00 -30.10 19.33
CA GLN E 243 -0.65 -31.25 20.15
C GLN E 243 -1.88 -31.82 20.85
N ILE E 244 -2.28 -33.02 20.47
CA ILE E 244 -3.37 -33.70 21.13
C ILE E 244 -2.80 -34.87 21.95
N ALA E 245 -2.79 -34.69 23.27
CA ALA E 245 -2.05 -35.57 24.15
C ALA E 245 -2.80 -36.88 24.34
N ALA E 246 -2.15 -37.81 25.03
CA ALA E 246 -2.72 -39.14 25.24
C ALA E 246 -4.08 -39.08 25.93
N ASN E 247 -5.00 -39.93 25.47
CA ASN E 247 -6.34 -40.07 26.05
C ASN E 247 -7.25 -38.85 25.98
N VAL E 248 -6.88 -37.86 25.16
CA VAL E 248 -7.82 -36.80 24.83
C VAL E 248 -8.97 -37.41 24.03
N VAL E 249 -10.18 -36.95 24.29
CA VAL E 249 -11.35 -37.35 23.52
C VAL E 249 -12.00 -36.09 22.97
N ILE E 250 -12.22 -36.09 21.65
CA ILE E 250 -12.79 -34.93 20.98
C ILE E 250 -14.12 -35.28 20.32
N GLY E 251 -15.19 -34.61 20.74
CA GLY E 251 -16.53 -34.90 20.23
C GLY E 251 -16.73 -34.56 18.76
N ASP E 252 -17.73 -35.20 18.15
CA ASP E 252 -18.07 -34.99 16.75
C ASP E 252 -18.12 -33.52 16.34
N ASN E 253 -17.60 -33.22 15.15
CA ASN E 253 -17.76 -31.90 14.52
C ASN E 253 -17.10 -30.73 15.24
N THR E 254 -16.26 -31.05 16.20
CA THR E 254 -15.45 -30.01 16.84
C THR E 254 -14.33 -29.53 15.91
N ALA E 255 -14.00 -28.24 15.99
CA ALA E 255 -12.93 -27.64 15.19
C ALA E 255 -11.81 -27.16 16.11
N VAL E 256 -10.57 -27.43 15.72
CA VAL E 256 -9.40 -27.01 16.51
C VAL E 256 -8.44 -26.25 15.62
N ALA E 257 -8.32 -24.95 15.84
CA ALA E 257 -7.45 -24.12 15.01
C ALA E 257 -5.96 -24.35 15.34
N GLY E 258 -5.06 -23.64 14.66
CA GLY E 258 -3.64 -23.96 14.75
C GLY E 258 -2.91 -23.74 16.07
N GLY E 259 -1.93 -24.61 16.35
CA GLY E 259 -1.05 -24.42 17.49
C GLY E 259 -1.70 -24.66 18.85
N VAL E 260 -2.82 -25.37 18.87
CA VAL E 260 -3.46 -25.68 20.15
C VAL E 260 -2.70 -26.79 20.88
N ILE E 261 -2.55 -26.63 22.18
CA ILE E 261 -1.87 -27.65 22.98
C ILE E 261 -2.86 -28.23 23.97
N MET E 262 -3.20 -29.51 23.84
CA MET E 262 -4.14 -30.12 24.79
C MET E 262 -3.43 -31.11 25.70
N ALA E 263 -3.67 -30.99 27.01
CA ALA E 263 -3.10 -31.91 28.00
C ALA E 263 -3.84 -33.24 27.99
N GLY E 264 -3.23 -34.27 28.58
CA GLY E 264 -3.79 -35.61 28.54
C GLY E 264 -5.10 -35.77 29.30
N SER E 265 -5.93 -36.69 28.81
CA SER E 265 -7.24 -37.00 29.41
C SER E 265 -8.24 -35.84 29.42
N LEU E 266 -8.05 -34.88 28.53
CA LEU E 266 -9.06 -33.85 28.31
C LEU E 266 -10.22 -34.44 27.50
N LYS E 267 -11.44 -34.14 27.89
CA LYS E 267 -12.59 -34.50 27.07
C LYS E 267 -13.25 -33.24 26.57
N ILE E 268 -13.35 -33.12 25.26
CA ILE E 268 -14.04 -32.00 24.63
C ILE E 268 -15.34 -32.45 23.96
N GLY E 269 -16.42 -31.70 24.16
CA GLY E 269 -17.71 -32.11 23.63
C GLY E 269 -17.86 -31.87 22.13
N ARG E 270 -19.11 -31.93 21.66
CA ARG E 270 -19.42 -31.72 20.26
C ARG E 270 -19.58 -30.25 19.89
N TYR E 271 -19.33 -29.94 18.61
CA TYR E 271 -19.53 -28.60 18.07
C TYR E 271 -18.77 -27.52 18.84
N CYS E 272 -17.58 -27.85 19.34
CA CYS E 272 -16.76 -26.82 19.96
C CYS E 272 -15.83 -26.19 18.93
N MET E 273 -15.37 -24.97 19.24
CA MET E 273 -14.41 -24.27 18.38
C MET E 273 -13.32 -23.81 19.29
N ILE E 274 -12.13 -24.40 19.14
CA ILE E 274 -11.03 -24.05 20.01
C ILE E 274 -10.13 -23.11 19.23
N GLY E 275 -10.01 -21.86 19.70
CA GLY E 275 -9.26 -20.83 18.98
C GLY E 275 -7.77 -21.19 18.95
N GLY E 276 -7.06 -20.72 17.94
CA GLY E 276 -5.66 -21.07 17.81
C GLY E 276 -4.81 -20.66 18.99
N ALA E 277 -3.75 -21.43 19.23
CA ALA E 277 -2.76 -21.15 20.28
C ALA E 277 -3.33 -21.25 21.68
N SER E 278 -4.49 -21.85 21.84
CA SER E 278 -5.02 -22.11 23.18
C SER E 278 -4.24 -23.21 23.87
N VAL E 279 -4.23 -23.17 25.19
CA VAL E 279 -3.57 -24.18 26.01
C VAL E 279 -4.58 -24.75 26.97
N ILE E 280 -4.79 -26.06 26.89
CA ILE E 280 -5.89 -26.66 27.66
C ILE E 280 -5.44 -27.71 28.67
N ASN E 281 -5.73 -27.45 29.94
CA ASN E 281 -5.42 -28.33 31.06
C ASN E 281 -6.09 -29.70 30.89
N GLY E 282 -5.61 -30.71 31.61
CA GLY E 282 -6.06 -32.08 31.36
C GLY E 282 -6.97 -32.62 32.44
N HIS E 283 -7.30 -33.91 32.34
CA HIS E 283 -8.15 -34.61 33.33
C HIS E 283 -9.39 -33.80 33.69
N MET E 284 -10.09 -33.33 32.65
CA MET E 284 -11.25 -32.47 32.87
C MET E 284 -12.08 -32.42 31.60
N GLU E 285 -13.22 -31.75 31.67
CA GLU E 285 -14.13 -31.78 30.55
C GLU E 285 -14.59 -30.40 30.09
N ILE E 286 -14.86 -30.32 28.80
CA ILE E 286 -15.45 -29.13 28.18
C ILE E 286 -16.71 -29.60 27.48
N CYS E 287 -17.86 -29.02 27.84
CA CYS E 287 -19.14 -29.48 27.31
C CYS E 287 -19.37 -29.09 25.84
N ASP E 288 -20.57 -29.39 25.33
CA ASP E 288 -20.90 -29.12 23.92
C ASP E 288 -21.04 -27.61 23.68
N LYS E 289 -20.79 -27.19 22.44
CA LYS E 289 -21.10 -25.82 22.01
C LYS E 289 -20.29 -24.75 22.75
N VAL E 290 -19.03 -25.05 23.04
CA VAL E 290 -18.14 -24.08 23.67
C VAL E 290 -17.17 -23.51 22.63
N THR E 291 -17.04 -22.18 22.61
CA THR E 291 -16.00 -21.55 21.82
C THR E 291 -14.94 -20.94 22.74
N VAL E 292 -13.68 -21.31 22.52
CA VAL E 292 -12.57 -20.69 23.21
C VAL E 292 -11.89 -19.79 22.19
N THR E 293 -11.76 -18.50 22.49
CA THR E 293 -11.09 -17.60 21.56
C THR E 293 -9.57 -17.81 21.64
N GLY E 294 -8.84 -17.20 20.71
CA GLY E 294 -7.42 -17.48 20.54
C GLY E 294 -6.55 -17.22 21.74
N MET E 295 -5.52 -18.05 21.87
CA MET E 295 -4.56 -17.97 22.96
C MET E 295 -5.22 -18.16 24.32
N GLY E 296 -6.35 -18.86 24.36
CA GLY E 296 -7.07 -19.06 25.61
C GLY E 296 -6.31 -19.94 26.60
N MET E 297 -6.25 -19.49 27.85
CA MET E 297 -5.62 -20.28 28.90
C MET E 297 -6.71 -21.06 29.62
N VAL E 298 -6.98 -22.27 29.11
CA VAL E 298 -8.09 -23.07 29.63
C VAL E 298 -7.65 -23.93 30.79
N MET E 299 -7.74 -23.37 31.99
CA MET E 299 -7.24 -24.01 33.19
C MET E 299 -8.30 -24.89 33.90
N ARG E 300 -9.57 -24.55 33.71
CA ARG E 300 -10.67 -25.20 34.44
C ARG E 300 -11.69 -25.81 33.49
N PRO E 301 -12.51 -26.77 33.98
CA PRO E 301 -13.53 -27.35 33.09
C PRO E 301 -14.56 -26.31 32.66
N ILE E 302 -15.21 -26.54 31.53
CA ILE E 302 -16.24 -25.63 31.08
C ILE E 302 -17.56 -26.40 31.03
N THR E 303 -18.50 -25.98 31.86
CA THR E 303 -19.74 -26.73 32.06
C THR E 303 -20.96 -26.13 31.34
N GLU E 304 -20.81 -24.90 30.85
CA GLU E 304 -21.89 -24.22 30.17
C GLU E 304 -21.41 -23.76 28.79
N PRO E 305 -22.27 -23.92 27.78
CA PRO E 305 -21.93 -23.50 26.41
C PRO E 305 -21.84 -21.99 26.33
N GLY E 306 -21.14 -21.49 25.31
CA GLY E 306 -20.94 -20.07 25.15
C GLY E 306 -19.50 -19.79 24.74
N VAL E 307 -19.10 -18.53 24.83
CA VAL E 307 -17.79 -18.09 24.38
C VAL E 307 -16.96 -17.62 25.57
N TYR E 308 -15.70 -18.05 25.60
CA TYR E 308 -14.83 -17.79 26.73
C TYR E 308 -13.49 -17.33 26.20
N SER E 309 -12.83 -16.43 26.94
CA SER E 309 -11.59 -15.80 26.48
C SER E 309 -10.63 -15.50 27.63
N SER E 310 -9.38 -15.18 27.27
CA SER E 310 -8.37 -14.74 28.22
C SER E 310 -7.26 -14.00 27.48
N GLY E 311 -6.32 -13.40 28.22
CA GLY E 311 -5.20 -12.71 27.59
C GLY E 311 -5.34 -11.19 27.67
N ILE E 312 -4.23 -10.51 27.93
CA ILE E 312 -4.21 -9.07 27.84
C ILE E 312 -3.48 -8.76 26.56
N PRO E 313 -4.13 -8.02 25.64
CA PRO E 313 -3.58 -7.75 24.29
C PRO E 313 -2.40 -6.77 24.29
N LEU E 314 -1.72 -6.68 23.15
CA LEU E 314 -0.54 -5.80 22.97
C LEU E 314 -0.77 -4.35 23.39
N GLN E 315 0.32 -3.73 23.83
CA GLN E 315 0.37 -2.28 24.03
C GLN E 315 1.73 -1.82 23.57
N PRO E 316 1.88 -0.50 23.31
CA PRO E 316 3.23 0.03 23.06
C PRO E 316 4.16 -0.41 24.19
N ASN E 317 5.40 -0.76 23.86
CA ASN E 317 6.30 -1.38 24.84
C ASN E 317 6.40 -0.54 26.12
N LYS E 318 6.55 0.77 25.96
CA LYS E 318 6.69 1.69 27.10
C LYS E 318 5.48 1.59 28.04
N VAL E 319 4.28 1.54 27.46
CA VAL E 319 3.05 1.33 28.21
C VAL E 319 3.00 -0.05 28.88
N TRP E 320 3.34 -1.09 28.14
CA TRP E 320 3.28 -2.45 28.66
C TRP E 320 4.14 -2.62 29.90
N ARG E 321 5.35 -2.06 29.86
CA ARG E 321 6.25 -2.13 31.01
C ARG E 321 5.54 -1.73 32.30
N LYS E 322 4.87 -0.58 32.26
CA LYS E 322 4.19 -0.07 33.45
C LYS E 322 2.98 -0.95 33.78
N THR E 323 2.26 -1.38 32.75
CA THR E 323 1.13 -2.28 32.94
C THR E 323 1.57 -3.53 33.67
N ALA E 324 2.64 -4.16 33.19
CA ALA E 324 3.04 -5.46 33.73
C ALA E 324 3.52 -5.29 35.17
N ALA E 325 4.29 -4.24 35.41
CA ALA E 325 4.82 -3.97 36.75
C ALA E 325 3.69 -3.73 37.75
N LEU E 326 2.65 -3.01 37.30
CA LEU E 326 1.51 -2.73 38.16
C LEU E 326 0.69 -3.98 38.46
N VAL E 327 0.51 -4.84 37.46
CA VAL E 327 -0.23 -6.10 37.66
C VAL E 327 0.51 -7.00 38.64
N MET E 328 1.83 -7.06 38.51
CA MET E 328 2.64 -7.92 39.37
C MET E 328 2.62 -7.45 40.82
N ASN E 329 2.31 -6.18 41.01
CA ASN E 329 2.17 -5.64 42.37
C ASN E 329 0.71 -5.35 42.72
N ILE E 330 -0.23 -6.01 42.04
CA ILE E 330 -1.65 -5.73 42.23
C ILE E 330 -2.11 -6.01 43.67
N ASP E 331 -1.44 -6.92 44.35
CA ASP E 331 -1.85 -7.25 45.71
C ASP E 331 -1.63 -6.06 46.64
N ASP E 332 -0.55 -5.32 46.41
CA ASP E 332 -0.23 -4.12 47.19
C ASP E 332 -1.22 -3.01 46.89
N MET E 333 -1.70 -2.96 45.66
CA MET E 333 -2.74 -2.02 45.26
C MET E 333 -4.02 -2.36 46.02
N SER E 334 -4.32 -3.65 46.08
CA SER E 334 -5.50 -4.15 46.80
C SER E 334 -5.48 -3.75 48.28
N LYS E 335 -4.33 -3.93 48.94
CA LYS E 335 -4.18 -3.58 50.35
C LYS E 335 -4.33 -2.08 50.56
N ARG E 336 -3.64 -1.30 49.74
CA ARG E 336 -3.72 0.15 49.83
C ARG E 336 -5.16 0.60 49.64
N LEU E 337 -5.91 -0.13 48.84
CA LEU E 337 -7.33 0.15 48.64
C LEU E 337 -8.14 -0.12 49.89
N LYS E 338 -7.97 -1.30 50.48
CA LYS E 338 -8.71 -1.65 51.69
C LYS E 338 -8.37 -0.68 52.82
N SER E 339 -7.07 -0.44 53.01
CA SER E 339 -6.60 0.50 54.03
C SER E 339 -7.17 1.91 53.84
N LEU E 340 -7.54 2.24 52.61
CA LEU E 340 -8.11 3.55 52.33
C LEU E 340 -9.62 3.57 52.56
N GLU E 341 -10.29 2.48 52.18
CA GLU E 341 -11.72 2.37 52.45
C GLU E 341 -11.98 2.44 53.94
N ARG E 342 -11.16 1.75 54.72
CA ARG E 342 -11.28 1.74 56.18
C ARG E 342 -11.11 3.14 56.78
N LYS E 343 -10.09 3.86 56.31
CA LYS E 343 -9.79 5.20 56.81
C LYS E 343 -10.96 6.17 56.59
N VAL E 344 -11.60 6.07 55.43
CA VAL E 344 -12.73 6.93 55.09
C VAL E 344 -13.94 6.68 55.98
N ASN E 345 -14.36 5.43 56.09
CA ASN E 345 -15.57 5.08 56.83
C ASN E 345 -15.45 5.20 58.35
N SER F 10 42.04 -23.91 5.84
CA SER F 10 42.71 -22.84 6.56
C SER F 10 43.10 -21.68 5.64
N ILE F 11 43.33 -20.52 6.26
CA ILE F 11 43.58 -19.28 5.52
C ILE F 11 44.53 -18.36 6.31
N ARG F 12 45.43 -17.68 5.60
CA ARG F 12 46.31 -16.69 6.22
C ARG F 12 45.47 -15.52 6.73
N LEU F 13 45.76 -15.05 7.93
CA LEU F 13 44.98 -13.98 8.55
C LEU F 13 44.94 -12.72 7.68
N ALA F 14 46.04 -12.42 7.01
CA ALA F 14 46.06 -11.26 6.11
C ALA F 14 45.13 -11.46 4.92
N ASP F 15 45.00 -12.71 4.47
CA ASP F 15 44.14 -13.01 3.33
C ASP F 15 42.68 -12.99 3.75
N LEU F 16 42.42 -13.42 4.98
CA LEU F 16 41.09 -13.35 5.56
C LEU F 16 40.66 -11.90 5.81
N ALA F 17 41.56 -11.11 6.41
CA ALA F 17 41.30 -9.70 6.70
C ALA F 17 40.88 -8.94 5.45
N GLN F 18 41.55 -9.24 4.34
CA GLN F 18 41.20 -8.64 3.07
C GLN F 18 39.78 -9.01 2.64
N GLN F 19 39.45 -10.31 2.67
CA GLN F 19 38.13 -10.77 2.28
C GLN F 19 37.05 -10.20 3.17
N LEU F 20 37.43 -9.82 4.39
CA LEU F 20 36.48 -9.28 5.35
C LEU F 20 36.49 -7.75 5.36
N ASP F 21 37.31 -7.16 4.48
CA ASP F 21 37.49 -5.71 4.42
C ASP F 21 37.80 -5.15 5.82
N ALA F 22 38.64 -5.87 6.56
CA ALA F 22 39.02 -5.53 7.92
C ALA F 22 40.42 -4.96 7.95
N GLU F 23 40.65 -3.98 8.82
CA GLU F 23 42.02 -3.52 8.98
C GLU F 23 42.73 -4.42 9.98
N LEU F 24 43.85 -4.99 9.55
CA LEU F 24 44.59 -5.96 10.35
C LEU F 24 45.60 -5.31 11.28
N HIS F 25 45.61 -5.75 12.54
CA HIS F 25 46.64 -5.35 13.48
C HIS F 25 47.32 -6.59 14.03
N GLY F 26 48.55 -6.86 13.57
CA GLY F 26 49.26 -8.06 13.97
C GLY F 26 49.83 -8.88 12.82
N ASP F 27 50.21 -10.12 13.09
CA ASP F 27 50.88 -10.97 12.10
C ASP F 27 49.92 -11.58 11.08
N GLY F 28 50.06 -11.17 9.82
CA GLY F 28 49.18 -11.61 8.75
C GLY F 28 49.44 -13.02 8.27
N ASP F 29 50.58 -13.57 8.68
CA ASP F 29 51.01 -14.91 8.28
C ASP F 29 50.39 -15.97 9.18
N ILE F 30 49.72 -15.52 10.25
CA ILE F 30 49.00 -16.44 11.13
C ILE F 30 48.01 -17.30 10.34
N VAL F 31 48.06 -18.61 10.55
CA VAL F 31 47.12 -19.53 9.90
C VAL F 31 45.83 -19.69 10.74
N ILE F 32 44.69 -19.34 10.14
CA ILE F 32 43.40 -19.49 10.81
C ILE F 32 42.72 -20.75 10.28
N THR F 33 42.30 -21.64 11.18
CA THR F 33 41.67 -22.91 10.80
C THR F 33 40.15 -22.92 10.98
N GLY F 34 39.64 -22.12 11.91
CA GLY F 34 38.21 -22.03 12.12
C GLY F 34 37.77 -20.91 13.05
N VAL F 35 36.45 -20.80 13.22
CA VAL F 35 35.84 -19.83 14.14
C VAL F 35 35.51 -20.56 15.44
N ALA F 36 35.54 -19.85 16.57
CA ALA F 36 35.16 -20.43 17.85
C ALA F 36 34.75 -19.33 18.81
N SER F 37 34.04 -19.72 19.86
CA SER F 37 33.62 -18.80 20.89
C SER F 37 34.82 -18.23 21.63
N MET F 38 34.62 -17.08 22.27
CA MET F 38 35.72 -16.40 22.95
C MET F 38 36.24 -17.22 24.13
N GLN F 39 35.42 -18.11 24.67
CA GLN F 39 35.87 -18.91 25.79
C GLN F 39 36.44 -20.26 25.33
N SER F 40 36.07 -20.70 24.13
CA SER F 40 36.62 -21.96 23.62
C SER F 40 37.81 -21.79 22.67
N ALA F 41 38.03 -20.58 22.16
CA ALA F 41 39.02 -20.36 21.10
C ALA F 41 40.42 -20.76 21.56
N GLN F 42 41.16 -21.39 20.65
CA GLN F 42 42.55 -21.74 20.90
C GLN F 42 43.38 -21.25 19.72
N THR F 43 44.66 -21.58 19.74
CA THR F 43 45.58 -21.27 18.65
C THR F 43 44.97 -21.71 17.33
N GLY F 44 44.99 -20.80 16.35
CA GLY F 44 44.45 -21.10 15.02
C GLY F 44 42.99 -20.71 14.84
N HIS F 45 42.32 -20.36 15.93
CA HIS F 45 40.94 -19.90 15.81
C HIS F 45 40.85 -18.37 15.80
N ILE F 46 39.84 -17.87 15.11
CA ILE F 46 39.47 -16.46 15.17
C ILE F 46 38.16 -16.34 15.92
N THR F 47 38.05 -15.32 16.77
CA THR F 47 36.78 -15.08 17.43
C THR F 47 36.37 -13.62 17.24
N PHE F 48 35.36 -13.20 17.99
CA PHE F 48 34.86 -11.84 17.84
C PHE F 48 34.36 -11.30 19.17
N MET F 49 34.34 -9.97 19.28
CA MET F 49 33.79 -9.31 20.46
C MET F 49 32.82 -8.22 20.03
N VAL F 50 31.63 -8.24 20.62
CA VAL F 50 30.64 -7.20 20.36
C VAL F 50 30.35 -6.39 21.63
N ASN F 51 30.38 -7.08 22.78
CA ASN F 51 30.18 -6.45 24.08
C ASN F 51 31.48 -5.93 24.68
N PRO F 52 31.60 -4.59 24.83
CA PRO F 52 32.81 -3.94 25.36
C PRO F 52 33.12 -4.32 26.81
N LYS F 53 32.23 -5.07 27.46
CA LYS F 53 32.47 -5.54 28.81
C LYS F 53 33.55 -6.61 28.86
N TYR F 54 33.80 -7.24 27.72
CA TYR F 54 34.71 -8.38 27.68
C TYR F 54 36.10 -7.92 27.29
N ARG F 55 36.29 -6.60 27.28
CA ARG F 55 37.57 -5.96 26.96
C ARG F 55 38.69 -6.41 27.89
N GLU F 56 38.47 -6.31 29.19
CA GLU F 56 39.49 -6.68 30.17
C GLU F 56 39.56 -8.19 30.35
N HIS F 57 38.70 -8.91 29.63
CA HIS F 57 38.73 -10.37 29.65
C HIS F 57 39.65 -10.89 28.54
N LEU F 58 39.91 -10.06 27.55
CA LEU F 58 40.62 -10.46 26.33
C LEU F 58 41.98 -11.15 26.55
N GLY F 59 42.62 -10.87 27.67
CA GLY F 59 43.88 -11.52 28.00
C GLY F 59 43.71 -13.01 28.26
N LEU F 60 42.51 -13.38 28.69
CA LEU F 60 42.21 -14.78 28.97
C LEU F 60 41.94 -15.57 27.69
N CYS F 61 41.44 -14.88 26.67
CA CYS F 61 41.10 -15.56 25.42
C CYS F 61 42.37 -16.07 24.75
N GLN F 62 42.30 -17.27 24.18
CA GLN F 62 43.46 -17.88 23.53
C GLN F 62 43.35 -17.97 22.01
N ALA F 63 42.37 -17.25 21.44
CA ALA F 63 42.27 -17.11 19.99
C ALA F 63 43.56 -16.58 19.39
N SER F 64 43.77 -16.86 18.11
CA SER F 64 44.90 -16.27 17.39
C SER F 64 44.56 -14.85 16.92
N ALA F 65 43.27 -14.58 16.76
CA ALA F 65 42.83 -13.27 16.30
C ALA F 65 41.42 -12.96 16.77
N VAL F 66 41.14 -11.69 16.99
CA VAL F 66 39.82 -11.25 17.45
C VAL F 66 39.28 -10.11 16.60
N VAL F 67 38.06 -10.27 16.12
CA VAL F 67 37.36 -9.20 15.40
C VAL F 67 36.76 -8.22 16.41
N MET F 68 37.06 -6.94 16.26
CA MET F 68 36.57 -5.93 17.21
C MET F 68 36.48 -4.56 16.53
N THR F 69 36.13 -3.53 17.29
CA THR F 69 36.00 -2.19 16.73
C THR F 69 37.26 -1.35 16.95
N GLN F 70 37.27 -0.16 16.37
CA GLN F 70 38.39 0.78 16.51
C GLN F 70 38.55 1.22 17.96
N ASP F 71 37.43 1.32 18.68
CA ASP F 71 37.43 1.73 20.07
C ASP F 71 37.94 0.61 20.98
N ASP F 72 37.81 -0.63 20.51
CA ASP F 72 38.22 -1.80 21.27
C ASP F 72 39.71 -2.06 21.11
N LEU F 73 40.28 -1.55 20.03
CA LEU F 73 41.69 -1.80 19.69
C LEU F 73 42.69 -1.65 20.84
N PRO F 74 42.56 -0.59 21.66
CA PRO F 74 43.55 -0.44 22.75
C PRO F 74 43.63 -1.63 23.73
N PHE F 75 42.57 -2.43 23.81
CA PHE F 75 42.53 -3.53 24.78
C PHE F 75 42.97 -4.85 24.19
N ALA F 76 43.17 -4.88 22.87
CA ALA F 76 43.55 -6.10 22.17
C ALA F 76 44.74 -6.81 22.80
N LYS F 77 44.63 -8.13 22.94
CA LYS F 77 45.71 -8.94 23.49
C LYS F 77 45.99 -10.11 22.57
N SER F 78 45.92 -9.83 21.27
CA SER F 78 46.17 -10.79 20.21
C SER F 78 46.11 -9.99 18.93
N ALA F 79 46.31 -10.65 17.80
CA ALA F 79 46.08 -10.00 16.52
C ALA F 79 44.61 -9.61 16.45
N ALA F 80 44.34 -8.45 15.88
CA ALA F 80 42.98 -7.92 15.89
C ALA F 80 42.55 -7.52 14.49
N LEU F 81 41.31 -7.87 14.14
CA LEU F 81 40.71 -7.39 12.92
C LEU F 81 39.74 -6.30 13.30
N VAL F 82 39.97 -5.08 12.78
CA VAL F 82 39.15 -3.94 13.15
C VAL F 82 38.14 -3.58 12.06
N VAL F 83 36.87 -3.56 12.46
CA VAL F 83 35.77 -3.34 11.54
C VAL F 83 34.73 -2.45 12.21
N LYS F 84 33.71 -2.09 11.46
CA LYS F 84 32.58 -1.31 11.98
C LYS F 84 31.55 -2.19 12.70
N ASN F 85 31.39 -3.42 12.24
CA ASN F 85 30.32 -4.29 12.73
C ASN F 85 30.82 -5.71 12.94
N PRO F 86 31.39 -5.97 14.13
CA PRO F 86 32.03 -7.26 14.40
C PRO F 86 31.06 -8.42 14.20
N TYR F 87 29.79 -8.22 14.50
CA TYR F 87 28.83 -9.34 14.43
C TYR F 87 28.60 -9.73 12.97
N LEU F 88 28.41 -8.73 12.13
CA LEU F 88 28.27 -8.96 10.70
C LEU F 88 29.55 -9.59 10.14
N THR F 89 30.68 -9.07 10.60
CA THR F 89 31.97 -9.61 10.21
C THR F 89 32.10 -11.06 10.67
N TYR F 90 31.56 -11.35 11.86
CA TYR F 90 31.51 -12.73 12.38
C TYR F 90 30.75 -13.63 11.41
N ALA F 91 29.64 -13.14 10.88
CA ALA F 91 28.82 -13.93 9.98
C ALA F 91 29.56 -14.25 8.70
N ARG F 92 30.17 -13.23 8.11
CA ARG F 92 30.93 -13.42 6.88
C ARG F 92 32.12 -14.37 7.04
N MET F 93 32.87 -14.25 8.14
CA MET F 93 34.05 -15.09 8.33
C MET F 93 33.67 -16.54 8.66
N ALA F 94 32.50 -16.71 9.25
CA ALA F 94 32.02 -18.06 9.58
C ALA F 94 31.54 -18.71 8.30
N GLN F 95 31.05 -17.88 7.38
CA GLN F 95 30.68 -18.36 6.06
C GLN F 95 31.94 -18.82 5.30
N ILE F 96 33.01 -18.04 5.42
CA ILE F 96 34.27 -18.37 4.78
C ILE F 96 34.83 -19.67 5.33
N LEU F 97 34.71 -19.85 6.64
CA LEU F 97 35.25 -21.03 7.32
C LEU F 97 34.16 -22.03 7.71
N ASP F 98 33.09 -22.08 6.93
CA ASP F 98 31.95 -22.97 7.19
C ASP F 98 32.33 -24.45 7.05
N THR F 99 31.99 -25.26 8.05
CA THR F 99 32.22 -26.71 7.97
C THR F 99 30.95 -27.49 7.62
N THR F 100 29.85 -26.77 7.45
CA THR F 100 28.55 -27.40 7.20
C THR F 100 28.56 -28.15 5.86
N PRO F 101 28.20 -29.45 5.87
CA PRO F 101 28.15 -30.17 4.59
C PRO F 101 26.89 -29.77 3.81
N GLN F 102 26.77 -30.27 2.58
CA GLN F 102 25.58 -30.05 1.77
C GLN F 102 24.56 -31.15 2.03
N PRO F 103 23.26 -30.88 1.80
CA PRO F 103 22.26 -31.92 2.02
C PRO F 103 22.46 -33.12 1.10
N ALA F 104 23.13 -32.90 -0.02
CA ALA F 104 23.39 -33.95 -1.00
C ALA F 104 24.40 -33.49 -2.05
N GLN F 105 25.08 -34.45 -2.68
CA GLN F 105 25.88 -34.25 -3.88
C GLN F 105 25.50 -35.40 -4.80
N ASN F 106 25.67 -35.22 -6.11
CA ASN F 106 25.18 -36.20 -7.10
C ASN F 106 23.64 -36.31 -7.11
N ILE F 107 23.14 -37.09 -8.05
CA ILE F 107 21.74 -37.47 -8.05
C ILE F 107 21.66 -38.93 -7.63
N ALA F 108 21.00 -39.19 -6.51
CA ALA F 108 20.96 -40.53 -5.93
C ALA F 108 20.19 -41.53 -6.79
N PRO F 109 20.77 -42.74 -6.97
CA PRO F 109 20.14 -43.86 -7.68
C PRO F 109 18.76 -44.18 -7.09
N SER F 110 18.62 -44.01 -5.77
CA SER F 110 17.37 -44.34 -5.08
C SER F 110 16.33 -43.23 -5.11
N ALA F 111 16.69 -42.06 -5.63
CA ALA F 111 15.73 -40.97 -5.77
C ALA F 111 14.72 -41.30 -6.86
N VAL F 112 13.47 -40.87 -6.69
CA VAL F 112 12.43 -41.14 -7.67
C VAL F 112 12.01 -39.84 -8.35
N ILE F 113 12.41 -39.69 -9.60
CA ILE F 113 12.25 -38.43 -10.33
C ILE F 113 11.38 -38.61 -11.55
N ASP F 114 10.26 -37.90 -11.59
CA ASP F 114 9.32 -38.06 -12.70
C ASP F 114 10.00 -37.66 -14.01
N ALA F 115 9.62 -38.31 -15.10
CA ALA F 115 10.27 -38.09 -16.39
C ALA F 115 10.07 -36.68 -16.96
N THR F 116 9.03 -36.00 -16.49
CA THR F 116 8.72 -34.66 -16.99
C THR F 116 9.37 -33.53 -16.16
N ALA F 117 10.11 -33.91 -15.12
CA ALA F 117 10.82 -32.92 -14.30
C ALA F 117 12.00 -32.30 -15.04
N LYS F 118 12.20 -31.00 -14.81
CA LYS F 118 13.28 -30.27 -15.47
C LYS F 118 14.36 -29.88 -14.47
N LEU F 119 15.57 -30.41 -14.68
CA LEU F 119 16.69 -30.13 -13.80
C LEU F 119 17.71 -29.23 -14.49
N GLY F 120 18.16 -28.20 -13.78
CA GLY F 120 19.22 -27.36 -14.31
C GLY F 120 20.57 -28.02 -14.17
N ASN F 121 21.63 -27.24 -14.38
CA ASN F 121 22.98 -27.74 -14.23
C ASN F 121 23.40 -27.87 -12.78
N ASN F 122 24.22 -28.89 -12.51
CA ASN F 122 24.76 -29.10 -11.17
C ASN F 122 23.68 -29.24 -10.09
N VAL F 123 22.58 -29.88 -10.43
CA VAL F 123 21.57 -30.19 -9.41
C VAL F 123 21.98 -31.45 -8.64
N SER F 124 21.81 -31.42 -7.32
CA SER F 124 21.97 -32.60 -6.47
C SER F 124 20.65 -33.00 -5.82
N ILE F 125 20.38 -34.30 -5.79
CA ILE F 125 19.16 -34.82 -5.19
C ILE F 125 19.47 -36.03 -4.33
N GLY F 126 19.17 -35.92 -3.03
CA GLY F 126 19.53 -36.95 -2.07
C GLY F 126 18.76 -38.26 -2.15
N ALA F 127 19.21 -39.25 -1.38
CA ALA F 127 18.62 -40.58 -1.40
C ALA F 127 17.13 -40.54 -1.10
N ASN F 128 16.34 -41.31 -1.86
CA ASN F 128 14.91 -41.50 -1.61
C ASN F 128 14.03 -40.25 -1.68
N ALA F 129 14.58 -39.14 -2.17
CA ALA F 129 13.75 -37.97 -2.47
C ALA F 129 12.78 -38.29 -3.61
N VAL F 130 11.61 -37.68 -3.57
CA VAL F 130 10.58 -37.91 -4.59
C VAL F 130 10.23 -36.60 -5.28
N ILE F 131 10.47 -36.54 -6.59
CA ILE F 131 10.22 -35.34 -7.38
C ILE F 131 9.06 -35.58 -8.36
N GLU F 132 7.98 -34.83 -8.21
CA GLU F 132 6.79 -35.03 -9.04
C GLU F 132 6.89 -34.49 -10.47
N SER F 133 5.84 -34.76 -11.25
CA SER F 133 5.77 -34.30 -12.65
C SER F 133 5.77 -32.78 -12.77
N GLY F 134 6.33 -32.27 -13.85
CA GLY F 134 6.34 -30.83 -14.11
C GLY F 134 7.21 -29.98 -13.19
N VAL F 135 7.96 -30.61 -12.28
CA VAL F 135 8.82 -29.86 -11.36
C VAL F 135 10.01 -29.24 -12.10
N GLU F 136 10.35 -28.01 -11.73
CA GLU F 136 11.55 -27.37 -12.27
C GLU F 136 12.53 -26.99 -11.17
N LEU F 137 13.76 -27.45 -11.31
CA LEU F 137 14.82 -27.15 -10.35
C LEU F 137 15.93 -26.36 -11.04
N GLY F 138 16.19 -25.15 -10.55
CA GLY F 138 17.17 -24.28 -11.17
C GLY F 138 18.59 -24.77 -10.95
N ASP F 139 19.55 -24.08 -11.57
CA ASP F 139 20.97 -24.42 -11.43
C ASP F 139 21.41 -24.49 -9.98
N ASN F 140 22.22 -25.50 -9.67
CA ASN F 140 22.81 -25.65 -8.34
C ASN F 140 21.80 -25.90 -7.23
N VAL F 141 20.55 -26.19 -7.58
CA VAL F 141 19.57 -26.61 -6.56
C VAL F 141 20.02 -27.91 -5.88
N ILE F 142 19.81 -27.99 -4.57
CA ILE F 142 20.13 -29.19 -3.82
C ILE F 142 18.91 -29.65 -3.04
N ILE F 143 18.45 -30.85 -3.33
CA ILE F 143 17.29 -31.41 -2.65
C ILE F 143 17.72 -32.51 -1.67
N GLY F 144 17.53 -32.30 -0.37
CA GLY F 144 17.93 -33.29 0.63
C GLY F 144 17.27 -34.66 0.53
N ALA F 145 17.84 -35.64 1.23
CA ALA F 145 17.27 -36.99 1.23
C ALA F 145 15.85 -37.00 1.77
N GLY F 146 14.99 -37.83 1.18
CA GLY F 146 13.65 -38.03 1.70
C GLY F 146 12.70 -36.86 1.46
N CYS F 147 13.12 -35.86 0.69
CA CYS F 147 12.21 -34.76 0.39
C CYS F 147 11.07 -35.17 -0.56
N PHE F 148 9.97 -34.41 -0.50
CA PHE F 148 8.94 -34.50 -1.52
C PHE F 148 8.74 -33.12 -2.16
N VAL F 149 8.83 -33.06 -3.48
CA VAL F 149 8.51 -31.84 -4.20
C VAL F 149 7.36 -32.11 -5.14
N GLY F 150 6.23 -31.46 -4.89
CA GLY F 150 4.97 -31.79 -5.57
C GLY F 150 4.86 -31.28 -7.01
N LYS F 151 3.78 -31.68 -7.68
CA LYS F 151 3.59 -31.37 -9.11
C LYS F 151 3.70 -29.90 -9.47
N ASN F 152 4.42 -29.62 -10.56
CA ASN F 152 4.59 -28.26 -11.10
C ASN F 152 5.27 -27.23 -10.19
N SER F 153 5.79 -27.64 -9.05
CA SER F 153 6.50 -26.69 -8.20
C SER F 153 7.82 -26.26 -8.85
N LYS F 154 8.30 -25.08 -8.48
CA LYS F 154 9.51 -24.50 -9.07
C LYS F 154 10.46 -24.01 -8.00
N ILE F 155 11.69 -24.48 -8.04
CA ILE F 155 12.66 -24.08 -7.02
C ILE F 155 13.81 -23.37 -7.73
N GLY F 156 14.05 -22.11 -7.35
CA GLY F 156 15.01 -21.28 -8.08
C GLY F 156 16.46 -21.63 -7.84
N ALA F 157 17.35 -21.08 -8.68
CA ALA F 157 18.77 -21.42 -8.63
C ALA F 157 19.42 -21.18 -7.27
N GLY F 158 20.21 -22.15 -6.84
CA GLY F 158 21.00 -21.98 -5.63
C GLY F 158 20.22 -22.36 -4.38
N SER F 159 18.91 -22.58 -4.48
CA SER F 159 18.13 -22.94 -3.31
C SER F 159 18.37 -24.37 -2.83
N ARG F 160 18.23 -24.58 -1.51
CA ARG F 160 18.58 -25.87 -0.92
C ARG F 160 17.55 -26.30 0.12
N LEU F 161 17.22 -27.59 0.08
CA LEU F 161 16.30 -28.19 1.03
C LEU F 161 17.07 -29.24 1.82
N TRP F 162 17.04 -29.16 3.14
CA TRP F 162 17.59 -30.24 3.95
C TRP F 162 16.68 -31.46 3.86
N ALA F 163 17.03 -32.51 4.59
CA ALA F 163 16.32 -33.78 4.45
C ALA F 163 14.88 -33.68 4.91
N ASN F 164 14.02 -34.51 4.34
CA ASN F 164 12.64 -34.65 4.82
C ASN F 164 11.87 -33.33 4.88
N VAL F 165 12.02 -32.52 3.83
CA VAL F 165 11.19 -31.34 3.65
C VAL F 165 10.09 -31.70 2.67
N THR F 166 8.88 -31.19 2.90
CA THR F 166 7.76 -31.47 2.01
C THR F 166 7.31 -30.18 1.33
N ILE F 167 7.40 -30.17 0.01
CA ILE F 167 6.88 -29.06 -0.79
C ILE F 167 5.69 -29.59 -1.55
N TYR F 168 4.54 -28.94 -1.40
CA TYR F 168 3.36 -29.40 -2.13
C TYR F 168 3.43 -28.96 -3.61
N HIS F 169 2.30 -29.07 -4.29
CA HIS F 169 2.20 -28.74 -5.72
C HIS F 169 2.10 -27.23 -5.97
N GLU F 170 2.50 -26.79 -7.17
CA GLU F 170 2.35 -25.38 -7.61
C GLU F 170 3.00 -24.37 -6.67
N ILE F 171 4.08 -24.77 -6.01
CA ILE F 171 4.76 -23.87 -5.08
C ILE F 171 5.90 -23.24 -5.86
N GLN F 172 6.20 -21.96 -5.60
CA GLN F 172 7.33 -21.31 -6.26
C GLN F 172 8.30 -20.77 -5.21
N ILE F 173 9.55 -21.17 -5.33
CA ILE F 173 10.57 -20.75 -4.38
C ILE F 173 11.66 -20.04 -5.16
N GLY F 174 12.11 -18.91 -4.64
CA GLY F 174 13.11 -18.08 -5.30
C GLY F 174 14.53 -18.64 -5.30
N GLN F 175 15.50 -17.75 -5.44
CA GLN F 175 16.91 -18.16 -5.52
C GLN F 175 17.63 -18.06 -4.19
N ASN F 176 18.54 -19.00 -3.96
CA ASN F 176 19.37 -18.98 -2.76
C ASN F 176 18.58 -19.06 -1.46
N CYS F 177 17.45 -19.77 -1.50
CA CYS F 177 16.70 -20.08 -0.28
C CYS F 177 17.25 -21.30 0.48
N LEU F 178 16.90 -21.40 1.75
CA LEU F 178 17.30 -22.55 2.55
C LEU F 178 16.17 -22.98 3.45
N ILE F 179 15.84 -24.27 3.41
CA ILE F 179 14.76 -24.78 4.25
C ILE F 179 15.22 -25.98 5.06
N GLN F 180 15.06 -25.90 6.37
CA GLN F 180 15.50 -26.98 7.25
C GLN F 180 14.50 -28.13 7.26
N SER F 181 14.90 -29.27 7.86
CA SER F 181 14.11 -30.50 7.86
C SER F 181 12.75 -30.42 8.53
N GLY F 182 11.80 -31.25 8.07
CA GLY F 182 10.48 -31.38 8.69
C GLY F 182 9.50 -30.27 8.34
N THR F 183 9.97 -29.27 7.63
CA THR F 183 9.11 -28.16 7.19
C THR F 183 8.20 -28.59 6.03
N VAL F 184 6.97 -28.08 6.06
CA VAL F 184 5.94 -28.40 5.08
C VAL F 184 5.48 -27.11 4.43
N VAL F 185 5.72 -26.98 3.13
CA VAL F 185 5.34 -25.78 2.41
C VAL F 185 4.22 -26.07 1.44
N GLY F 186 3.05 -25.48 1.66
CA GLY F 186 1.99 -25.56 0.68
C GLY F 186 0.78 -26.42 1.04
N ALA F 187 0.71 -26.87 2.29
CA ALA F 187 -0.45 -27.65 2.73
C ALA F 187 -1.72 -26.82 2.65
N ASP F 188 -2.85 -27.51 2.61
CA ASP F 188 -4.16 -26.86 2.58
C ASP F 188 -4.29 -25.89 3.74
N GLY F 189 -4.66 -24.64 3.45
CA GLY F 189 -5.07 -23.73 4.52
C GLY F 189 -6.28 -24.34 5.23
N PHE F 190 -6.57 -23.84 6.42
CA PHE F 190 -7.59 -24.43 7.28
C PHE F 190 -8.93 -23.85 6.87
N GLY F 191 -9.49 -24.36 5.78
CA GLY F 191 -10.64 -23.73 5.14
C GLY F 191 -11.87 -24.64 5.10
N TYR F 192 -12.91 -24.26 5.83
CA TYR F 192 -14.13 -25.08 5.92
C TYR F 192 -15.30 -24.17 6.06
N ALA F 193 -16.42 -24.57 5.46
CA ALA F 193 -17.67 -23.85 5.58
C ALA F 193 -18.54 -24.63 6.55
N ASN F 194 -19.24 -23.92 7.42
CA ASN F 194 -20.09 -24.60 8.38
C ASN F 194 -21.49 -24.81 7.81
N ASP F 195 -21.88 -26.08 7.67
CA ASP F 195 -23.21 -26.41 7.19
C ASP F 195 -24.00 -26.98 8.35
N ARG F 196 -24.76 -26.13 9.03
CA ARG F 196 -25.62 -26.56 10.15
C ARG F 196 -24.85 -27.41 11.17
N GLY F 197 -23.60 -27.04 11.43
CA GLY F 197 -22.77 -27.76 12.38
C GLY F 197 -21.84 -28.79 11.74
N ASN F 198 -22.10 -29.14 10.48
CA ASN F 198 -21.18 -30.00 9.74
C ASN F 198 -20.17 -29.16 8.97
N TRP F 199 -18.90 -29.58 8.97
CA TRP F 199 -17.86 -28.85 8.24
C TRP F 199 -17.72 -29.34 6.82
N VAL F 200 -17.65 -28.40 5.89
CA VAL F 200 -17.56 -28.77 4.49
C VAL F 200 -16.25 -28.19 3.97
N LYS F 201 -15.40 -29.04 3.39
CA LYS F 201 -14.06 -28.63 3.00
C LYS F 201 -14.03 -27.62 1.85
N ILE F 202 -13.24 -26.55 2.02
CA ILE F 202 -13.00 -25.61 0.94
C ILE F 202 -11.62 -25.88 0.34
N PRO F 203 -11.60 -26.48 -0.85
CA PRO F 203 -10.35 -26.73 -1.56
C PRO F 203 -9.52 -25.45 -1.58
N GLN F 204 -8.21 -25.59 -1.36
CA GLN F 204 -7.35 -24.44 -1.26
C GLN F 204 -6.50 -24.43 -2.51
N ILE F 205 -6.90 -23.60 -3.47
CA ILE F 205 -6.31 -23.70 -4.79
C ILE F 205 -5.37 -22.55 -5.09
N GLY F 206 -5.20 -21.66 -4.12
CA GLY F 206 -4.14 -20.67 -4.20
C GLY F 206 -2.80 -21.39 -4.05
N ARG F 207 -1.74 -20.61 -3.90
CA ARG F 207 -0.41 -21.17 -3.87
C ARG F 207 0.42 -20.60 -2.74
N VAL F 208 1.71 -20.92 -2.71
CA VAL F 208 2.65 -20.21 -1.86
C VAL F 208 3.74 -19.66 -2.76
N ILE F 209 4.02 -18.36 -2.64
CA ILE F 209 5.09 -17.75 -3.42
C ILE F 209 6.17 -17.33 -2.44
N ILE F 210 7.33 -17.96 -2.52
CA ILE F 210 8.44 -17.60 -1.65
C ILE F 210 9.49 -16.89 -2.51
N GLY F 211 9.97 -15.72 -2.05
CA GLY F 211 10.91 -14.91 -2.80
C GLY F 211 12.36 -15.38 -2.70
N ASP F 212 13.32 -14.51 -2.99
CA ASP F 212 14.73 -14.89 -2.96
C ASP F 212 15.34 -14.71 -1.58
N ARG F 213 16.42 -15.46 -1.33
CA ARG F 213 17.16 -15.36 -0.08
C ARG F 213 16.27 -15.58 1.16
N VAL F 214 15.26 -16.43 1.04
CA VAL F 214 14.43 -16.73 2.23
C VAL F 214 14.97 -17.94 3.00
N GLU F 215 15.03 -17.84 4.32
CA GLU F 215 15.45 -18.99 5.11
C GLU F 215 14.36 -19.37 6.07
N ILE F 216 13.99 -20.64 6.03
CA ILE F 216 12.94 -21.20 6.88
C ILE F 216 13.48 -22.34 7.76
N GLY F 217 13.08 -22.32 9.03
CA GLY F 217 13.58 -23.28 10.02
C GLY F 217 12.93 -24.63 9.90
N ALA F 218 13.01 -25.44 10.95
CA ALA F 218 12.53 -26.84 10.94
C ALA F 218 11.13 -26.98 11.52
N CYS F 219 10.37 -27.95 11.02
CA CYS F 219 8.98 -28.20 11.43
C CYS F 219 8.14 -26.93 11.43
N THR F 220 8.32 -26.10 10.41
CA THR F 220 7.47 -24.94 10.22
C THR F 220 6.47 -25.29 9.12
N THR F 221 5.24 -24.76 9.22
CA THR F 221 4.22 -25.01 8.20
C THR F 221 3.77 -23.69 7.59
N ILE F 222 3.84 -23.63 6.26
CA ILE F 222 3.38 -22.45 5.52
C ILE F 222 2.28 -22.90 4.58
N ASP F 223 1.02 -22.57 4.89
CA ASP F 223 -0.10 -23.06 4.08
C ASP F 223 -0.32 -22.28 2.78
N ARG F 224 -0.80 -22.99 1.76
CA ARG F 224 -1.18 -22.39 0.48
C ARG F 224 -2.45 -21.57 0.63
N GLY F 225 -2.61 -20.57 -0.22
CA GLY F 225 -3.79 -19.73 -0.16
C GLY F 225 -5.07 -20.40 -0.63
N ALA F 226 -6.20 -19.81 -0.24
CA ALA F 226 -7.49 -20.33 -0.63
C ALA F 226 -7.77 -20.11 -2.12
N LEU F 227 -7.51 -18.90 -2.60
CA LEU F 227 -7.73 -18.58 -4.01
C LEU F 227 -6.55 -17.76 -4.50
N ASP F 228 -6.27 -16.67 -3.78
CA ASP F 228 -5.04 -15.93 -3.98
C ASP F 228 -3.95 -16.56 -3.12
N ASP F 229 -2.74 -16.04 -3.25
CA ASP F 229 -1.54 -16.71 -2.74
C ASP F 229 -1.04 -16.30 -1.35
N THR F 230 -0.40 -17.24 -0.67
CA THR F 230 0.38 -16.92 0.51
C THR F 230 1.72 -16.42 -0.03
N ILE F 231 2.24 -15.33 0.51
CA ILE F 231 3.43 -14.74 -0.11
C ILE F 231 4.49 -14.44 0.93
N ILE F 232 5.68 -14.96 0.70
CA ILE F 232 6.83 -14.71 1.58
C ILE F 232 7.85 -13.84 0.84
N GLY F 233 8.06 -12.62 1.33
CA GLY F 233 8.89 -11.66 0.62
C GLY F 233 10.38 -12.00 0.62
N ASN F 234 11.14 -11.31 -0.21
CA ASN F 234 12.59 -11.54 -0.30
C ASN F 234 13.28 -11.30 1.04
N GLY F 235 14.25 -12.15 1.35
CA GLY F 235 15.12 -11.90 2.49
C GLY F 235 14.46 -12.15 3.85
N VAL F 236 13.28 -12.77 3.85
CA VAL F 236 12.59 -13.11 5.08
C VAL F 236 13.29 -14.29 5.79
N ILE F 237 13.33 -14.25 7.12
CA ILE F 237 13.80 -15.40 7.88
C ILE F 237 12.73 -15.87 8.86
N ILE F 238 12.48 -17.17 8.87
CA ILE F 238 11.47 -17.77 9.73
C ILE F 238 12.07 -18.93 10.51
N ASP F 239 11.86 -18.92 11.83
CA ASP F 239 12.46 -19.91 12.73
C ASP F 239 11.61 -21.20 12.75
N ASN F 240 11.83 -22.08 13.73
CA ASN F 240 11.17 -23.38 13.76
C ASN F 240 9.77 -23.30 14.32
N GLN F 241 8.96 -24.32 14.01
CA GLN F 241 7.65 -24.52 14.66
C GLN F 241 6.67 -23.37 14.42
N CYS F 242 6.86 -22.61 13.34
CA CYS F 242 5.93 -21.53 13.04
C CYS F 242 4.75 -22.01 12.23
N GLN F 243 3.61 -21.35 12.42
CA GLN F 243 2.44 -21.61 11.57
C GLN F 243 2.15 -20.34 10.80
N ILE F 244 2.33 -20.39 9.50
CA ILE F 244 2.05 -19.26 8.62
C ILE F 244 0.78 -19.64 7.83
N ALA F 245 -0.34 -19.03 8.17
CA ALA F 245 -1.64 -19.49 7.65
C ALA F 245 -1.88 -19.08 6.22
N ALA F 246 -2.96 -19.59 5.64
CA ALA F 246 -3.33 -19.28 4.26
C ALA F 246 -3.44 -17.78 4.04
N ASN F 247 -2.90 -17.32 2.91
CA ASN F 247 -3.00 -15.93 2.47
C ASN F 247 -2.35 -14.90 3.39
N VAL F 248 -1.45 -15.34 4.25
CA VAL F 248 -0.57 -14.40 4.95
C VAL F 248 0.36 -13.80 3.90
N VAL F 249 0.65 -12.51 4.02
CA VAL F 249 1.67 -11.88 3.17
C VAL F 249 2.72 -11.27 4.07
N ILE F 250 3.98 -11.68 3.90
CA ILE F 250 5.07 -11.19 4.77
C ILE F 250 6.05 -10.33 3.94
N GLY F 251 6.27 -9.09 4.37
CA GLY F 251 7.04 -8.13 3.60
C GLY F 251 8.54 -8.42 3.66
N ASP F 252 9.30 -7.85 2.75
CA ASP F 252 10.74 -8.15 2.63
C ASP F 252 11.50 -7.90 3.92
N ASN F 253 12.48 -8.77 4.17
CA ASN F 253 13.43 -8.65 5.29
C ASN F 253 12.82 -8.80 6.70
N THR F 254 11.57 -9.22 6.77
CA THR F 254 10.96 -9.47 8.08
C THR F 254 11.49 -10.77 8.70
N ALA F 255 11.61 -10.79 10.02
CA ALA F 255 12.09 -11.97 10.74
C ALA F 255 11.00 -12.45 11.66
N VAL F 256 10.84 -13.77 11.70
CA VAL F 256 9.82 -14.40 12.50
C VAL F 256 10.50 -15.46 13.37
N ALA F 257 10.57 -15.21 14.68
CA ALA F 257 11.23 -16.15 15.59
C ALA F 257 10.35 -17.38 15.88
N GLY F 258 10.87 -18.34 16.65
CA GLY F 258 10.24 -19.65 16.74
C GLY F 258 8.86 -19.70 17.39
N GLY F 259 8.00 -20.58 16.90
CA GLY F 259 6.76 -20.86 17.61
C GLY F 259 5.63 -19.86 17.39
N VAL F 260 5.83 -18.93 16.47
CA VAL F 260 4.82 -17.91 16.17
C VAL F 260 3.65 -18.52 15.42
N ILE F 261 2.44 -18.13 15.80
CA ILE F 261 1.21 -18.63 15.14
C ILE F 261 0.49 -17.46 14.46
N MET F 262 0.35 -17.52 13.13
CA MET F 262 -0.37 -16.45 12.43
C MET F 262 -1.69 -16.90 11.83
N ALA F 263 -2.75 -16.11 12.00
CA ALA F 263 -4.05 -16.46 11.41
C ALA F 263 -4.06 -16.07 9.94
N GLY F 264 -5.05 -16.57 9.21
CA GLY F 264 -5.13 -16.35 7.78
C GLY F 264 -5.29 -14.89 7.38
N SER F 265 -4.80 -14.54 6.20
CA SER F 265 -4.99 -13.21 5.62
C SER F 265 -4.36 -12.09 6.44
N LEU F 266 -3.35 -12.42 7.23
CA LEU F 266 -2.55 -11.39 7.89
C LEU F 266 -1.57 -10.77 6.89
N LYS F 267 -1.50 -9.44 6.86
CA LYS F 267 -0.44 -8.78 6.10
C LYS F 267 0.59 -8.15 7.05
N ILE F 268 1.86 -8.49 6.87
CA ILE F 268 2.95 -7.95 7.70
C ILE F 268 3.91 -7.16 6.81
N GLY F 269 4.31 -6.00 7.27
CA GLY F 269 5.08 -5.09 6.43
C GLY F 269 6.53 -5.52 6.35
N ARG F 270 7.38 -4.64 5.82
CA ARG F 270 8.81 -4.91 5.68
C ARG F 270 9.52 -4.58 6.98
N TYR F 271 10.66 -5.24 7.22
CA TYR F 271 11.53 -4.88 8.33
C TYR F 271 10.91 -5.05 9.71
N CYS F 272 9.95 -5.97 9.82
CA CYS F 272 9.39 -6.28 11.13
C CYS F 272 10.20 -7.36 11.81
N MET F 273 10.03 -7.45 13.13
CA MET F 273 10.59 -8.55 13.90
C MET F 273 9.47 -9.06 14.78
N ILE F 274 9.11 -10.34 14.61
CA ILE F 274 8.04 -10.93 15.40
C ILE F 274 8.68 -11.88 16.40
N GLY F 275 8.64 -11.53 17.69
CA GLY F 275 9.24 -12.37 18.71
C GLY F 275 8.58 -13.75 18.83
N GLY F 276 9.35 -14.73 19.29
CA GLY F 276 8.87 -16.10 19.32
C GLY F 276 7.63 -16.28 20.17
N ALA F 277 6.81 -17.25 19.79
CA ALA F 277 5.61 -17.62 20.53
C ALA F 277 4.51 -16.56 20.52
N SER F 278 4.67 -15.55 19.67
CA SER F 278 3.60 -14.58 19.45
C SER F 278 2.42 -15.22 18.74
N VAL F 279 1.25 -14.63 18.91
CA VAL F 279 0.02 -15.12 18.30
C VAL F 279 -0.64 -13.94 17.63
N ILE F 280 -0.85 -14.08 16.33
CA ILE F 280 -1.29 -12.93 15.55
C ILE F 280 -2.63 -13.16 14.86
N ASN F 281 -3.57 -12.27 15.13
CA ASN F 281 -4.91 -12.35 14.57
C ASN F 281 -4.86 -12.11 13.04
N GLY F 282 -5.90 -12.53 12.33
CA GLY F 282 -5.89 -12.48 10.88
C GLY F 282 -6.71 -11.34 10.31
N HIS F 283 -6.84 -11.32 8.98
CA HIS F 283 -7.64 -10.30 8.27
C HIS F 283 -7.33 -8.90 8.76
N MET F 284 -6.05 -8.58 8.87
CA MET F 284 -5.62 -7.26 9.30
C MET F 284 -4.18 -7.02 8.90
N GLU F 285 -3.67 -5.84 9.22
CA GLU F 285 -2.35 -5.47 8.74
C GLU F 285 -1.44 -4.96 9.85
N ILE F 286 -0.18 -5.38 9.79
CA ILE F 286 0.89 -4.81 10.59
C ILE F 286 1.81 -4.02 9.63
N CYS F 287 2.08 -2.74 9.94
CA CYS F 287 2.82 -1.90 9.01
C CYS F 287 4.32 -2.19 9.07
N ASP F 288 5.13 -1.48 8.26
CA ASP F 288 6.58 -1.70 8.24
C ASP F 288 7.22 -1.35 9.57
N LYS F 289 8.38 -1.95 9.85
CA LYS F 289 9.21 -1.51 10.97
C LYS F 289 8.54 -1.67 12.34
N VAL F 290 7.84 -2.77 12.52
CA VAL F 290 7.21 -3.06 13.80
C VAL F 290 7.93 -4.21 14.49
N THR F 291 8.22 -4.05 15.78
CA THR F 291 8.71 -5.19 16.58
C THR F 291 7.66 -5.65 17.57
N VAL F 292 7.41 -6.95 17.58
CA VAL F 292 6.56 -7.55 18.61
C VAL F 292 7.43 -8.43 19.49
N THR F 293 7.46 -8.15 20.80
CA THR F 293 8.29 -8.92 21.70
C THR F 293 7.65 -10.28 21.98
N GLY F 294 8.41 -11.18 22.61
CA GLY F 294 8.01 -12.56 22.76
C GLY F 294 6.64 -12.79 23.37
N MET F 295 5.98 -13.84 22.92
CA MET F 295 4.67 -14.21 23.47
C MET F 295 3.65 -13.09 23.28
N GLY F 296 3.86 -12.23 22.28
CA GLY F 296 2.93 -11.16 22.01
C GLY F 296 1.53 -11.64 21.63
N MET F 297 0.51 -11.07 22.26
CA MET F 297 -0.88 -11.37 21.87
C MET F 297 -1.37 -10.25 20.94
N VAL F 298 -1.24 -10.48 19.63
CA VAL F 298 -1.50 -9.43 18.66
C VAL F 298 -2.92 -9.52 18.14
N MET F 299 -3.82 -8.84 18.85
CA MET F 299 -5.24 -8.90 18.53
C MET F 299 -5.65 -7.89 17.47
N ARG F 300 -4.99 -6.73 17.47
CA ARG F 300 -5.43 -5.62 16.63
C ARG F 300 -4.39 -5.23 15.60
N PRO F 301 -4.81 -4.54 14.52
CA PRO F 301 -3.84 -3.99 13.56
C PRO F 301 -2.80 -3.09 14.24
N ILE F 302 -1.59 -3.04 13.70
CA ILE F 302 -0.59 -2.09 14.14
C ILE F 302 -0.28 -1.11 13.01
N THR F 303 -0.55 0.17 13.24
CA THR F 303 -0.49 1.18 12.19
C THR F 303 0.73 2.10 12.28
N GLU F 304 1.43 2.05 13.41
CA GLU F 304 2.63 2.88 13.58
C GLU F 304 3.84 2.03 13.93
N PRO F 305 5.02 2.40 13.41
CA PRO F 305 6.19 1.57 13.72
C PRO F 305 6.56 1.70 15.19
N GLY F 306 7.39 0.77 15.67
CA GLY F 306 7.82 0.80 17.06
C GLY F 306 7.77 -0.58 17.68
N VAL F 307 7.94 -0.62 18.99
CA VAL F 307 7.98 -1.87 19.73
C VAL F 307 6.72 -2.03 20.53
N TYR F 308 6.14 -3.22 20.46
CA TYR F 308 4.88 -3.54 21.12
C TYR F 308 5.03 -4.85 21.88
N SER F 309 4.33 -4.95 23.01
CA SER F 309 4.52 -6.04 23.95
C SER F 309 3.24 -6.38 24.70
N SER F 310 3.12 -7.63 25.17
CA SER F 310 2.06 -8.01 26.12
C SER F 310 2.57 -9.08 27.09
N GLY F 311 1.72 -9.49 28.03
CA GLY F 311 2.05 -10.57 28.93
C GLY F 311 2.50 -10.16 30.32
N ILE F 312 2.02 -10.89 31.33
CA ILE F 312 2.48 -10.75 32.71
C ILE F 312 3.41 -11.92 33.05
N PRO F 313 4.67 -11.62 33.40
CA PRO F 313 5.69 -12.67 33.60
C PRO F 313 5.57 -13.51 34.89
N LEU F 314 6.42 -14.52 35.03
CA LEU F 314 6.39 -15.46 36.16
C LEU F 314 6.45 -14.77 37.50
N GLN F 315 5.82 -15.39 38.50
CA GLN F 315 5.97 -15.03 39.89
C GLN F 315 5.98 -16.34 40.68
N PRO F 316 6.44 -16.31 41.94
CA PRO F 316 6.33 -17.53 42.76
C PRO F 316 4.86 -17.97 42.76
N ASN F 317 4.60 -19.27 42.72
CA ASN F 317 3.26 -19.79 42.51
C ASN F 317 2.24 -19.21 43.50
N LYS F 318 2.63 -19.10 44.77
CA LYS F 318 1.74 -18.56 45.78
C LYS F 318 1.43 -17.07 45.55
N VAL F 319 2.41 -16.33 45.06
CA VAL F 319 2.19 -14.93 44.68
C VAL F 319 1.27 -14.90 43.45
N TRP F 320 1.56 -15.75 42.49
CA TRP F 320 0.77 -15.78 41.26
C TRP F 320 -0.71 -16.04 41.49
N ARG F 321 -1.03 -16.95 42.41
CA ARG F 321 -2.44 -17.28 42.68
C ARG F 321 -3.18 -16.02 43.09
N LYS F 322 -2.57 -15.24 43.99
CA LYS F 322 -3.19 -14.01 44.46
C LYS F 322 -3.29 -12.99 43.33
N THR F 323 -2.23 -12.87 42.52
CA THR F 323 -2.25 -11.98 41.36
C THR F 323 -3.42 -12.32 40.43
N ALA F 324 -3.54 -13.60 40.06
CA ALA F 324 -4.58 -14.02 39.12
C ALA F 324 -5.98 -13.76 39.66
N ALA F 325 -6.17 -14.01 40.94
CA ALA F 325 -7.49 -13.86 41.54
C ALA F 325 -7.88 -12.39 41.57
N LEU F 326 -6.92 -11.50 41.86
CA LEU F 326 -7.21 -10.08 41.92
C LEU F 326 -7.47 -9.51 40.52
N VAL F 327 -6.71 -9.98 39.54
CA VAL F 327 -6.92 -9.54 38.17
C VAL F 327 -8.28 -9.99 37.66
N MET F 328 -8.62 -11.25 37.90
CA MET F 328 -9.90 -11.76 37.42
C MET F 328 -11.07 -11.00 38.04
N ASN F 329 -10.84 -10.43 39.22
CA ASN F 329 -11.86 -9.66 39.91
C ASN F 329 -11.57 -8.15 39.90
N ILE F 330 -10.85 -7.70 38.87
CA ILE F 330 -10.48 -6.29 38.76
C ILE F 330 -11.69 -5.35 38.58
N ASP F 331 -12.78 -5.85 38.01
CA ASP F 331 -13.98 -5.04 37.85
C ASP F 331 -14.50 -4.60 39.22
N ASP F 332 -14.56 -5.55 40.15
CA ASP F 332 -14.99 -5.20 41.49
C ASP F 332 -14.05 -4.18 42.14
N MET F 333 -12.75 -4.36 41.93
CA MET F 333 -11.77 -3.42 42.44
C MET F 333 -11.98 -2.04 41.81
N SER F 334 -12.29 -2.02 40.52
CA SER F 334 -12.59 -0.77 39.83
C SER F 334 -13.79 -0.06 40.46
N LYS F 335 -14.84 -0.83 40.76
CA LYS F 335 -16.05 -0.26 41.34
C LYS F 335 -15.86 0.25 42.76
N ARG F 336 -15.15 -0.52 43.58
CA ARG F 336 -14.79 -0.08 44.92
C ARG F 336 -14.01 1.24 44.86
N LEU F 337 -13.22 1.41 43.80
CA LEU F 337 -12.47 2.65 43.62
C LEU F 337 -13.39 3.83 43.31
N LYS F 338 -14.35 3.62 42.41
CA LYS F 338 -15.31 4.67 42.06
C LYS F 338 -16.12 5.17 43.25
N SER F 339 -16.70 4.24 44.00
CA SER F 339 -17.51 4.58 45.15
C SER F 339 -16.71 5.38 46.18
N LEU F 340 -15.45 4.99 46.37
CA LEU F 340 -14.57 5.65 47.32
C LEU F 340 -14.19 7.05 46.82
N GLU F 341 -14.15 7.22 45.50
CA GLU F 341 -13.92 8.54 44.91
C GLU F 341 -15.11 9.46 45.19
N ARG F 342 -16.29 8.86 45.29
CA ARG F 342 -17.50 9.61 45.61
C ARG F 342 -17.54 10.04 47.07
N LYS F 343 -17.36 9.07 47.97
CA LYS F 343 -17.50 9.31 49.41
C LYS F 343 -16.66 10.47 49.94
N VAL F 344 -15.71 10.95 49.15
CA VAL F 344 -14.94 12.12 49.51
C VAL F 344 -15.07 13.24 48.48
N ASN F 345 -16.20 13.26 47.78
CA ASN F 345 -16.58 14.38 46.92
C ASN F 345 -17.78 15.11 47.51
N MET G 3 -29.38 -12.34 60.21
CA MET G 3 -30.37 -13.38 59.99
C MET G 3 -29.72 -14.73 59.75
N SER G 4 -28.60 -14.74 59.04
CA SER G 4 -27.85 -15.98 58.82
C SER G 4 -26.77 -16.23 59.88
N THR G 5 -26.61 -17.49 60.28
CA THR G 5 -25.58 -17.86 61.25
C THR G 5 -24.20 -17.79 60.59
N ILE G 6 -23.14 -17.80 61.40
CA ILE G 6 -21.79 -17.84 60.86
C ILE G 6 -21.58 -19.08 60.00
N GLU G 7 -22.01 -20.23 60.48
CA GLU G 7 -21.85 -21.50 59.76
C GLU G 7 -22.56 -21.44 58.40
N GLU G 8 -23.77 -20.89 58.40
CA GLU G 8 -24.53 -20.75 57.16
C GLU G 8 -23.81 -19.83 56.18
N ARG G 9 -23.26 -18.73 56.68
CA ARG G 9 -22.57 -17.77 55.80
C ARG G 9 -21.32 -18.38 55.19
N VAL G 10 -20.57 -19.13 56.00
CA VAL G 10 -19.36 -19.77 55.52
C VAL G 10 -19.70 -20.84 54.47
N LYS G 11 -20.71 -21.67 54.73
CA LYS G 11 -21.04 -22.76 53.80
C LYS G 11 -21.65 -22.26 52.51
N LYS G 12 -22.38 -21.16 52.59
CA LYS G 12 -22.98 -20.53 51.41
C LYS G 12 -21.87 -20.10 50.44
N ILE G 13 -20.82 -19.50 50.98
CA ILE G 13 -19.72 -18.99 50.18
C ILE G 13 -18.87 -20.12 49.59
N ILE G 14 -18.62 -21.16 50.38
CA ILE G 14 -17.94 -22.35 49.88
C ILE G 14 -18.73 -22.95 48.71
N GLY G 15 -20.05 -22.95 48.85
CA GLY G 15 -20.94 -23.50 47.83
C GLY G 15 -20.95 -22.68 46.54
N GLU G 16 -21.06 -21.37 46.67
CA GLU G 16 -21.07 -20.50 45.50
C GLU G 16 -19.72 -20.47 44.80
N GLN G 17 -18.64 -20.51 45.59
CA GLN G 17 -17.28 -20.43 45.03
C GLN G 17 -16.88 -21.72 44.32
N LEU G 18 -17.20 -22.86 44.92
CA LEU G 18 -16.85 -24.14 44.33
C LEU G 18 -17.97 -24.66 43.42
N GLY G 19 -19.07 -23.93 43.39
CA GLY G 19 -20.21 -24.30 42.57
C GLY G 19 -20.76 -25.68 42.90
N VAL G 20 -21.04 -25.92 44.18
CA VAL G 20 -21.62 -27.20 44.57
C VAL G 20 -22.91 -27.02 45.36
N LYS G 21 -23.74 -28.06 45.40
CA LYS G 21 -25.00 -28.01 46.13
C LYS G 21 -24.73 -27.94 47.63
N GLN G 22 -25.55 -27.16 48.33
CA GLN G 22 -25.40 -26.98 49.77
C GLN G 22 -25.41 -28.30 50.54
N GLU G 23 -26.05 -29.31 49.96
CA GLU G 23 -26.12 -30.64 50.54
C GLU G 23 -24.77 -31.37 50.49
N GLU G 24 -23.86 -30.85 49.67
CA GLU G 24 -22.53 -31.43 49.55
C GLU G 24 -21.51 -30.73 50.45
N VAL G 25 -21.85 -29.51 50.87
CA VAL G 25 -20.95 -28.76 51.76
C VAL G 25 -21.04 -29.33 53.18
N THR G 26 -20.45 -30.50 53.35
CA THR G 26 -20.40 -31.16 54.66
C THR G 26 -19.23 -30.62 55.47
N ASN G 27 -19.42 -30.52 56.78
CA ASN G 27 -18.39 -29.97 57.66
C ASN G 27 -17.04 -30.68 57.55
N ASN G 28 -17.07 -31.93 57.11
CA ASN G 28 -15.85 -32.71 56.96
C ASN G 28 -15.20 -32.62 55.56
N ALA G 29 -15.91 -32.00 54.63
CA ALA G 29 -15.46 -31.96 53.24
C ALA G 29 -14.16 -31.20 53.05
N SER G 30 -13.26 -31.78 52.27
CA SER G 30 -12.02 -31.10 51.90
C SER G 30 -12.22 -30.36 50.59
N PHE G 31 -11.80 -29.09 50.55
CA PHE G 31 -11.96 -28.25 49.35
C PHE G 31 -11.44 -28.97 48.11
N VAL G 32 -10.22 -29.50 48.19
CA VAL G 32 -9.61 -30.22 47.07
C VAL G 32 -10.19 -31.61 46.80
N GLU G 33 -10.00 -32.55 47.72
CA GLU G 33 -10.35 -33.97 47.48
C GLU G 33 -11.84 -34.23 47.31
N ASP G 34 -12.67 -33.44 47.98
CA ASP G 34 -14.10 -33.72 47.98
C ASP G 34 -14.86 -32.74 47.10
N LEU G 35 -14.50 -31.47 47.16
CA LEU G 35 -15.27 -30.44 46.49
C LEU G 35 -14.56 -29.96 45.22
N GLY G 36 -13.42 -30.58 44.91
CA GLY G 36 -12.73 -30.36 43.65
C GLY G 36 -12.19 -28.97 43.42
N ALA G 37 -11.64 -28.36 44.47
CA ALA G 37 -11.06 -27.02 44.34
C ALA G 37 -9.68 -27.09 43.70
N ASP G 38 -9.42 -26.22 42.73
CA ASP G 38 -8.06 -26.08 42.20
C ASP G 38 -7.32 -25.02 43.00
N SER G 39 -6.02 -24.86 42.72
CA SER G 39 -5.18 -23.98 43.53
C SER G 39 -5.63 -22.51 43.54
N LEU G 40 -6.28 -22.08 42.46
CA LEU G 40 -6.83 -20.72 42.41
C LEU G 40 -8.13 -20.63 43.21
N ASP G 41 -8.95 -21.67 43.12
CA ASP G 41 -10.24 -21.72 43.81
C ASP G 41 -10.11 -21.47 45.31
N THR G 42 -9.08 -22.03 45.93
CA THR G 42 -8.95 -21.94 47.37
C THR G 42 -8.57 -20.52 47.76
N VAL G 43 -7.75 -19.87 46.93
CA VAL G 43 -7.38 -18.48 47.16
C VAL G 43 -8.59 -17.57 46.99
N GLU G 44 -9.39 -17.80 45.96
CA GLU G 44 -10.61 -17.03 45.74
C GLU G 44 -11.59 -17.24 46.89
N LEU G 45 -11.62 -18.47 47.41
CA LEU G 45 -12.47 -18.82 48.54
C LEU G 45 -12.13 -18.00 49.78
N VAL G 46 -10.84 -17.93 50.09
CA VAL G 46 -10.39 -17.18 51.25
C VAL G 46 -10.76 -15.70 51.10
N MET G 47 -10.48 -15.14 49.92
CA MET G 47 -10.78 -13.75 49.64
C MET G 47 -12.27 -13.45 49.85
N ALA G 48 -13.13 -14.34 49.37
CA ALA G 48 -14.56 -14.20 49.57
C ALA G 48 -14.93 -14.25 51.06
N LEU G 49 -14.20 -15.02 51.85
CA LEU G 49 -14.46 -15.08 53.29
C LEU G 49 -14.05 -13.77 53.95
N GLU G 50 -12.94 -13.20 53.50
CA GLU G 50 -12.48 -11.92 54.02
C GLU G 50 -13.50 -10.82 53.77
N GLU G 51 -14.15 -10.86 52.62
CA GLU G 51 -15.14 -9.85 52.27
C GLU G 51 -16.43 -9.99 53.06
N GLU G 52 -16.95 -11.21 53.13
CA GLU G 52 -18.20 -11.48 53.86
C GLU G 52 -18.12 -11.10 55.34
N PHE G 53 -17.00 -11.40 55.98
CA PHE G 53 -16.84 -11.13 57.40
C PHE G 53 -15.97 -9.91 57.70
N ASP G 54 -15.66 -9.15 56.65
CA ASP G 54 -14.79 -7.97 56.72
C ASP G 54 -13.57 -8.18 57.59
N THR G 55 -12.75 -9.16 57.21
CA THR G 55 -11.59 -9.53 58.01
C THR G 55 -10.37 -9.70 57.14
N GLU G 56 -9.21 -9.82 57.77
CA GLU G 56 -7.99 -10.13 57.05
C GLU G 56 -7.49 -11.48 57.54
N ILE G 57 -7.02 -12.29 56.61
CA ILE G 57 -6.51 -13.61 56.97
C ILE G 57 -5.03 -13.69 56.63
N PRO G 58 -4.17 -13.66 57.67
CA PRO G 58 -2.74 -13.90 57.46
C PRO G 58 -2.56 -15.24 56.78
N ASP G 59 -1.65 -15.30 55.82
CA ASP G 59 -1.53 -16.47 54.95
C ASP G 59 -1.17 -17.73 55.74
N GLU G 60 -0.46 -17.56 56.85
CA GLU G 60 -0.06 -18.68 57.70
C GLU G 60 -1.26 -19.39 58.29
N GLU G 61 -2.36 -18.64 58.44
CA GLU G 61 -3.64 -19.20 58.83
C GLU G 61 -4.36 -19.70 57.59
N ALA G 62 -4.25 -18.93 56.51
CA ALA G 62 -4.97 -19.26 55.29
C ALA G 62 -4.58 -20.62 54.71
N GLU G 63 -3.33 -21.02 54.89
CA GLU G 63 -2.87 -22.29 54.38
C GLU G 63 -3.45 -23.44 55.21
N LYS G 64 -4.03 -23.09 56.35
CA LYS G 64 -4.65 -24.07 57.24
C LYS G 64 -6.14 -24.25 56.92
N ILE G 65 -6.68 -23.35 56.09
CA ILE G 65 -8.08 -23.42 55.69
C ILE G 65 -8.24 -24.29 54.44
N THR G 66 -8.37 -25.60 54.66
CA THR G 66 -8.46 -26.57 53.56
C THR G 66 -9.75 -27.40 53.64
N THR G 67 -10.50 -27.22 54.74
CA THR G 67 -11.79 -27.89 54.90
C THR G 67 -12.88 -26.92 55.32
N VAL G 68 -14.13 -27.35 55.16
CA VAL G 68 -15.29 -26.60 55.62
C VAL G 68 -15.16 -26.25 57.11
N GLN G 69 -14.84 -27.25 57.93
CA GLN G 69 -14.73 -27.04 59.36
C GLN G 69 -13.64 -26.02 59.68
N ALA G 70 -12.54 -26.10 58.96
CA ALA G 70 -11.41 -25.19 59.19
C ALA G 70 -11.76 -23.74 58.84
N ALA G 71 -12.58 -23.57 57.82
CA ALA G 71 -13.03 -22.24 57.43
C ALA G 71 -13.91 -21.65 58.52
N ILE G 72 -14.81 -22.46 59.05
CA ILE G 72 -15.68 -22.06 60.14
C ILE G 72 -14.89 -21.76 61.40
N ASP G 73 -13.92 -22.62 61.70
CA ASP G 73 -13.12 -22.50 62.92
C ASP G 73 -12.33 -21.20 62.98
N TYR G 74 -11.78 -20.77 61.84
CA TYR G 74 -11.02 -19.53 61.82
C TYR G 74 -11.90 -18.34 62.20
N ILE G 75 -13.04 -18.23 61.51
CA ILE G 75 -14.00 -17.18 61.77
C ILE G 75 -14.51 -17.29 63.21
N ASN G 76 -14.73 -18.52 63.65
CA ASN G 76 -15.24 -18.83 64.98
C ASN G 76 -14.31 -18.57 66.14
N GLY G 77 -13.02 -18.78 65.94
CA GLY G 77 -12.09 -18.81 67.05
C GLY G 77 -12.24 -20.13 67.77
N HIS G 78 -12.77 -21.12 67.06
CA HIS G 78 -13.08 -22.40 67.67
C HIS G 78 -11.97 -23.44 67.49
N MET H 3 20.26 4.49 58.77
CA MET H 3 21.64 4.71 59.22
C MET H 3 22.56 4.99 58.05
N SER H 4 22.09 4.64 56.85
CA SER H 4 22.91 4.78 55.65
C SER H 4 22.74 6.13 54.95
N THR H 5 23.85 6.61 54.40
CA THR H 5 23.88 7.80 53.56
C THR H 5 23.04 7.53 52.32
N ILE H 6 22.57 8.57 51.64
CA ILE H 6 21.72 8.40 50.46
C ILE H 6 22.36 7.54 49.37
N GLU H 7 23.64 7.76 49.10
CA GLU H 7 24.39 6.96 48.14
C GLU H 7 24.30 5.48 48.50
N GLU H 8 24.57 5.17 49.77
CA GLU H 8 24.54 3.79 50.25
C GLU H 8 23.15 3.16 50.11
N ARG H 9 22.11 3.94 50.38
CA ARG H 9 20.74 3.44 50.24
C ARG H 9 20.39 3.18 48.77
N VAL H 10 20.57 4.19 47.93
CA VAL H 10 20.26 4.07 46.50
C VAL H 10 21.02 2.91 45.86
N LYS H 11 22.34 2.85 46.10
CA LYS H 11 23.17 1.78 45.56
C LYS H 11 22.72 0.39 46.03
N LYS H 12 22.26 0.32 47.27
CA LYS H 12 21.78 -0.94 47.83
C LYS H 12 20.52 -1.44 47.13
N ILE H 13 19.60 -0.52 46.84
CA ILE H 13 18.37 -0.84 46.12
C ILE H 13 18.66 -1.36 44.71
N ILE H 14 19.52 -0.65 44.00
CA ILE H 14 19.93 -1.03 42.66
C ILE H 14 20.55 -2.43 42.66
N GLY H 15 21.51 -2.65 43.55
CA GLY H 15 22.16 -3.95 43.68
C GLY H 15 21.17 -5.09 43.90
N GLU H 16 20.15 -4.85 44.73
CA GLU H 16 19.14 -5.84 45.03
C GLU H 16 18.25 -6.13 43.83
N GLN H 17 17.92 -5.08 43.09
CA GLN H 17 17.05 -5.21 41.93
C GLN H 17 17.76 -5.90 40.75
N LEU H 18 19.01 -5.54 40.54
CA LEU H 18 19.77 -6.01 39.38
C LEU H 18 20.62 -7.24 39.67
N GLY H 19 20.60 -7.68 40.93
CA GLY H 19 21.36 -8.84 41.34
C GLY H 19 22.84 -8.66 41.04
N VAL H 20 23.36 -7.48 41.37
CA VAL H 20 24.77 -7.17 41.14
C VAL H 20 25.49 -6.84 42.46
N LYS H 21 26.81 -6.97 42.45
CA LYS H 21 27.62 -6.67 43.63
C LYS H 21 27.92 -5.19 43.75
N GLN H 22 28.52 -4.80 44.87
CA GLN H 22 28.76 -3.39 45.13
C GLN H 22 30.03 -2.83 44.52
N GLU H 23 30.79 -3.68 43.84
CA GLU H 23 31.91 -3.23 43.03
C GLU H 23 31.35 -2.71 41.70
N GLU H 24 30.46 -3.52 41.12
CA GLU H 24 29.73 -3.18 39.90
C GLU H 24 29.04 -1.82 39.99
N VAL H 25 28.57 -1.47 41.19
CA VAL H 25 27.67 -0.34 41.33
C VAL H 25 28.40 1.02 41.43
N THR H 26 29.15 1.34 40.39
CA THR H 26 29.82 2.63 40.31
C THR H 26 28.78 3.72 39.98
N ASN H 27 29.17 4.97 40.17
CA ASN H 27 28.23 6.08 40.00
C ASN H 27 27.93 6.44 38.54
N ASN H 28 28.89 6.16 37.66
CA ASN H 28 28.73 6.39 36.23
C ASN H 28 27.91 5.30 35.56
N ALA H 29 27.61 4.24 36.31
CA ALA H 29 26.96 3.05 35.77
C ALA H 29 25.58 3.31 35.18
N SER H 30 25.37 2.85 33.95
CA SER H 30 24.04 2.82 33.33
C SER H 30 23.40 1.46 33.61
N PHE H 31 22.12 1.49 33.98
CA PHE H 31 21.40 0.27 34.39
C PHE H 31 21.37 -0.78 33.31
N VAL H 32 21.10 -0.34 32.08
CA VAL H 32 20.96 -1.27 30.97
C VAL H 32 22.30 -1.71 30.41
N GLU H 33 23.17 -0.74 30.12
CA GLU H 33 24.46 -1.02 29.53
C GLU H 33 25.39 -1.78 30.48
N ASP H 34 25.60 -1.20 31.66
CA ASP H 34 26.63 -1.69 32.56
C ASP H 34 26.11 -2.70 33.60
N LEU H 35 24.82 -2.62 33.92
CA LEU H 35 24.28 -3.39 35.02
C LEU H 35 23.29 -4.46 34.54
N GLY H 36 23.17 -4.59 33.22
CA GLY H 36 22.40 -5.66 32.60
C GLY H 36 20.92 -5.74 32.95
N ALA H 37 20.33 -4.62 33.31
CA ALA H 37 18.90 -4.58 33.66
C ALA H 37 18.02 -4.93 32.45
N ASP H 38 16.83 -5.48 32.71
CA ASP H 38 15.89 -5.79 31.63
C ASP H 38 14.76 -4.76 31.53
N SER H 39 13.81 -5.04 30.64
CA SER H 39 12.75 -4.09 30.29
C SER H 39 11.85 -3.73 31.45
N LEU H 40 11.75 -4.58 32.45
CA LEU H 40 10.88 -4.29 33.58
C LEU H 40 11.68 -3.79 34.79
N ASP H 41 12.99 -4.01 34.77
CA ASP H 41 13.83 -3.71 35.93
C ASP H 41 13.89 -2.22 36.23
N THR H 42 14.04 -1.37 35.22
CA THR H 42 14.11 0.06 35.45
C THR H 42 12.81 0.59 36.07
N VAL H 43 11.70 0.21 35.46
CA VAL H 43 10.39 0.57 35.99
C VAL H 43 10.23 0.09 37.44
N GLU H 44 10.53 -1.19 37.67
CA GLU H 44 10.37 -1.75 39.01
C GLU H 44 11.35 -1.15 39.99
N LEU H 45 12.54 -0.79 39.49
CA LEU H 45 13.52 -0.13 40.33
C LEU H 45 12.99 1.22 40.80
N VAL H 46 12.34 1.95 39.89
CA VAL H 46 11.75 3.25 40.23
C VAL H 46 10.68 3.10 41.32
N MET H 47 9.92 2.02 41.25
CA MET H 47 8.95 1.70 42.31
C MET H 47 9.64 1.39 43.63
N ALA H 48 10.78 0.69 43.55
CA ALA H 48 11.55 0.34 44.75
C ALA H 48 12.02 1.58 45.51
N LEU H 49 12.26 2.66 44.76
CA LEU H 49 12.70 3.91 45.35
C LEU H 49 11.55 4.65 46.00
N GLU H 50 10.39 4.63 45.34
CA GLU H 50 9.19 5.30 45.83
C GLU H 50 8.71 4.76 47.18
N GLU H 51 8.96 3.47 47.42
CA GLU H 51 8.55 2.84 48.68
C GLU H 51 9.63 2.98 49.76
N GLU H 52 10.88 2.78 49.38
CA GLU H 52 11.97 2.91 50.33
C GLU H 52 12.08 4.33 50.87
N PHE H 53 11.92 5.31 49.97
CA PHE H 53 12.01 6.71 50.35
C PHE H 53 10.65 7.30 50.75
N ASP H 54 9.59 6.51 50.61
CA ASP H 54 8.26 6.96 50.97
C ASP H 54 7.89 8.23 50.19
N THR H 55 8.29 8.28 48.93
CA THR H 55 8.06 9.43 48.08
C THR H 55 7.21 9.07 46.87
N GLU H 56 7.14 9.98 45.90
CA GLU H 56 6.36 9.76 44.70
C GLU H 56 7.04 10.46 43.53
N ILE H 57 7.61 9.67 42.61
CA ILE H 57 8.34 10.21 41.48
C ILE H 57 7.44 10.31 40.24
N PRO H 58 7.23 11.54 39.75
CA PRO H 58 6.43 11.75 38.52
C PRO H 58 7.08 11.06 37.33
N ASP H 59 6.26 10.54 36.42
CA ASP H 59 6.77 9.86 35.22
C ASP H 59 7.74 10.76 34.45
N GLU H 60 7.44 12.05 34.47
CA GLU H 60 8.28 13.07 33.83
C GLU H 60 9.71 13.00 34.38
N GLU H 61 9.83 12.90 35.69
CA GLU H 61 11.13 12.81 36.35
C GLU H 61 11.73 11.41 36.22
N ALA H 62 10.86 10.40 36.28
CA ALA H 62 11.30 9.00 36.33
C ALA H 62 12.09 8.53 35.12
N GLU H 63 11.87 9.14 33.96
CA GLU H 63 12.50 8.67 32.73
C GLU H 63 13.95 9.14 32.59
N LYS H 64 14.40 10.03 33.48
CA LYS H 64 15.79 10.47 33.44
C LYS H 64 16.70 9.62 34.33
N ILE H 65 16.10 8.83 35.22
CA ILE H 65 16.87 7.90 36.05
C ILE H 65 17.21 6.64 35.24
N THR H 66 18.45 6.61 34.77
CA THR H 66 18.94 5.58 33.86
C THR H 66 20.31 5.15 34.34
N THR H 67 20.87 5.97 35.23
CA THR H 67 22.21 5.75 35.76
C THR H 67 22.18 5.78 37.28
N VAL H 68 23.23 5.24 37.90
CA VAL H 68 23.32 5.24 39.36
C VAL H 68 23.35 6.66 39.90
N GLN H 69 24.14 7.53 39.26
CA GLN H 69 24.31 8.90 39.72
C GLN H 69 23.02 9.71 39.58
N ALA H 70 22.27 9.46 38.51
CA ALA H 70 20.99 10.15 38.31
C ALA H 70 19.97 9.75 39.38
N ALA H 71 20.03 8.50 39.82
CA ALA H 71 19.17 8.01 40.88
C ALA H 71 19.47 8.73 42.19
N ILE H 72 20.74 8.67 42.60
CA ILE H 72 21.20 9.35 43.81
C ILE H 72 20.85 10.83 43.77
N ASP H 73 21.02 11.45 42.60
CA ASP H 73 20.77 12.88 42.41
C ASP H 73 19.31 13.26 42.61
N TYR H 74 18.40 12.39 42.21
CA TYR H 74 16.98 12.67 42.41
C TYR H 74 16.64 12.54 43.90
N ILE H 75 17.19 11.51 44.53
CA ILE H 75 16.89 11.19 45.92
C ILE H 75 17.40 12.28 46.87
N ASN H 76 18.45 13.00 46.47
CA ASN H 76 18.86 14.19 47.20
C ASN H 76 17.97 15.37 46.79
N GLY H 77 16.67 15.22 47.02
CA GLY H 77 15.69 16.21 46.62
C GLY H 77 14.26 15.72 46.86
N THR I 5 -11.64 70.05 -1.25
CA THR I 5 -10.78 68.87 -1.23
C THR I 5 -11.57 67.58 -1.39
N ILE I 6 -12.88 67.69 -1.58
CA ILE I 6 -13.66 66.51 -1.98
C ILE I 6 -13.12 66.05 -3.34
N GLU I 7 -12.78 67.03 -4.17
CA GLU I 7 -12.15 66.80 -5.46
C GLU I 7 -10.75 66.20 -5.30
N GLU I 8 -9.98 66.78 -4.38
CA GLU I 8 -8.59 66.37 -4.17
C GLU I 8 -8.53 64.96 -3.60
N ARG I 9 -9.38 64.68 -2.61
CA ARG I 9 -9.46 63.34 -2.03
C ARG I 9 -9.80 62.29 -3.08
N VAL I 10 -10.57 62.68 -4.10
CA VAL I 10 -10.98 61.76 -5.16
C VAL I 10 -9.88 61.59 -6.21
N LYS I 11 -9.27 62.71 -6.60
CA LYS I 11 -8.14 62.66 -7.53
C LYS I 11 -6.98 61.88 -6.91
N LYS I 12 -6.89 61.92 -5.59
CA LYS I 12 -5.88 61.16 -4.87
C LYS I 12 -6.11 59.65 -5.06
N ILE I 13 -7.32 59.21 -4.75
CA ILE I 13 -7.69 57.80 -4.85
C ILE I 13 -7.52 57.30 -6.27
N ILE I 14 -7.98 58.09 -7.23
CA ILE I 14 -7.89 57.74 -8.64
C ILE I 14 -6.43 57.55 -9.05
N GLY I 15 -5.58 58.47 -8.62
CA GLY I 15 -4.15 58.39 -8.90
C GLY I 15 -3.46 57.23 -8.22
N GLU I 16 -3.92 56.88 -7.02
CA GLU I 16 -3.39 55.70 -6.33
C GLU I 16 -3.79 54.44 -7.07
N GLN I 17 -5.08 54.29 -7.33
CA GLN I 17 -5.62 53.10 -7.96
C GLN I 17 -4.99 52.81 -9.32
N LEU I 18 -4.99 53.82 -10.19
CA LEU I 18 -4.51 53.63 -11.55
C LEU I 18 -3.00 53.77 -11.66
N GLY I 19 -2.38 54.22 -10.57
CA GLY I 19 -0.93 54.38 -10.55
C GLY I 19 -0.45 55.50 -11.45
N VAL I 20 -1.22 56.58 -11.53
CA VAL I 20 -0.84 57.73 -12.32
C VAL I 20 -0.63 58.95 -11.41
N LYS I 21 0.08 59.96 -11.93
CA LYS I 21 0.32 61.17 -11.16
C LYS I 21 -0.79 62.19 -11.36
N GLN I 22 -0.85 63.16 -10.45
CA GLN I 22 -1.95 64.10 -10.37
C GLN I 22 -2.12 65.02 -11.59
N GLU I 23 -1.03 65.26 -12.31
CA GLU I 23 -1.09 66.05 -13.54
C GLU I 23 -1.97 65.37 -14.59
N GLU I 24 -1.90 64.05 -14.65
CA GLU I 24 -2.67 63.29 -15.63
C GLU I 24 -4.13 63.13 -15.23
N VAL I 25 -4.42 63.25 -13.93
CA VAL I 25 -5.78 63.12 -13.45
C VAL I 25 -6.58 64.39 -13.73
N THR I 26 -6.90 64.63 -15.00
CA THR I 26 -7.72 65.77 -15.38
C THR I 26 -9.19 65.39 -15.26
N ASN I 27 -10.08 66.39 -15.27
CA ASN I 27 -11.50 66.14 -15.10
C ASN I 27 -12.14 65.49 -16.33
N ASN I 28 -11.47 65.60 -17.47
CA ASN I 28 -11.95 64.99 -18.70
C ASN I 28 -11.56 63.52 -18.80
N ALA I 29 -10.47 63.16 -18.11
CA ALA I 29 -9.83 61.86 -18.28
C ALA I 29 -10.75 60.65 -18.11
N SER I 30 -10.80 59.84 -19.15
CA SER I 30 -11.43 58.54 -19.10
C SER I 30 -10.43 57.57 -18.48
N PHE I 31 -10.88 56.80 -17.48
CA PHE I 31 -10.01 55.83 -16.83
C PHE I 31 -9.47 54.83 -17.83
N VAL I 32 -10.37 54.23 -18.61
CA VAL I 32 -9.97 53.27 -19.62
C VAL I 32 -9.16 53.93 -20.75
N GLU I 33 -9.74 54.96 -21.38
CA GLU I 33 -9.14 55.59 -22.56
C GLU I 33 -7.83 56.32 -22.30
N ASP I 34 -7.73 56.99 -21.16
CA ASP I 34 -6.59 57.89 -20.92
C ASP I 34 -5.64 57.42 -19.81
N LEU I 35 -6.16 56.69 -18.84
CA LEU I 35 -5.36 56.37 -17.65
C LEU I 35 -4.95 54.91 -17.55
N GLY I 36 -5.23 54.13 -18.60
CA GLY I 36 -4.73 52.76 -18.67
C GLY I 36 -5.40 51.79 -17.72
N ALA I 37 -6.60 52.13 -17.25
CA ALA I 37 -7.37 51.25 -16.39
C ALA I 37 -7.59 49.88 -17.04
N ASP I 38 -7.28 48.80 -16.31
CA ASP I 38 -7.61 47.45 -16.76
C ASP I 38 -9.03 47.01 -16.36
N SER I 39 -9.38 45.76 -16.66
CA SER I 39 -10.75 45.29 -16.47
C SER I 39 -11.24 45.31 -15.02
N LEU I 40 -10.32 45.36 -14.05
CA LEU I 40 -10.73 45.39 -12.65
C LEU I 40 -10.49 46.74 -11.98
N ASP I 41 -9.73 47.62 -12.65
CA ASP I 41 -9.34 48.92 -12.08
C ASP I 41 -10.52 49.80 -11.68
N THR I 42 -11.52 49.90 -12.55
CA THR I 42 -12.66 50.78 -12.28
C THR I 42 -13.53 50.27 -11.13
N VAL I 43 -13.72 48.95 -11.07
CA VAL I 43 -14.46 48.35 -9.96
C VAL I 43 -13.71 48.57 -8.64
N GLU I 44 -12.40 48.34 -8.68
CA GLU I 44 -11.57 48.60 -7.49
C GLU I 44 -11.62 50.07 -7.10
N LEU I 45 -11.57 50.96 -8.09
CA LEU I 45 -11.69 52.40 -7.88
C LEU I 45 -12.98 52.77 -7.14
N VAL I 46 -14.10 52.30 -7.66
CA VAL I 46 -15.40 52.54 -7.04
C VAL I 46 -15.43 52.01 -5.61
N MET I 47 -14.86 50.83 -5.39
CA MET I 47 -14.81 50.22 -4.06
C MET I 47 -14.02 51.09 -3.08
N ALA I 48 -12.93 51.68 -3.56
CA ALA I 48 -12.13 52.54 -2.70
C ALA I 48 -12.88 53.83 -2.38
N LEU I 49 -13.67 54.31 -3.33
CA LEU I 49 -14.47 55.52 -3.14
C LEU I 49 -15.57 55.30 -2.11
N GLU I 50 -16.14 54.10 -2.11
CA GLU I 50 -17.14 53.73 -1.12
C GLU I 50 -16.49 53.72 0.25
N GLU I 51 -15.20 53.39 0.28
CA GLU I 51 -14.43 53.32 1.51
C GLU I 51 -14.08 54.71 2.05
N GLU I 52 -13.54 55.57 1.18
CA GLU I 52 -13.05 56.87 1.60
C GLU I 52 -14.19 57.81 1.99
N PHE I 53 -15.38 57.52 1.48
CA PHE I 53 -16.51 58.41 1.72
C PHE I 53 -17.65 57.71 2.44
N ASP I 54 -17.37 56.51 2.96
CA ASP I 54 -18.32 55.74 3.76
C ASP I 54 -19.71 55.69 3.14
N THR I 55 -19.76 55.57 1.81
CA THR I 55 -21.04 55.47 1.14
C THR I 55 -21.13 54.20 0.30
N GLU I 56 -22.27 54.03 -0.35
CA GLU I 56 -22.51 52.85 -1.16
C GLU I 56 -23.01 53.29 -2.51
N ILE I 57 -22.26 52.97 -3.55
CA ILE I 57 -22.62 53.40 -4.90
C ILE I 57 -23.43 52.31 -5.58
N PRO I 58 -24.72 52.59 -5.82
CA PRO I 58 -25.62 51.66 -6.48
C PRO I 58 -25.10 51.34 -7.87
N ASP I 59 -25.35 50.13 -8.34
CA ASP I 59 -24.71 49.66 -9.57
C ASP I 59 -25.18 50.41 -10.81
N GLU I 60 -26.34 51.06 -10.71
CA GLU I 60 -26.88 51.89 -11.80
C GLU I 60 -26.00 53.10 -12.06
N GLU I 61 -25.62 53.78 -10.98
CA GLU I 61 -24.81 54.98 -11.05
C GLU I 61 -23.33 54.65 -11.18
N ALA I 62 -22.93 53.52 -10.60
CA ALA I 62 -21.55 53.07 -10.61
C ALA I 62 -21.05 52.84 -12.02
N GLU I 63 -21.93 52.39 -12.90
CA GLU I 63 -21.53 52.11 -14.27
C GLU I 63 -21.45 53.36 -15.13
N LYS I 64 -21.70 54.52 -14.52
CA LYS I 64 -21.51 55.79 -15.23
C LYS I 64 -20.23 56.50 -14.78
N ILE I 65 -19.65 56.04 -13.67
CA ILE I 65 -18.35 56.54 -13.25
C ILE I 65 -17.29 55.89 -14.12
N THR I 66 -16.97 56.53 -15.24
CA THR I 66 -15.98 56.02 -16.18
C THR I 66 -14.93 57.09 -16.46
N THR I 67 -15.22 58.30 -16.02
CA THR I 67 -14.29 59.42 -16.11
C THR I 67 -14.10 60.02 -14.72
N VAL I 68 -13.05 60.82 -14.56
CA VAL I 68 -12.81 61.50 -13.28
C VAL I 68 -13.97 62.42 -12.87
N GLN I 69 -14.50 63.18 -13.82
CA GLN I 69 -15.58 64.12 -13.51
C GLN I 69 -16.82 63.39 -13.02
N ALA I 70 -17.11 62.24 -13.63
CA ALA I 70 -18.27 61.44 -13.23
C ALA I 70 -18.14 60.93 -11.80
N ALA I 71 -16.92 60.62 -11.38
CA ALA I 71 -16.66 60.18 -10.01
C ALA I 71 -16.95 61.28 -8.99
N ILE I 72 -16.36 62.45 -9.21
CA ILE I 72 -16.59 63.61 -8.35
C ILE I 72 -18.07 63.96 -8.25
N ASP I 73 -18.69 64.14 -9.40
CA ASP I 73 -20.09 64.51 -9.48
C ASP I 73 -20.96 63.54 -8.70
N TYR I 74 -20.65 62.26 -8.74
CA TYR I 74 -21.39 61.32 -7.90
C TYR I 74 -21.20 61.68 -6.43
N ILE I 75 -19.95 61.76 -5.99
CA ILE I 75 -19.62 62.00 -4.59
C ILE I 75 -20.44 63.16 -4.04
N ASN I 76 -20.64 64.17 -4.87
CA ASN I 76 -21.48 65.30 -4.49
C ASN I 76 -22.94 65.00 -4.83
N GLY I 77 -23.36 65.43 -6.02
CA GLY I 77 -24.72 65.19 -6.46
C GLY I 77 -25.52 64.40 -5.46
N ILE J 6 -48.96 28.98 -3.99
CA ILE J 6 -47.62 28.44 -3.78
C ILE J 6 -47.16 27.60 -4.97
N GLU J 7 -47.96 26.60 -5.34
CA GLU J 7 -47.59 25.71 -6.44
C GLU J 7 -47.53 26.48 -7.76
N GLU J 8 -48.35 27.52 -7.84
CA GLU J 8 -48.32 28.44 -8.98
C GLU J 8 -47.03 29.27 -8.94
N ARG J 9 -46.57 29.59 -7.74
CA ARG J 9 -45.34 30.37 -7.55
C ARG J 9 -44.11 29.48 -7.69
N VAL J 10 -44.12 28.37 -6.95
CA VAL J 10 -43.04 27.41 -6.96
C VAL J 10 -42.67 26.95 -8.37
N LYS J 11 -43.62 26.31 -9.04
CA LYS J 11 -43.34 25.69 -10.33
C LYS J 11 -43.15 26.70 -11.47
N LYS J 12 -43.25 27.99 -11.16
CA LYS J 12 -42.85 29.03 -12.11
C LYS J 12 -41.37 29.37 -11.91
N ILE J 13 -40.85 29.06 -10.72
CA ILE J 13 -39.43 29.22 -10.41
C ILE J 13 -38.65 28.01 -10.90
N ILE J 14 -39.13 26.83 -10.53
CA ILE J 14 -38.55 25.56 -10.95
C ILE J 14 -38.44 25.47 -12.47
N GLY J 15 -39.48 25.95 -13.17
CA GLY J 15 -39.50 25.94 -14.61
C GLY J 15 -38.60 27.01 -15.22
N GLU J 16 -38.51 28.14 -14.54
CA GLU J 16 -37.68 29.26 -14.99
C GLU J 16 -36.20 28.97 -14.74
N GLN J 17 -35.95 28.12 -13.75
CA GLN J 17 -34.60 27.78 -13.33
C GLN J 17 -33.94 26.82 -14.31
N LEU J 18 -34.70 25.78 -14.67
CA LEU J 18 -34.14 24.68 -15.43
C LEU J 18 -34.43 24.87 -16.92
N GLY J 19 -35.05 26.01 -17.23
CA GLY J 19 -35.35 26.36 -18.61
C GLY J 19 -36.41 25.48 -19.21
N VAL J 20 -37.54 25.37 -18.52
CA VAL J 20 -38.65 24.56 -19.02
C VAL J 20 -39.98 25.29 -18.87
N LYS J 21 -41.04 24.71 -19.43
CA LYS J 21 -42.38 25.28 -19.27
C LYS J 21 -43.19 24.41 -18.32
N GLN J 22 -44.41 24.83 -18.00
CA GLN J 22 -45.18 24.17 -16.94
C GLN J 22 -45.77 22.83 -17.33
N GLU J 23 -46.02 22.63 -18.62
CA GLU J 23 -46.57 21.37 -19.11
C GLU J 23 -45.51 20.25 -19.10
N GLU J 24 -44.42 20.48 -18.39
CA GLU J 24 -43.32 19.51 -18.24
C GLU J 24 -42.87 19.40 -16.78
N VAL J 25 -43.25 20.38 -15.97
CA VAL J 25 -42.88 20.39 -14.55
C VAL J 25 -43.83 19.50 -13.72
N THR J 26 -43.95 18.24 -14.14
CA THR J 26 -44.76 17.25 -13.44
C THR J 26 -44.40 17.21 -11.96
N ASN J 27 -45.42 17.16 -11.10
CA ASN J 27 -45.21 17.09 -9.66
C ASN J 27 -44.16 16.07 -9.24
N ASN J 28 -44.32 14.84 -9.73
CA ASN J 28 -43.37 13.77 -9.39
C ASN J 28 -42.15 13.70 -10.32
N ALA J 29 -41.91 14.76 -11.08
CA ALA J 29 -40.74 14.81 -11.97
C ALA J 29 -39.47 15.26 -11.25
N SER J 30 -38.37 14.56 -11.50
CA SER J 30 -37.10 14.84 -10.84
C SER J 30 -36.29 15.95 -11.51
N PHE J 31 -35.58 16.74 -10.72
CA PHE J 31 -34.75 17.85 -11.24
C PHE J 31 -33.69 17.37 -12.22
N VAL J 32 -32.89 16.39 -11.81
CA VAL J 32 -31.78 15.92 -12.63
C VAL J 32 -32.23 15.10 -13.85
N GLU J 33 -33.00 14.05 -13.61
CA GLU J 33 -33.42 13.15 -14.70
C GLU J 33 -34.37 13.82 -15.69
N ASP J 34 -35.52 14.23 -15.20
CA ASP J 34 -36.58 14.75 -16.06
C ASP J 34 -36.33 16.18 -16.55
N LEU J 35 -35.78 17.03 -15.70
CA LEU J 35 -35.70 18.45 -16.02
C LEU J 35 -34.29 18.97 -16.32
N GLY J 36 -33.37 18.05 -16.63
CA GLY J 36 -32.03 18.41 -17.09
C GLY J 36 -31.23 19.36 -16.21
N ALA J 37 -31.39 19.25 -14.90
CA ALA J 37 -30.67 20.11 -13.97
C ALA J 37 -29.18 19.76 -13.88
N ASP J 38 -28.31 20.78 -13.84
CA ASP J 38 -26.87 20.54 -13.68
C ASP J 38 -26.39 20.66 -12.24
N SER J 39 -25.07 20.50 -12.06
CA SER J 39 -24.46 20.41 -10.74
C SER J 39 -24.71 21.60 -9.82
N LEU J 40 -24.88 22.79 -10.39
CA LEU J 40 -25.17 23.98 -9.57
C LEU J 40 -26.66 24.34 -9.51
N ASP J 41 -27.43 23.85 -10.47
CA ASP J 41 -28.85 24.21 -10.59
C ASP J 41 -29.71 23.98 -9.34
N THR J 42 -29.67 22.75 -8.82
CA THR J 42 -30.50 22.41 -7.66
C THR J 42 -30.14 23.31 -6.47
N VAL J 43 -28.84 23.56 -6.31
CA VAL J 43 -28.35 24.47 -5.29
C VAL J 43 -28.89 25.89 -5.51
N GLU J 44 -28.92 26.34 -6.76
CA GLU J 44 -29.45 27.65 -7.09
C GLU J 44 -30.98 27.72 -6.91
N LEU J 45 -31.65 26.61 -7.22
CA LEU J 45 -33.09 26.48 -7.04
C LEU J 45 -33.47 26.79 -5.59
N VAL J 46 -32.81 26.08 -4.68
CA VAL J 46 -33.02 26.26 -3.25
C VAL J 46 -32.85 27.73 -2.86
N MET J 47 -31.73 28.33 -3.25
CA MET J 47 -31.46 29.74 -2.98
C MET J 47 -32.56 30.63 -3.55
N ALA J 48 -33.06 30.27 -4.72
CA ALA J 48 -34.14 31.01 -5.37
C ALA J 48 -35.51 30.70 -4.77
N LEU J 49 -35.62 29.57 -4.07
CA LEU J 49 -36.83 29.26 -3.31
C LEU J 49 -36.87 30.14 -2.08
N GLU J 50 -35.77 30.14 -1.34
CA GLU J 50 -35.61 30.95 -0.13
C GLU J 50 -35.77 32.44 -0.41
N GLU J 51 -35.30 32.86 -1.58
CA GLU J 51 -35.36 34.27 -1.98
C GLU J 51 -36.78 34.83 -1.86
N GLU J 52 -37.73 34.19 -2.54
CA GLU J 52 -39.10 34.69 -2.58
C GLU J 52 -39.94 34.24 -1.39
N PHE J 53 -39.71 33.01 -0.91
CA PHE J 53 -40.50 32.46 0.18
C PHE J 53 -39.99 32.87 1.56
N ASP J 54 -39.18 33.94 1.60
CA ASP J 54 -38.79 34.60 2.85
C ASP J 54 -38.09 33.73 3.89
N THR J 55 -38.03 32.42 3.64
CA THR J 55 -37.52 31.49 4.64
C THR J 55 -36.10 31.04 4.35
N GLU J 56 -35.47 30.40 5.33
CA GLU J 56 -34.19 29.73 5.12
C GLU J 56 -34.41 28.22 5.21
N ILE J 57 -33.91 27.50 4.23
CA ILE J 57 -33.95 26.05 4.26
C ILE J 57 -32.62 25.53 4.80
N PRO J 58 -32.62 25.05 6.05
CA PRO J 58 -31.40 24.48 6.61
C PRO J 58 -31.03 23.22 5.85
N ASP J 59 -29.74 22.93 5.75
CA ASP J 59 -29.21 21.84 4.93
C ASP J 59 -30.04 20.56 4.95
N GLU J 60 -30.28 20.04 6.15
CA GLU J 60 -30.95 18.75 6.34
C GLU J 60 -32.12 18.47 5.39
N GLU J 61 -33.12 19.34 5.41
CA GLU J 61 -34.30 19.15 4.58
C GLU J 61 -34.21 19.91 3.26
N ALA J 62 -33.00 20.26 2.87
CA ALA J 62 -32.78 20.84 1.55
C ALA J 62 -32.42 19.73 0.57
N GLU J 63 -31.90 18.64 1.12
CA GLU J 63 -31.34 17.54 0.32
C GLU J 63 -32.36 16.47 -0.03
N LYS J 64 -33.51 16.48 0.63
CA LYS J 64 -34.60 15.62 0.18
C LYS J 64 -35.17 16.25 -1.07
N ILE J 65 -35.12 17.58 -1.13
CA ILE J 65 -35.62 18.34 -2.27
C ILE J 65 -34.85 18.01 -3.54
N THR J 66 -35.27 16.95 -4.22
CA THR J 66 -34.68 16.55 -5.49
C THR J 66 -35.78 16.50 -6.57
N THR J 67 -37.02 16.73 -6.14
CA THR J 67 -38.19 16.53 -7.00
C THR J 67 -39.15 17.73 -6.95
N VAL J 68 -39.89 17.93 -8.05
CA VAL J 68 -40.80 19.07 -8.19
C VAL J 68 -41.81 19.21 -7.05
N GLN J 69 -42.51 18.13 -6.74
CA GLN J 69 -43.51 18.17 -5.70
C GLN J 69 -42.86 18.08 -4.33
N ALA J 70 -41.63 17.58 -4.29
CA ALA J 70 -40.89 17.49 -3.03
C ALA J 70 -40.46 18.87 -2.57
N ALA J 71 -40.39 19.81 -3.51
CA ALA J 71 -40.13 21.21 -3.16
C ALA J 71 -41.30 21.74 -2.33
N ILE J 72 -42.47 21.79 -2.94
CA ILE J 72 -43.69 22.25 -2.28
C ILE J 72 -44.07 21.44 -1.03
N ASP J 73 -43.92 20.11 -1.12
CA ASP J 73 -44.21 19.22 0.01
C ASP J 73 -43.42 19.64 1.24
N TYR J 74 -42.17 20.03 1.03
CA TYR J 74 -41.37 20.60 2.11
C TYR J 74 -41.98 21.91 2.59
N ILE J 75 -42.29 22.78 1.63
CA ILE J 75 -42.72 24.14 1.93
C ILE J 75 -44.08 24.21 2.62
N SER K 4 -20.95 20.83 20.46
CA SER K 4 -21.19 21.53 21.71
C SER K 4 -22.34 20.90 22.51
N THR K 5 -23.24 20.21 21.82
CA THR K 5 -24.35 19.53 22.49
C THR K 5 -23.97 18.12 22.94
N ILE K 6 -24.87 17.48 23.69
CA ILE K 6 -24.66 16.09 24.07
C ILE K 6 -24.50 15.23 22.82
N GLU K 7 -25.43 15.39 21.88
CA GLU K 7 -25.40 14.62 20.63
C GLU K 7 -24.08 14.74 19.90
N GLU K 8 -23.48 15.93 19.95
CA GLU K 8 -22.23 16.17 19.23
C GLU K 8 -21.01 15.65 20.01
N ARG K 9 -21.03 15.79 21.34
CA ARG K 9 -19.94 15.29 22.17
C ARG K 9 -19.88 13.77 22.13
N VAL K 10 -21.04 13.13 22.21
CA VAL K 10 -21.15 11.68 22.04
C VAL K 10 -20.61 11.25 20.68
N LYS K 11 -21.10 11.88 19.61
CA LYS K 11 -20.69 11.52 18.25
C LYS K 11 -19.19 11.71 18.01
N LYS K 12 -18.59 12.67 18.71
CA LYS K 12 -17.14 12.91 18.60
C LYS K 12 -16.34 11.79 19.26
N ILE K 13 -16.70 11.46 20.49
CA ILE K 13 -16.02 10.40 21.24
C ILE K 13 -16.08 9.08 20.50
N ILE K 14 -17.27 8.77 19.96
CA ILE K 14 -17.45 7.56 19.16
C ILE K 14 -16.46 7.49 18.00
N GLY K 15 -16.42 8.54 17.18
CA GLY K 15 -15.51 8.59 16.06
C GLY K 15 -14.05 8.49 16.46
N GLU K 16 -13.69 9.21 17.52
CA GLU K 16 -12.34 9.14 18.06
C GLU K 16 -12.05 7.69 18.50
N GLN K 17 -13.04 7.08 19.12
CA GLN K 17 -12.89 5.72 19.64
C GLN K 17 -12.78 4.66 18.53
N LEU K 18 -13.58 4.81 17.48
CA LEU K 18 -13.67 3.79 16.44
C LEU K 18 -12.86 4.13 15.19
N GLY K 19 -12.17 5.27 15.22
CA GLY K 19 -11.33 5.68 14.11
C GLY K 19 -12.08 5.88 12.80
N VAL K 20 -13.21 6.59 12.88
CA VAL K 20 -14.03 6.86 11.70
C VAL K 20 -14.35 8.35 11.59
N LYS K 21 -14.76 8.78 10.41
CA LYS K 21 -15.07 10.20 10.20
C LYS K 21 -16.45 10.58 10.74
N GLN K 22 -16.59 11.84 11.13
CA GLN K 22 -17.81 12.34 11.76
C GLN K 22 -19.05 12.27 10.88
N GLU K 23 -18.88 11.88 9.62
CA GLU K 23 -19.99 11.74 8.71
C GLU K 23 -20.43 10.28 8.58
N GLU K 24 -19.58 9.38 9.05
CA GLU K 24 -19.94 7.96 9.13
C GLU K 24 -20.82 7.73 10.34
N VAL K 25 -20.60 8.54 11.37
CA VAL K 25 -21.36 8.44 12.62
C VAL K 25 -22.80 8.92 12.41
N THR K 26 -23.56 8.16 11.61
CA THR K 26 -24.99 8.38 11.48
C THR K 26 -25.68 7.90 12.75
N ASN K 27 -26.86 8.43 13.04
CA ASN K 27 -27.57 8.08 14.27
C ASN K 27 -28.02 6.62 14.32
N ASN K 28 -28.20 6.03 13.14
CA ASN K 28 -28.63 4.63 13.03
C ASN K 28 -27.47 3.65 12.91
N ALA K 29 -26.25 4.17 13.03
CA ALA K 29 -25.05 3.35 12.83
C ALA K 29 -24.83 2.39 13.99
N SER K 30 -24.61 1.12 13.65
CA SER K 30 -24.21 0.13 14.65
C SER K 30 -22.68 0.08 14.74
N PHE K 31 -22.16 0.17 15.96
CA PHE K 31 -20.72 0.10 16.19
C PHE K 31 -20.11 -1.13 15.52
N VAL K 32 -20.65 -2.30 15.86
CA VAL K 32 -20.15 -3.55 15.31
C VAL K 32 -20.36 -3.65 13.79
N GLU K 33 -21.62 -3.54 13.36
CA GLU K 33 -21.95 -3.81 11.97
C GLU K 33 -21.58 -2.72 10.95
N ASP K 34 -21.61 -1.46 11.38
CA ASP K 34 -21.32 -0.35 10.46
C ASP K 34 -19.94 0.26 10.68
N LEU K 35 -19.52 0.37 11.94
CA LEU K 35 -18.33 1.14 12.28
C LEU K 35 -17.12 0.28 12.62
N GLY K 36 -17.16 -1.01 12.28
CA GLY K 36 -16.02 -1.90 12.45
C GLY K 36 -15.49 -2.05 13.86
N ALA K 37 -16.35 -1.97 14.87
CA ALA K 37 -15.91 -2.13 16.25
C ALA K 37 -15.49 -3.57 16.55
N ASP K 38 -14.40 -3.74 17.31
CA ASP K 38 -13.95 -5.07 17.73
C ASP K 38 -14.36 -5.41 19.16
N SER K 39 -13.90 -6.56 19.67
CA SER K 39 -14.40 -7.09 20.94
C SER K 39 -14.13 -6.19 22.14
N LEU K 40 -13.10 -5.36 22.07
CA LEU K 40 -12.80 -4.45 23.17
C LEU K 40 -13.27 -3.03 22.88
N ASP K 41 -13.57 -2.75 21.62
CA ASP K 41 -13.94 -1.39 21.20
C ASP K 41 -15.11 -0.81 21.99
N THR K 42 -16.20 -1.57 22.10
CA THR K 42 -17.40 -1.07 22.76
C THR K 42 -17.20 -0.88 24.26
N VAL K 43 -16.53 -1.84 24.90
CA VAL K 43 -16.19 -1.68 26.31
C VAL K 43 -15.38 -0.39 26.50
N GLU K 44 -14.39 -0.18 25.65
CA GLU K 44 -13.56 1.02 25.74
C GLU K 44 -14.39 2.27 25.50
N LEU K 45 -15.30 2.19 24.53
CA LEU K 45 -16.17 3.33 24.21
C LEU K 45 -17.00 3.70 25.44
N VAL K 46 -17.57 2.69 26.06
CA VAL K 46 -18.38 2.90 27.24
C VAL K 46 -17.55 3.55 28.35
N MET K 47 -16.34 3.05 28.56
CA MET K 47 -15.45 3.66 29.53
C MET K 47 -15.16 5.12 29.17
N ALA K 48 -15.02 5.40 27.88
CA ALA K 48 -14.75 6.76 27.44
C ALA K 48 -15.92 7.69 27.76
N LEU K 49 -17.15 7.20 27.52
CA LEU K 49 -18.35 7.99 27.75
C LEU K 49 -18.56 8.22 29.23
N GLU K 50 -18.25 7.20 30.03
CA GLU K 50 -18.39 7.28 31.48
C GLU K 50 -17.50 8.38 32.05
N GLU K 51 -16.33 8.56 31.44
CA GLU K 51 -15.37 9.54 31.92
C GLU K 51 -15.77 10.96 31.51
N GLU K 52 -16.09 11.14 30.23
CA GLU K 52 -16.44 12.46 29.72
C GLU K 52 -17.73 12.98 30.35
N PHE K 53 -18.72 12.11 30.46
CA PHE K 53 -20.03 12.54 30.92
C PHE K 53 -20.24 12.27 32.40
N ASP K 54 -19.18 11.80 33.06
CA ASP K 54 -19.12 11.78 34.51
C ASP K 54 -20.16 10.83 35.13
N THR K 55 -20.53 9.80 34.38
CA THR K 55 -21.53 8.85 34.87
C THR K 55 -20.98 7.44 34.96
N GLU K 56 -21.72 6.56 35.61
CA GLU K 56 -21.38 5.14 35.62
C GLU K 56 -22.50 4.38 34.90
N ILE K 57 -22.16 3.66 33.84
CA ILE K 57 -23.15 2.91 33.08
C ILE K 57 -23.12 1.44 33.47
N PRO K 58 -24.26 0.93 33.97
CA PRO K 58 -24.36 -0.47 34.38
C PRO K 58 -24.25 -1.44 33.19
N ASP K 59 -23.72 -2.62 33.48
CA ASP K 59 -23.38 -3.58 32.44
C ASP K 59 -24.58 -4.02 31.60
N GLU K 60 -25.76 -4.00 32.20
CA GLU K 60 -26.97 -4.42 31.49
C GLU K 60 -27.46 -3.39 30.49
N GLU K 61 -27.27 -2.10 30.78
CA GLU K 61 -27.53 -1.06 29.79
C GLU K 61 -26.43 -1.04 28.73
N ALA K 62 -25.18 -1.19 29.19
CA ALA K 62 -24.04 -1.10 28.28
C ALA K 62 -24.16 -2.10 27.14
N GLU K 63 -24.69 -3.29 27.43
CA GLU K 63 -24.84 -4.31 26.39
C GLU K 63 -26.03 -4.02 25.48
N LYS K 64 -26.79 -2.98 25.81
CA LYS K 64 -27.90 -2.56 24.97
C LYS K 64 -27.56 -1.31 24.16
N ILE K 65 -26.38 -0.74 24.42
CA ILE K 65 -25.87 0.39 23.65
C ILE K 65 -24.99 -0.11 22.50
N THR K 66 -25.66 -0.41 21.38
CA THR K 66 -25.00 -1.00 20.23
C THR K 66 -25.04 -0.05 19.03
N THR K 67 -25.72 1.08 19.22
CA THR K 67 -25.88 2.08 18.16
C THR K 67 -25.57 3.46 18.67
N VAL K 68 -25.30 4.38 17.74
CA VAL K 68 -24.98 5.77 18.06
C VAL K 68 -26.11 6.46 18.83
N GLN K 69 -27.33 6.35 18.29
CA GLN K 69 -28.49 6.97 18.91
C GLN K 69 -28.76 6.44 20.32
N ALA K 70 -28.57 5.14 20.51
CA ALA K 70 -28.76 4.53 21.82
C ALA K 70 -27.78 5.13 22.85
N ALA K 71 -26.58 5.44 22.40
CA ALA K 71 -25.59 6.08 23.26
C ALA K 71 -26.02 7.49 23.64
N ILE K 72 -26.42 8.26 22.65
CA ILE K 72 -26.91 9.63 22.85
C ILE K 72 -28.10 9.64 23.80
N ASP K 73 -29.06 8.77 23.52
CA ASP K 73 -30.24 8.63 24.35
C ASP K 73 -29.86 8.37 25.81
N TYR K 74 -28.88 7.48 26.03
CA TYR K 74 -28.51 7.16 27.39
C TYR K 74 -27.91 8.35 28.15
N ILE K 75 -26.93 9.00 27.53
CA ILE K 75 -26.27 10.15 28.17
C ILE K 75 -27.25 11.27 28.48
N ASN K 76 -28.12 11.57 27.51
CA ASN K 76 -29.18 12.57 27.70
C ASN K 76 -30.03 12.28 28.92
N GLY K 77 -30.45 11.02 29.07
CA GLY K 77 -31.26 10.62 30.19
C GLY K 77 -30.49 10.56 31.49
N HIS K 78 -29.17 10.70 31.41
CA HIS K 78 -28.38 10.65 32.63
C HIS K 78 -27.49 11.90 32.76
N GLN K 79 -28.19 13.01 33.02
CA GLN K 79 -27.61 14.35 33.14
C GLN K 79 -27.14 14.91 31.80
N ILE L 6 -5.09 25.48 29.08
CA ILE L 6 -5.14 26.20 27.81
C ILE L 6 -4.32 25.47 26.75
N GLU L 7 -3.31 24.72 27.20
CA GLU L 7 -2.52 23.89 26.30
C GLU L 7 -3.29 22.61 26.01
N GLU L 8 -4.53 22.58 26.48
CA GLU L 8 -5.40 21.44 26.30
C GLU L 8 -6.20 21.61 25.01
N ARG L 9 -6.66 22.84 24.78
CA ARG L 9 -7.46 23.15 23.59
C ARG L 9 -6.64 23.87 22.53
N VAL L 10 -5.39 24.20 22.85
CA VAL L 10 -4.48 24.79 21.88
C VAL L 10 -3.62 23.68 21.25
N LYS L 11 -3.37 22.63 22.02
CA LYS L 11 -2.57 21.51 21.52
C LYS L 11 -3.42 20.41 20.88
N LYS L 12 -4.72 20.43 21.18
CA LYS L 12 -5.66 19.54 20.50
C LYS L 12 -5.96 20.08 19.10
N ILE L 13 -6.31 21.36 19.03
CA ILE L 13 -6.64 22.00 17.76
C ILE L 13 -5.49 21.94 16.76
N ILE L 14 -4.30 22.29 17.23
CA ILE L 14 -3.08 22.13 16.43
C ILE L 14 -3.00 20.69 15.94
N GLY L 15 -3.15 19.75 16.88
CA GLY L 15 -3.12 18.34 16.55
C GLY L 15 -4.15 17.97 15.50
N GLU L 16 -5.37 18.49 15.67
CA GLU L 16 -6.46 18.22 14.73
C GLU L 16 -6.20 18.83 13.35
N GLN L 17 -5.76 20.08 13.35
CA GLN L 17 -5.56 20.83 12.11
C GLN L 17 -4.45 20.23 11.24
N LEU L 18 -3.38 19.78 11.88
CA LEU L 18 -2.23 19.28 11.14
C LEU L 18 -2.27 17.76 10.99
N GLY L 19 -3.22 17.13 11.69
CA GLY L 19 -3.39 15.69 11.61
C GLY L 19 -2.21 14.94 12.19
N VAL L 20 -1.84 15.28 13.42
CA VAL L 20 -0.75 14.60 14.11
C VAL L 20 -1.19 14.19 15.52
N LYS L 21 -0.69 13.06 15.99
CA LYS L 21 -1.02 12.61 17.34
C LYS L 21 -0.34 13.54 18.34
N GLN L 22 -0.96 13.71 19.51
CA GLN L 22 -0.51 14.71 20.48
C GLN L 22 0.91 14.48 21.01
N GLU L 23 1.44 13.28 20.78
CA GLU L 23 2.80 12.94 21.18
C GLU L 23 3.84 13.80 20.45
N GLU L 24 3.57 14.09 19.18
CA GLU L 24 4.52 14.83 18.34
C GLU L 24 4.27 16.33 18.33
N VAL L 25 3.27 16.78 19.09
CA VAL L 25 2.98 18.22 19.18
C VAL L 25 3.84 18.82 20.28
N THR L 26 5.15 18.68 20.15
CA THR L 26 6.08 19.07 21.20
C THR L 26 6.20 20.60 21.29
N ASN L 27 6.26 21.09 22.53
CA ASN L 27 6.17 22.53 22.81
C ASN L 27 7.07 23.46 21.99
N ASN L 28 8.17 22.93 21.48
CA ASN L 28 9.09 23.74 20.67
C ASN L 28 8.82 23.63 19.18
N ALA L 29 7.98 22.68 18.80
CA ALA L 29 7.77 22.36 17.38
C ALA L 29 7.34 23.52 16.49
N SER L 30 7.76 23.46 15.23
CA SER L 30 7.39 24.44 14.21
C SER L 30 6.37 23.81 13.27
N PHE L 31 5.31 24.55 12.97
CA PHE L 31 4.21 24.04 12.14
C PHE L 31 4.72 23.50 10.81
N VAL L 32 5.55 24.29 10.14
CA VAL L 32 6.00 23.93 8.80
C VAL L 32 7.01 22.77 8.81
N GLU L 33 8.16 23.00 9.44
CA GLU L 33 9.28 22.06 9.35
C GLU L 33 9.19 20.85 10.27
N ASP L 34 8.42 20.95 11.35
CA ASP L 34 8.25 19.82 12.26
C ASP L 34 6.95 19.06 12.04
N LEU L 35 5.89 19.78 11.66
CA LEU L 35 4.55 19.19 11.63
C LEU L 35 3.91 19.12 10.23
N GLY L 36 4.71 19.37 9.19
CA GLY L 36 4.28 19.16 7.82
C GLY L 36 3.21 20.08 7.26
N ALA L 37 3.05 21.26 7.87
CA ALA L 37 2.04 22.22 7.45
C ALA L 37 2.25 22.75 6.04
N ASP L 38 1.18 22.75 5.24
CA ASP L 38 1.24 23.32 3.88
C ASP L 38 0.91 24.81 3.86
N SER L 39 0.72 25.36 2.66
CA SER L 39 0.53 26.80 2.51
C SER L 39 -0.76 27.33 3.15
N LEU L 40 -1.78 26.50 3.25
CA LEU L 40 -3.02 26.93 3.89
C LEU L 40 -3.17 26.41 5.32
N ASP L 41 -2.25 25.56 5.76
CA ASP L 41 -2.38 24.92 7.07
C ASP L 41 -2.32 25.91 8.24
N THR L 42 -1.42 26.89 8.17
CA THR L 42 -1.29 27.85 9.26
C THR L 42 -2.50 28.78 9.33
N VAL L 43 -2.92 29.29 8.18
CA VAL L 43 -4.08 30.18 8.08
C VAL L 43 -5.34 29.53 8.65
N GLU L 44 -5.54 28.26 8.34
CA GLU L 44 -6.71 27.51 8.81
C GLU L 44 -6.59 27.23 10.30
N LEU L 45 -5.35 27.11 10.77
CA LEU L 45 -5.10 26.86 12.18
C LEU L 45 -5.49 28.08 13.00
N VAL L 46 -5.09 29.26 12.55
CA VAL L 46 -5.46 30.50 13.23
C VAL L 46 -6.97 30.68 13.27
N MET L 47 -7.62 30.47 12.12
CA MET L 47 -9.08 30.54 12.05
C MET L 47 -9.74 29.59 13.05
N ALA L 48 -9.13 28.43 13.28
CA ALA L 48 -9.63 27.46 14.25
C ALA L 48 -9.57 28.01 15.68
N LEU L 49 -8.41 28.53 16.06
CA LEU L 49 -8.21 29.14 17.38
C LEU L 49 -9.21 30.30 17.58
N GLU L 50 -9.33 31.14 16.55
CA GLU L 50 -10.29 32.25 16.56
C GLU L 50 -11.70 31.79 16.87
N GLU L 51 -12.04 30.59 16.40
CA GLU L 51 -13.39 30.06 16.51
C GLU L 51 -13.61 29.38 17.87
N GLU L 52 -12.54 28.79 18.39
CA GLU L 52 -12.61 28.02 19.62
C GLU L 52 -12.59 28.93 20.85
N PHE L 53 -11.86 30.03 20.72
CA PHE L 53 -11.71 30.97 21.83
C PHE L 53 -12.52 32.23 21.60
N ASP L 54 -13.47 32.15 20.66
CA ASP L 54 -14.47 33.19 20.44
C ASP L 54 -13.83 34.57 20.25
N THR L 55 -12.76 34.61 19.46
CA THR L 55 -11.98 35.83 19.31
C THR L 55 -11.49 36.11 17.91
N GLU L 56 -10.63 37.11 17.79
CA GLU L 56 -10.02 37.48 16.53
C GLU L 56 -8.59 37.95 16.80
N ILE L 57 -7.73 37.77 15.81
CA ILE L 57 -6.31 38.03 15.96
C ILE L 57 -5.84 38.95 14.84
N PRO L 58 -4.98 39.95 15.16
CA PRO L 58 -4.40 40.82 14.14
C PRO L 58 -3.34 40.09 13.32
N ASP L 59 -3.25 40.42 12.03
CA ASP L 59 -2.27 39.82 11.14
C ASP L 59 -0.85 40.14 11.59
N GLU L 60 -0.69 41.31 12.19
CA GLU L 60 0.57 41.74 12.77
C GLU L 60 1.10 40.68 13.73
N GLU L 61 0.19 40.12 14.52
CA GLU L 61 0.55 39.14 15.53
C GLU L 61 0.28 37.70 15.10
N ALA L 62 -0.62 37.52 14.14
CA ALA L 62 -0.88 36.20 13.59
C ALA L 62 0.31 35.67 12.79
N GLU L 63 1.15 36.59 12.30
CA GLU L 63 2.31 36.21 11.51
C GLU L 63 3.40 35.56 12.35
N LYS L 64 3.43 35.88 13.64
CA LYS L 64 4.44 35.35 14.56
C LYS L 64 4.04 33.97 15.10
N ILE L 65 2.79 33.60 14.94
CA ILE L 65 2.33 32.27 15.34
C ILE L 65 2.78 31.26 14.30
N THR L 66 3.98 30.72 14.51
CA THR L 66 4.61 29.78 13.59
C THR L 66 4.92 28.48 14.32
N THR L 67 4.71 28.50 15.65
CA THR L 67 5.13 27.41 16.51
C THR L 67 4.08 27.05 17.57
N VAL L 68 4.15 25.81 18.05
CA VAL L 68 3.28 25.32 19.12
C VAL L 68 3.26 26.29 20.30
N GLN L 69 4.45 26.66 20.74
CA GLN L 69 4.61 27.55 21.88
C GLN L 69 3.89 28.90 21.69
N ALA L 70 4.08 29.50 20.52
CA ALA L 70 3.64 30.87 20.27
C ALA L 70 2.12 31.04 20.25
N ALA L 71 1.40 30.00 19.83
CA ALA L 71 -0.05 30.03 19.84
C ALA L 71 -0.57 30.20 21.27
N ILE L 72 -0.11 29.32 22.16
CA ILE L 72 -0.44 29.37 23.58
C ILE L 72 -0.20 30.76 24.15
N ASP L 73 1.00 31.29 23.89
CA ASP L 73 1.41 32.57 24.44
C ASP L 73 0.70 33.76 23.81
N TYR L 74 -0.16 33.50 22.83
CA TYR L 74 -1.01 34.56 22.32
C TYR L 74 -2.35 34.61 23.04
N ILE L 75 -2.99 33.45 23.13
CA ILE L 75 -4.36 33.29 23.63
C ILE L 75 -4.71 34.18 24.83
N ASN L 76 -3.73 34.37 25.70
CA ASN L 76 -3.81 35.30 26.82
C ASN L 76 -4.07 36.73 26.35
N GLY L 77 -3.01 37.40 25.93
CA GLY L 77 -3.12 38.74 25.37
C GLY L 77 -3.39 38.71 23.87
CL CL M . -3.50 23.81 -19.91
CL CL N . 2.74 -22.63 20.90
O1P 1F7 O . -0.97 -23.85 42.23
P 1F7 O . -2.12 -24.45 41.39
O2P 1F7 O . -1.88 -25.94 41.31
O3P 1F7 O . -2.14 -23.81 39.95
C1 1F7 O . 0.70 -34.08 29.83
O1C 1F7 O . -0.52 -34.18 29.91
C2 1F7 O . 1.45 -34.48 28.59
C3 1F7 O . 1.04 -33.88 27.25
O3C 1F7 O . 1.55 -34.63 26.24
C4 1F7 O . 1.50 -32.43 27.10
C5 1F7 O . 1.05 -31.40 28.10
C6 1F7 O . 0.48 -30.14 27.50
C7 1F7 O . 0.54 -28.85 28.35
C8 1F7 O . -0.43 -28.71 29.53
C9 1F7 O . -0.95 -27.30 29.74
C10 1F7 O . -0.99 -26.73 31.16
C11 1F7 O . -2.33 -26.07 31.59
C12 1F7 O . -2.23 -24.75 32.40
C13 1F7 O . -3.46 -23.84 32.42
C14 1F7 O . -4.22 -23.67 31.12
C28 1F7 O . -2.99 -24.34 39.00
C29 1F7 O . -2.33 -24.96 37.80
C30 1F7 O . -3.25 -25.00 36.61
C31 1F7 O . -1.14 -24.07 37.47
C32 1F7 O . -2.02 -26.41 38.11
O33 1F7 O . -1.47 -26.64 39.34
C34 1F7 O . -1.13 -27.15 37.11
O35 1F7 O . -0.16 -26.65 36.55
N36 1F7 O . -1.50 -28.53 36.84
C37 1F7 O . -0.68 -29.27 35.88
C38 1F7 O . -1.11 -29.06 34.43
C39 1F7 O . -0.29 -29.81 33.41
O40 1F7 O . 0.84 -29.40 33.10
N41 1F7 O . -0.84 -31.00 32.82
C42 1F7 O . -0.06 -31.70 31.87
C43 1F7 O . 0.85 -32.74 32.45
S44 1F7 O . 1.66 -33.88 31.32
O1P 1F7 P . 11.32 -4.24 26.49
P 1F7 P . 12.11 -5.48 26.89
O2P 1F7 P . 13.13 -5.72 25.83
O3P 1F7 P . 11.12 -6.72 26.98
C1 1F7 P . 16.72 -17.18 19.36
O1C 1F7 P . 16.88 -17.13 20.57
C2 1F7 P . 16.71 -18.50 18.64
C3 1F7 P . 15.51 -19.38 18.93
O3C 1F7 P . 15.42 -20.34 17.97
C4 1F7 P . 14.23 -18.55 19.04
C5 1F7 P . 13.02 -19.30 19.55
C6 1F7 P . 11.90 -18.48 20.17
C7 1F7 P . 12.13 -17.98 21.62
C8 1F7 P . 11.27 -16.80 22.11
C9 1F7 P . 11.45 -16.40 23.56
C10 1F7 P . 10.67 -15.19 24.07
C11 1F7 P . 10.88 -14.76 25.53
C12 1F7 P . 9.82 -13.78 26.11
C13 1F7 P . 9.44 -13.91 27.57
C14 1F7 P . 9.22 -15.31 28.12
C28 1F7 P . 11.54 -7.92 27.52
C29 1F7 P . 11.31 -9.17 26.69
C30 1F7 P . 11.39 -10.42 27.52
C31 1F7 P . 9.91 -9.10 26.13
C32 1F7 P . 12.43 -9.27 25.67
O33 1F7 P . 12.80 -8.07 25.13
C34 1F7 P . 12.28 -10.25 24.50
O35 1F7 P . 11.28 -10.23 23.79
N36 1F7 P . 13.36 -11.20 24.29
C37 1F7 P . 13.42 -12.23 23.23
C38 1F7 P . 12.40 -12.31 22.09
C39 1F7 P . 12.83 -13.32 21.05
O40 1F7 P . 12.07 -13.73 20.14
N41 1F7 P . 14.19 -13.77 21.21
C42 1F7 P . 14.72 -14.73 20.31
C43 1F7 P . 15.94 -14.37 19.52
S44 1F7 P . 16.40 -15.70 18.40
O1P 1F7 Q . -12.76 42.72 -19.08
P 1F7 Q . -11.22 42.70 -19.18
O2P 1F7 Q . -10.88 42.84 -20.65
O3P 1F7 Q . -10.69 41.31 -18.62
C1 1F7 Q . -1.80 36.01 -28.45
O1C 1F7 Q . -1.26 36.56 -27.50
C2 1F7 Q . -1.14 34.86 -29.16
C3 1F7 Q . -0.74 33.70 -28.24
O3C 1F7 Q . -0.32 32.63 -28.96
C4 1F7 Q . -1.97 33.36 -27.40
C5 1F7 Q . -1.70 32.50 -26.19
C6 1F7 Q . -2.79 32.38 -25.14
C7 1F7 Q . -3.09 33.62 -24.28
C8 1F7 Q . -3.15 33.44 -22.75
C9 1F7 Q . -4.42 33.82 -22.03
C10 1F7 Q . -4.64 35.29 -21.70
C11 1F7 Q . -4.51 35.72 -20.23
C12 1F7 Q . -5.81 35.79 -19.38
C13 1F7 Q . -5.69 36.24 -17.92
C14 1F7 Q . -4.59 35.62 -17.07
C28 1F7 Q . -9.33 41.10 -18.41
C29 1F7 Q . -8.73 39.86 -19.02
C30 1F7 Q . -7.46 39.49 -18.29
C31 1F7 Q . -9.73 38.74 -18.82
C32 1F7 Q . -8.32 40.20 -20.45
O33 1F7 Q . -9.06 41.19 -21.02
C34 1F7 Q . -8.19 39.12 -21.53
O35 1F7 Q . -8.93 38.13 -21.59
N36 1F7 Q . -7.13 39.38 -22.48
C37 1F7 Q . -6.78 38.54 -23.64
C38 1F7 Q . -7.22 37.08 -23.80
C39 1F7 Q . -6.39 36.38 -24.87
O40 1F7 Q . -6.74 35.31 -25.39
N41 1F7 Q . -5.17 37.06 -25.24
C42 1F7 Q . -4.28 36.54 -26.24
C43 1F7 Q . -4.29 37.27 -27.55
S44 1F7 Q . -3.46 36.48 -28.94
O1P 1F7 R . -21.11 17.99 -9.87
P 1F7 R . -21.33 18.39 -11.34
O2P 1F7 R . -21.31 17.12 -12.17
O3P 1F7 R . -20.15 19.37 -11.75
C1 1F7 R . -14.37 13.77 -23.64
O1C 1F7 R . -15.13 14.73 -23.73
C2 1F7 R . -13.23 13.61 -24.62
C3 1F7 R . -12.37 14.85 -24.79
O3C 1F7 R . -11.26 14.55 -25.51
C4 1F7 R . -12.02 15.40 -23.42
C5 1F7 R . -11.03 16.54 -23.42
C6 1F7 R . -11.02 17.39 -22.15
C7 1F7 R . -12.35 18.07 -21.77
C8 1F7 R . -12.48 18.68 -20.35
C9 1F7 R . -13.76 19.46 -20.06
C10 1F7 R . -14.03 19.84 -18.61
C11 1F7 R . -15.15 20.86 -18.30
C12 1F7 R . -15.13 21.50 -16.89
C13 1F7 R . -15.82 22.84 -16.68
C14 1F7 R . -15.45 23.95 -17.64
C28 1F7 R . -20.15 20.03 -12.99
C29 1F7 R . -18.92 19.89 -13.85
C30 1F7 R . -18.87 21.00 -14.86
C31 1F7 R . -17.71 19.99 -12.95
C32 1F7 R . -19.04 18.61 -14.65
O33 1F7 R . -19.66 17.59 -13.96
C34 1F7 R . -17.80 18.00 -15.32
O35 1F7 R . -16.74 17.85 -14.70
N36 1F7 R . -17.96 17.60 -16.70
C37 1F7 R . -16.95 16.99 -17.58
C38 1F7 R . -15.55 16.56 -17.08
C39 1F7 R . -14.75 15.86 -18.16
O40 1F7 R . -13.52 15.67 -18.04
N41 1F7 R . -15.48 15.42 -19.31
C42 1F7 R . -14.82 14.77 -20.39
C43 1F7 R . -15.41 13.50 -20.92
S44 1F7 R . -14.41 12.72 -22.20
O1P 1F7 S . -14.89 -11.28 21.68
P 1F7 S . -14.04 -10.80 20.49
O2P 1F7 S . -14.48 -11.56 19.28
O3P 1F7 S . -12.52 -11.13 20.86
C1 1F7 S . -7.48 -19.58 10.24
O1C 1F7 S . -7.05 -18.43 10.32
C2 1F7 S . -6.57 -20.68 9.76
C3 1F7 S . -5.19 -20.67 10.42
O3C 1F7 S . -4.45 -21.75 10.04
C4 1F7 S . -5.37 -20.65 11.91
C5 1F7 S . -4.12 -20.93 12.69
C6 1F7 S . -4.16 -20.35 14.09
C7 1F7 S . -4.75 -18.93 14.15
C8 1F7 S . -4.36 -18.13 15.40
C9 1F7 S . -5.48 -17.57 16.24
C10 1F7 S . -5.30 -16.10 16.55
C11 1F7 S . -6.03 -15.54 17.77
C12 1F7 S . -5.81 -14.03 18.04
C13 1F7 S . -5.52 -13.67 19.48
C14 1F7 S . -5.54 -12.19 19.80
C28 1F7 S . -11.47 -10.88 19.99
C29 1F7 S . -10.53 -12.03 19.69
C30 1F7 S . -9.17 -11.49 19.32
C31 1F7 S . -10.36 -12.87 20.94
C32 1F7 S . -11.02 -12.74 18.46
O33 1F7 S . -12.39 -12.77 18.37
C34 1F7 S . -10.47 -14.14 18.13
O35 1F7 S . -10.33 -15.03 18.95
N36 1F7 S . -10.11 -14.31 16.73
C37 1F7 S . -9.53 -15.50 16.10
C38 1F7 S . -9.59 -16.93 16.70
C39 1F7 S . -9.04 -17.91 15.68
O40 1F7 S . -8.72 -19.07 15.99
N41 1F7 S . -8.93 -17.37 14.34
C42 1F7 S . -8.43 -18.14 13.24
C43 1F7 S . -9.44 -18.66 12.26
S44 1F7 S . -8.92 -20.04 11.21
O1P 1F7 T . 2.29 29.04 -0.60
P 1F7 T . 2.24 27.53 -0.76
O2P 1F7 T . 3.62 27.07 -1.18
O3P 1F7 T . 1.19 27.15 -1.89
C1 1F7 T . 7.97 19.18 -11.70
O1C 1F7 T . 7.26 18.65 -10.86
C2 1F7 T . 8.17 18.56 -13.05
C3 1F7 T . 6.91 18.52 -13.91
O3C 1F7 T . 7.20 18.24 -15.21
C4 1F7 T . 6.17 19.84 -13.78
C5 1F7 T . 4.89 19.94 -14.55
C6 1F7 T . 3.93 21.01 -14.03
C7 1F7 T . 3.39 20.78 -12.60
C8 1F7 T . 2.43 21.83 -12.03
C9 1F7 T . 1.83 21.54 -10.66
C10 1F7 T . 1.36 22.73 -9.82
C11 1F7 T . 0.28 22.44 -8.76
C12 1F7 T . -0.35 23.65 -8.03
C13 1F7 T . -1.70 23.41 -7.36
C14 1F7 T . -2.64 22.46 -8.08
C28 1F7 T . 1.02 25.81 -2.22
C29 1F7 T . 1.21 25.47 -3.67
C30 1F7 T . 0.59 24.14 -4.03
C31 1F7 T . 0.52 26.57 -4.47
C32 1F7 T . 2.68 25.37 -3.97
O33 1F7 T . 3.33 26.53 -3.64
C34 1F7 T . 2.99 25.10 -5.44
O35 1F7 T . 2.77 25.94 -6.32
N36 1F7 T . 3.56 23.81 -5.74
C37 1F7 T . 3.88 23.43 -7.12
C38 1F7 T . 4.73 24.37 -8.00
C39 1F7 T . 5.32 23.64 -9.19
O40 1F7 T . 5.28 24.12 -10.34
N41 1F7 T . 5.92 22.36 -8.90
C42 1F7 T . 6.53 21.56 -9.91
C43 1F7 T . 8.03 21.53 -9.92
S44 1F7 T . 8.81 20.72 -11.33
#